data_8OUO
#
_entry.id   8OUO
#
_cell.length_a   1.00
_cell.length_b   1.00
_cell.length_c   1.00
_cell.angle_alpha   90.00
_cell.angle_beta   90.00
_cell.angle_gamma   90.00
#
_symmetry.space_group_name_H-M   'P 1'
#
loop_
_entity.id
_entity.type
_entity.pdbx_description
1 polymer 'Two pore channel protein 2'
2 non-polymer 'di-heneicosanoyl phosphatidyl choline'
3 non-polymer '2-{[(4-O-alpha-D-glucopyranosyl-alpha-D-glucopyranosyl)oxy]methyl}-4-{[(3beta,9beta,14beta,17beta,25R)-spirost-5-en-3-yl]oxy}butyl 4-O-alpha-D-glucopyranosyl-alpha-D-glucopyranoside'
4 non-polymer (1S)-6-methoxy-2-methyl-7-phenoxy-1-[(4-phenoxyphenyl)methyl]-3,4-dihydro-1H-isoquinoline
5 non-polymer 1,2-DIACYL-SN-GLYCERO-3-PHOSHOCHOLINE
6 non-polymer 'CHOLESTEROL HEMISUCCINATE'
#
_entity_poly.entity_id   1
_entity_poly.type   'polypeptide(L)'
_entity_poly.pdbx_seq_one_letter_code
;MAEPQAESEPAAGGARGGGGDWPAGLTTYRSIQVGPGAAARWDLCIDQAVVFIEDAIQYRSINHRVDASSMWLYRRYYSN
VCQRTLSFTIFLILFLAFIETPSSLTSTADVRYRAAPWEPPCGLTESVEVLCLLVFAADLSVKGYLFGWAHFQKNLWLLG
YLVVLVVSLVDWTVSLSLVCHEPLRIRRLLRPFFLLQNSSMMKKTLKCIRWSLPEMASVGLLLAIHLCLFTMFGMLLFAG
GKQDDGQDRERLTYFQNLPESLTSLLVLLTTANNPDVMIPAYSKNRAYAIFFIVFTVIGSLFLMNLLTAIIYSQFRGYLM
KSLQTSLFRRRLGTRAAFEVLSSMVGEGGAFPQAVGVKPQNLLQVLQKVQLDSSHKQAMMEKVRSYGSVLLSAEEFQKLF
NELDRSVVKEHPPRPEYQSPFLQSAQFLFGHYYFDYLGNLIALANLVSICVFLVLDADVLPAERDDFILGILNCVFIVYY
LLEMLLKVFALGLRGYLSYPSNVFDGLLTVVLLVLEISTLAVYRLPHPGWRPEMVGLLSLWDMTRMLNMLIVFRFLRIIP
SMKPMAVVASTVLGLVQNMRAFGGILVVVYYVFAIIGINLFRGVIVALPGNSSLAPANGSAPCGSFEQLEYWANNFDDFA
AALVTLWNLMVVNNWQVFLDAYRRYSGPWSKIYFVLWWLVSSVIWVNLFLALILENFLHKWDPRSHLQPLAGTPEATYQM
TVELLFRDILEEPEEDELTERLSQHPHLWLCR
;
_entity_poly.pdbx_strand_id   A,B
#
loop_
_chem_comp.id
_chem_comp.type
_chem_comp.name
_chem_comp.formula
PCF non-polymer 1,2-DIACYL-SN-GLYCERO-3-PHOSHOCHOLINE 'C40 H80 N O8 P'
PLD non-polymer 'di-heneicosanoyl phosphatidyl choline' 'C50 H101 N O8 P 1'
Q7G non-polymer '2-{[(4-O-alpha-D-glucopyranosyl-alpha-D-glucopyranosyl)oxy]methyl}-4-{[(3beta,9beta,14beta,17beta,25R)-spirost-5-en-3-yl]oxy}butyl 4-O-alpha-D-glucopyranosyl-alpha-D-glucopyranoside' 'C56 H92 O25'
W4E non-polymer (1S)-6-methoxy-2-methyl-7-phenoxy-1-[(4-phenoxyphenyl)methyl]-3,4-dihydro-1H-isoquinoline 'C30 H29 N O3'
Y01 non-polymer 'CHOLESTEROL HEMISUCCINATE' 'C31 H50 O4'
#
# COMPACT_ATOMS: atom_id res chain seq x y z
N GLY A 37 15.64 62.72 -16.21
CA GLY A 37 15.49 61.27 -16.14
C GLY A 37 14.56 60.83 -15.02
N ALA A 38 13.91 61.81 -14.38
CA ALA A 38 12.98 61.48 -13.29
C ALA A 38 11.78 60.68 -13.81
N ALA A 39 11.24 61.07 -14.97
CA ALA A 39 10.12 60.34 -15.54
C ALA A 39 10.54 58.94 -15.98
N ALA A 40 11.76 58.79 -16.49
CA ALA A 40 12.24 57.48 -16.90
C ALA A 40 12.32 56.54 -15.70
N ARG A 41 12.92 57.00 -14.60
CA ARG A 41 12.99 56.18 -13.41
C ARG A 41 11.61 55.94 -12.82
N TRP A 42 10.70 56.91 -12.96
CA TRP A 42 9.33 56.73 -12.47
C TRP A 42 8.63 55.59 -13.20
N ASP A 43 8.68 55.60 -14.53
CA ASP A 43 8.04 54.52 -15.28
C ASP A 43 8.78 53.20 -15.09
N LEU A 44 10.10 53.24 -14.88
CA LEU A 44 10.83 52.01 -14.60
C LEU A 44 10.39 51.41 -13.26
N CYS A 45 10.17 52.26 -12.25
CA CYS A 45 9.66 51.76 -10.97
C CYS A 45 8.24 51.24 -11.12
N ILE A 46 7.43 51.88 -11.96
CA ILE A 46 6.08 51.37 -12.23
C ILE A 46 6.15 49.98 -12.85
N ASP A 47 7.05 49.79 -13.81
CA ASP A 47 7.21 48.48 -14.43
C ASP A 47 7.73 47.45 -13.44
N GLN A 48 8.64 47.85 -12.54
CA GLN A 48 9.09 46.95 -11.50
C GLN A 48 7.94 46.52 -10.59
N ALA A 49 7.09 47.47 -10.21
CA ALA A 49 5.93 47.12 -9.40
C ALA A 49 5.00 46.18 -10.14
N VAL A 50 4.78 46.42 -11.44
CA VAL A 50 3.89 45.57 -12.22
C VAL A 50 4.43 44.14 -12.29
N VAL A 51 5.72 44.00 -12.57
CA VAL A 51 6.29 42.66 -12.69
C VAL A 51 6.32 41.96 -11.32
N PHE A 52 6.57 42.71 -10.25
CA PHE A 52 6.54 42.10 -8.93
C PHE A 52 5.14 41.63 -8.56
N ILE A 53 4.11 42.41 -8.90
CA ILE A 53 2.74 41.99 -8.64
C ILE A 53 2.40 40.75 -9.47
N GLU A 54 2.82 40.72 -10.73
CA GLU A 54 2.57 39.55 -11.56
C GLU A 54 3.26 38.31 -11.00
N ASP A 55 4.49 38.47 -10.49
CA ASP A 55 5.17 37.36 -9.84
C ASP A 55 4.43 36.91 -8.58
N ALA A 56 3.89 37.87 -7.82
CA ALA A 56 3.13 37.52 -6.63
C ALA A 56 1.85 36.76 -6.98
N ILE A 57 1.20 37.13 -8.08
CA ILE A 57 -0.03 36.44 -8.49
C ILE A 57 0.27 35.03 -8.97
N GLN A 58 1.38 34.86 -9.69
CA GLN A 58 1.75 33.57 -10.25
C GLN A 58 2.69 32.78 -9.34
N TYR A 59 2.94 33.27 -8.14
CA TYR A 59 3.80 32.58 -7.16
C TYR A 59 5.20 32.32 -7.71
N ARG A 60 5.79 33.36 -8.30
CA ARG A 60 7.15 33.27 -8.83
C ARG A 60 8.11 34.02 -7.92
N SER A 61 9.27 33.42 -7.68
CA SER A 61 10.26 34.02 -6.80
C SER A 61 10.82 35.31 -7.41
N ILE A 62 11.07 36.30 -6.55
CA ILE A 62 11.63 37.57 -6.99
C ILE A 62 13.15 37.45 -6.85
N ASN A 63 13.78 36.94 -7.91
CA ASN A 63 15.24 36.90 -7.97
C ASN A 63 15.79 37.31 -9.33
N HIS A 64 14.95 37.50 -10.34
CA HIS A 64 15.41 37.94 -11.65
C HIS A 64 15.88 39.39 -11.60
N ARG A 65 16.82 39.71 -12.50
CA ARG A 65 17.29 41.08 -12.62
C ARG A 65 16.17 41.98 -13.14
N VAL A 66 16.18 43.23 -12.68
CA VAL A 66 15.14 44.20 -13.02
C VAL A 66 15.80 45.32 -13.82
N ASP A 67 15.63 45.27 -15.15
CA ASP A 67 16.17 46.27 -16.06
C ASP A 67 15.07 46.71 -17.01
N ALA A 68 15.36 47.76 -17.79
CA ALA A 68 14.38 48.30 -18.72
C ALA A 68 13.97 47.26 -19.74
N SER A 69 14.93 46.56 -20.33
CA SER A 69 14.64 45.52 -21.33
C SER A 69 14.43 44.16 -20.69
N SER A 70 15.11 43.90 -19.57
CA SER A 70 14.94 42.62 -18.89
C SER A 70 13.51 42.43 -18.40
N MET A 71 12.85 43.51 -17.98
CA MET A 71 11.45 43.39 -17.57
C MET A 71 10.57 42.96 -18.73
N TRP A 72 10.76 43.56 -19.90
CA TRP A 72 9.99 43.18 -21.08
C TRP A 72 10.27 41.74 -21.46
N LEU A 73 11.54 41.33 -21.43
CA LEU A 73 11.88 39.95 -21.77
C LEU A 73 11.26 38.98 -20.78
N TYR A 74 11.25 39.33 -19.49
CA TYR A 74 10.67 38.46 -18.48
C TYR A 74 9.17 38.34 -18.66
N ARG A 75 8.48 39.45 -18.90
CA ARG A 75 7.04 39.41 -19.11
C ARG A 75 6.68 38.65 -20.39
N ARG A 76 7.54 38.71 -21.41
CA ARG A 76 7.28 37.99 -22.64
C ARG A 76 7.55 36.49 -22.50
N TYR A 77 8.62 36.12 -21.78
CA TYR A 77 8.99 34.72 -21.66
C TYR A 77 8.01 33.95 -20.79
N TYR A 78 7.55 34.55 -19.69
CA TYR A 78 6.58 33.89 -18.83
C TYR A 78 5.14 34.10 -19.29
N SER A 79 4.94 34.61 -20.50
CA SER A 79 3.61 34.70 -21.06
C SER A 79 3.05 33.31 -21.31
N ASN A 80 1.72 33.24 -21.47
CA ASN A 80 1.08 31.95 -21.69
C ASN A 80 1.53 31.31 -23.00
N VAL A 81 1.74 32.12 -24.03
CA VAL A 81 2.10 31.58 -25.34
C VAL A 81 3.44 30.86 -25.28
N CYS A 82 4.44 31.51 -24.66
CA CYS A 82 5.78 30.92 -24.61
C CYS A 82 5.80 29.67 -23.74
N GLN A 83 5.09 29.69 -22.60
CA GLN A 83 5.06 28.51 -21.75
C GLN A 83 4.35 27.34 -22.44
N ARG A 84 3.25 27.63 -23.14
CA ARG A 84 2.57 26.57 -23.89
C ARG A 84 3.47 26.03 -25.00
N THR A 85 4.20 26.91 -25.68
CA THR A 85 5.12 26.45 -26.72
C THR A 85 6.21 25.55 -26.13
N LEU A 86 6.76 25.93 -24.98
CA LEU A 86 7.80 25.13 -24.35
C LEU A 86 7.25 23.77 -23.92
N SER A 87 6.05 23.75 -23.34
CA SER A 87 5.45 22.48 -22.93
C SER A 87 5.16 21.60 -24.14
N PHE A 88 4.68 22.19 -25.23
CA PHE A 88 4.43 21.42 -26.44
C PHE A 88 5.73 20.88 -27.02
N THR A 89 6.81 21.66 -26.97
CA THR A 89 8.10 21.17 -27.46
C THR A 89 8.60 20.01 -26.61
N ILE A 90 8.42 20.09 -25.30
CA ILE A 90 8.78 18.97 -24.42
C ILE A 90 7.97 17.74 -24.79
N PHE A 91 6.66 17.92 -24.99
CA PHE A 91 5.81 16.80 -25.36
C PHE A 91 6.25 16.18 -26.69
N LEU A 92 6.60 17.03 -27.65
CA LEU A 92 7.01 16.53 -28.97
C LEU A 92 8.32 15.77 -28.89
N ILE A 93 9.29 16.29 -28.14
CA ILE A 93 10.58 15.59 -28.02
C ILE A 93 10.42 14.30 -27.25
N LEU A 94 9.43 14.21 -26.35
CA LEU A 94 9.16 12.91 -25.71
C LEU A 94 8.42 11.97 -26.66
N PHE A 95 7.52 12.51 -27.49
CA PHE A 95 6.71 11.70 -28.39
C PHE A 95 7.51 11.18 -29.57
N LEU A 96 8.65 11.81 -29.89
CA LEU A 96 9.47 11.35 -31.00
C LEU A 96 9.93 9.90 -30.84
N ALA A 97 9.95 9.38 -29.61
CA ALA A 97 10.39 8.01 -29.39
C ALA A 97 9.47 7.02 -30.08
N PHE A 98 8.20 7.38 -30.30
CA PHE A 98 7.28 6.53 -31.02
C PHE A 98 7.59 6.45 -32.51
N ILE A 99 8.36 7.39 -33.05
CA ILE A 99 8.64 7.47 -34.48
C ILE A 99 10.13 7.34 -34.79
N GLU A 100 10.93 6.89 -33.83
CA GLU A 100 12.35 6.71 -34.07
C GLU A 100 12.57 5.47 -34.94
N THR A 101 13.83 5.10 -35.15
CA THR A 101 14.14 3.97 -36.03
C THR A 101 13.49 2.67 -35.54
N PRO A 102 13.54 2.30 -34.24
CA PRO A 102 12.67 1.22 -33.78
C PRO A 102 11.22 1.70 -33.74
N SER A 103 10.60 1.81 -34.91
CA SER A 103 9.31 2.48 -35.02
C SER A 103 8.22 1.70 -34.30
N SER A 104 7.28 2.44 -33.72
CA SER A 104 6.16 1.88 -32.98
C SER A 104 4.85 2.05 -33.75
N LEU A 105 4.91 1.81 -35.06
CA LEU A 105 3.76 2.06 -35.92
C LEU A 105 3.28 0.78 -36.58
N THR A 106 3.14 -0.29 -35.79
CA THR A 106 2.61 -1.56 -36.27
C THR A 106 1.30 -1.86 -35.57
N SER A 107 0.43 -2.60 -36.26
CA SER A 107 -0.88 -2.93 -35.71
C SER A 107 -0.75 -3.75 -34.44
N THR A 108 0.12 -4.77 -34.45
CA THR A 108 0.27 -5.69 -33.33
C THR A 108 1.71 -5.67 -32.84
N ALA A 109 1.88 -6.02 -31.57
CA ALA A 109 3.20 -6.12 -30.96
C ALA A 109 3.70 -7.56 -30.87
N ASP A 110 2.91 -8.53 -31.32
CA ASP A 110 3.33 -9.92 -31.30
C ASP A 110 4.45 -10.15 -32.30
N VAL A 111 5.52 -10.81 -31.84
CA VAL A 111 6.67 -11.08 -32.71
C VAL A 111 6.28 -11.97 -33.88
N ARG A 112 5.34 -12.89 -33.64
CA ARG A 112 4.94 -13.83 -34.68
C ARG A 112 4.19 -13.14 -35.82
N TYR A 113 3.38 -12.12 -35.50
CA TYR A 113 2.48 -11.53 -36.47
C TYR A 113 2.84 -10.10 -36.88
N ARG A 114 3.82 -9.48 -36.24
CA ARG A 114 4.11 -8.08 -36.52
C ARG A 114 4.80 -7.93 -37.87
N ALA A 115 4.33 -6.98 -38.67
CA ALA A 115 4.96 -6.64 -39.93
C ALA A 115 6.06 -5.61 -39.71
N ALA A 116 6.86 -5.40 -40.75
CA ALA A 116 7.96 -4.44 -40.66
C ALA A 116 7.39 -3.03 -40.49
N PRO A 117 7.82 -2.29 -39.48
CA PRO A 117 7.29 -0.93 -39.29
C PRO A 117 7.82 0.02 -40.36
N TRP A 118 7.10 1.13 -40.53
CA TRP A 118 7.52 2.18 -41.44
C TRP A 118 8.75 2.87 -40.88
N GLU A 119 9.91 2.61 -41.46
CA GLU A 119 11.13 3.26 -40.99
C GLU A 119 11.22 4.67 -41.55
N PRO A 120 11.29 5.69 -40.72
CA PRO A 120 11.35 7.06 -41.23
C PRO A 120 12.70 7.33 -41.89
N PRO A 121 12.77 8.30 -42.79
CA PRO A 121 14.07 8.67 -43.36
C PRO A 121 15.01 9.19 -42.28
N CYS A 122 16.29 9.30 -42.65
CA CYS A 122 17.31 9.67 -41.67
C CYS A 122 17.06 11.06 -41.11
N GLY A 123 16.83 12.04 -41.98
CA GLY A 123 16.80 13.43 -41.57
C GLY A 123 15.55 13.90 -40.86
N LEU A 124 14.46 13.13 -40.88
CA LEU A 124 13.18 13.65 -40.40
C LEU A 124 13.18 13.81 -38.89
N THR A 125 13.32 12.69 -38.16
CA THR A 125 13.31 12.75 -36.71
C THR A 125 14.50 13.52 -36.17
N GLU A 126 15.64 13.45 -36.85
CA GLU A 126 16.79 14.23 -36.44
C GLU A 126 16.51 15.73 -36.55
N SER A 127 15.86 16.15 -37.62
CA SER A 127 15.52 17.56 -37.79
C SER A 127 14.51 18.01 -36.74
N VAL A 128 13.50 17.18 -36.47
CA VAL A 128 12.52 17.54 -35.44
C VAL A 128 13.21 17.65 -34.08
N GLU A 129 14.09 16.71 -33.77
CA GLU A 129 14.80 16.75 -32.50
C GLU A 129 15.73 17.96 -32.41
N VAL A 130 16.37 18.33 -33.53
CA VAL A 130 17.28 19.47 -33.48
C VAL A 130 16.52 20.77 -33.33
N LEU A 131 15.31 20.87 -33.92
CA LEU A 131 14.52 22.08 -33.70
C LEU A 131 14.02 22.15 -32.26
N CYS A 132 13.65 21.00 -31.69
CA CYS A 132 13.28 20.97 -30.27
C CYS A 132 14.45 21.38 -29.39
N LEU A 133 15.65 20.90 -29.72
CA LEU A 133 16.83 21.27 -28.94
C LEU A 133 17.18 22.74 -29.11
N LEU A 134 16.95 23.32 -30.29
CA LEU A 134 17.14 24.75 -30.46
C LEU A 134 16.16 25.55 -29.61
N VAL A 135 14.90 25.10 -29.56
CA VAL A 135 13.93 25.75 -28.69
C VAL A 135 14.36 25.66 -27.23
N PHE A 136 14.85 24.49 -26.82
CA PHE A 136 15.32 24.33 -25.44
C PHE A 136 16.54 25.20 -25.16
N ALA A 137 17.45 25.33 -26.12
CA ALA A 137 18.60 26.20 -25.95
C ALA A 137 18.18 27.66 -25.83
N ALA A 138 17.20 28.08 -26.62
CA ALA A 138 16.67 29.43 -26.48
C ALA A 138 16.06 29.64 -25.10
N ASP A 139 15.30 28.65 -24.61
CA ASP A 139 14.71 28.74 -23.28
C ASP A 139 15.78 28.84 -22.21
N LEU A 140 16.85 28.03 -22.33
CA LEU A 140 17.92 28.07 -21.35
C LEU A 140 18.66 29.40 -21.38
N SER A 141 18.90 29.95 -22.58
CA SER A 141 19.54 31.25 -22.67
C SER A 141 18.68 32.35 -22.05
N VAL A 142 17.36 32.29 -22.29
CA VAL A 142 16.47 33.27 -21.68
C VAL A 142 16.48 33.14 -20.16
N LYS A 143 16.46 31.91 -19.64
CA LYS A 143 16.51 31.72 -18.20
C LYS A 143 17.84 32.21 -17.62
N GLY A 144 18.94 31.99 -18.33
CA GLY A 144 20.23 32.43 -17.85
C GLY A 144 20.46 33.92 -17.96
N TYR A 145 19.71 34.60 -18.83
CA TYR A 145 19.79 36.04 -18.92
C TYR A 145 18.87 36.74 -17.93
N LEU A 146 17.64 36.22 -17.74
CA LEU A 146 16.73 36.82 -16.79
C LEU A 146 17.29 36.77 -15.38
N PHE A 147 17.89 35.65 -15.00
CA PHE A 147 18.60 35.54 -13.74
C PHE A 147 20.07 35.90 -13.94
N GLY A 148 20.76 36.13 -12.83
CA GLY A 148 22.15 36.52 -12.91
C GLY A 148 23.04 35.37 -13.33
N TRP A 149 24.25 35.73 -13.79
CA TRP A 149 25.26 34.71 -14.08
C TRP A 149 25.65 33.96 -12.81
N ALA A 150 25.73 34.67 -11.68
CA ALA A 150 26.02 34.02 -10.42
C ALA A 150 24.93 33.02 -10.05
N HIS A 151 23.66 33.41 -10.25
CA HIS A 151 22.56 32.48 -9.97
C HIS A 151 22.60 31.28 -10.91
N PHE A 152 22.92 31.51 -12.19
CA PHE A 152 23.03 30.41 -13.13
C PHE A 152 24.13 29.44 -12.72
N GLN A 153 25.29 29.96 -12.32
CA GLN A 153 26.38 29.10 -11.87
C GLN A 153 26.02 28.34 -10.60
N LYS A 154 25.35 29.02 -9.67
CA LYS A 154 25.02 28.39 -8.39
C LYS A 154 23.90 27.37 -8.54
N ASN A 155 23.00 27.56 -9.50
CA ASN A 155 21.84 26.68 -9.65
C ASN A 155 22.30 25.37 -10.28
N LEU A 156 22.01 24.26 -9.61
CA LEU A 156 22.37 22.95 -10.15
C LEU A 156 21.47 22.53 -11.29
N TRP A 157 20.20 22.93 -11.25
CA TRP A 157 19.27 22.56 -12.32
C TRP A 157 19.65 23.21 -13.65
N LEU A 158 20.07 24.47 -13.62
CA LEU A 158 20.50 25.14 -14.86
C LEU A 158 21.80 24.57 -15.38
N LEU A 159 22.73 24.22 -14.49
CA LEU A 159 23.95 23.56 -14.92
C LEU A 159 23.66 22.20 -15.54
N GLY A 160 22.75 21.44 -14.94
CA GLY A 160 22.33 20.19 -15.54
C GLY A 160 21.65 20.38 -16.89
N TYR A 161 20.86 21.44 -17.01
CA TYR A 161 20.23 21.76 -18.30
C TYR A 161 21.29 22.03 -19.36
N LEU A 162 22.30 22.83 -19.02
CA LEU A 162 23.37 23.13 -19.97
C LEU A 162 24.13 21.86 -20.35
N VAL A 163 24.47 21.03 -19.36
CA VAL A 163 25.22 19.80 -19.64
C VAL A 163 24.40 18.87 -20.52
N VAL A 164 23.10 18.71 -20.22
CA VAL A 164 22.25 17.83 -21.00
C VAL A 164 22.10 18.34 -22.43
N LEU A 165 21.95 19.67 -22.59
CA LEU A 165 21.84 20.22 -23.93
C LEU A 165 23.13 20.00 -24.72
N VAL A 166 24.29 20.21 -24.10
CA VAL A 166 25.54 20.02 -24.81
C VAL A 166 25.73 18.55 -25.20
N VAL A 167 25.44 17.64 -24.27
CA VAL A 167 25.58 16.21 -24.57
C VAL A 167 24.62 15.79 -25.67
N SER A 168 23.38 16.28 -25.61
CA SER A 168 22.40 15.93 -26.63
C SER A 168 22.81 16.45 -28.00
N LEU A 169 23.33 17.68 -28.05
CA LEU A 169 23.76 18.23 -29.33
C LEU A 169 24.96 17.47 -29.88
N VAL A 170 25.91 17.11 -29.02
CA VAL A 170 27.07 16.33 -29.48
C VAL A 170 26.63 14.96 -29.98
N ASP A 171 25.72 14.30 -29.25
CA ASP A 171 25.24 13.00 -29.69
C ASP A 171 24.47 13.10 -30.99
N TRP A 172 23.67 14.16 -31.16
CA TRP A 172 22.96 14.38 -32.40
C TRP A 172 23.92 14.58 -33.57
N THR A 173 24.98 15.38 -33.36
CA THR A 173 25.97 15.57 -34.41
C THR A 173 26.67 14.26 -34.76
N VAL A 174 26.97 13.45 -33.75
CA VAL A 174 27.61 12.15 -34.01
C VAL A 174 26.68 11.24 -34.78
N SER A 175 25.41 11.16 -34.35
CA SER A 175 24.42 10.31 -35.01
C SER A 175 24.02 10.82 -36.38
N LEU A 176 24.34 12.07 -36.71
CA LEU A 176 24.09 12.57 -38.06
C LEU A 176 25.31 12.49 -38.96
N SER A 177 26.53 12.51 -38.40
CA SER A 177 27.71 12.30 -39.21
C SER A 177 27.69 10.91 -39.84
N LEU A 178 27.51 9.88 -39.02
CA LEU A 178 27.02 8.60 -39.52
C LEU A 178 25.57 8.76 -39.95
N VAL A 179 25.19 8.09 -41.04
CA VAL A 179 23.86 8.32 -41.58
C VAL A 179 22.84 7.47 -40.84
N CYS A 180 22.42 7.96 -39.68
CA CYS A 180 21.44 7.28 -38.82
C CYS A 180 21.77 5.81 -38.62
N HIS A 181 23.04 5.52 -38.38
CA HIS A 181 23.50 4.14 -38.20
C HIS A 181 24.03 3.88 -36.79
N GLU A 182 23.72 4.75 -35.84
CA GLU A 182 24.10 4.53 -34.45
C GLU A 182 23.01 3.74 -33.75
N PRO A 183 23.26 2.50 -33.33
CA PRO A 183 22.18 1.70 -32.73
C PRO A 183 21.64 2.29 -31.43
N LEU A 184 22.52 2.73 -30.53
CA LEU A 184 22.11 3.28 -29.26
C LEU A 184 22.31 4.79 -29.26
N ARG A 185 21.25 5.53 -28.93
CA ARG A 185 21.29 6.99 -28.85
C ARG A 185 21.17 7.37 -27.39
N ILE A 186 22.30 7.75 -26.78
CA ILE A 186 22.31 8.10 -25.36
C ILE A 186 21.48 9.36 -25.12
N ARG A 187 21.37 10.24 -26.11
CA ARG A 187 20.59 11.46 -25.94
C ARG A 187 19.14 11.17 -25.60
N ARG A 188 18.59 10.07 -26.11
CA ARG A 188 17.21 9.71 -25.79
C ARG A 188 17.02 9.45 -24.30
N LEU A 189 18.09 9.10 -23.58
CA LEU A 189 17.98 8.94 -22.14
C LEU A 189 17.82 10.27 -21.43
N LEU A 190 18.30 11.35 -22.03
CA LEU A 190 18.30 12.65 -21.38
C LEU A 190 17.06 13.47 -21.70
N ARG A 191 16.19 12.99 -22.60
CA ARG A 191 14.96 13.70 -22.90
C ARG A 191 14.05 13.89 -21.69
N PRO A 192 13.83 12.89 -20.81
CA PRO A 192 12.96 13.13 -19.65
C PRO A 192 13.45 14.25 -18.74
N PHE A 193 14.76 14.51 -18.71
CA PHE A 193 15.29 15.54 -17.82
C PHE A 193 14.66 16.90 -18.11
N PHE A 194 14.44 17.22 -19.38
CA PHE A 194 13.75 18.47 -19.72
C PHE A 194 12.40 18.55 -19.01
N LEU A 195 11.65 17.44 -19.03
CA LEU A 195 10.37 17.41 -18.33
C LEU A 195 10.55 17.69 -16.85
N LEU A 196 11.64 17.22 -16.26
CA LEU A 196 11.93 17.54 -14.86
C LEU A 196 12.25 19.03 -14.70
N GLN A 197 12.99 19.61 -15.64
CA GLN A 197 13.50 20.96 -15.46
C GLN A 197 12.39 22.01 -15.53
N ASN A 198 11.29 21.72 -16.22
CA ASN A 198 10.21 22.68 -16.43
C ASN A 198 9.00 22.38 -15.55
N SER A 199 9.20 21.77 -14.39
CA SER A 199 8.11 21.46 -13.48
C SER A 199 8.58 21.61 -12.05
N SER A 200 7.94 22.51 -11.30
CA SER A 200 8.28 22.70 -9.91
C SER A 200 7.77 21.56 -9.03
N MET A 201 6.55 21.09 -9.30
CA MET A 201 5.99 19.99 -8.51
C MET A 201 6.80 18.72 -8.68
N MET A 202 7.26 18.45 -9.89
CA MET A 202 8.11 17.28 -10.13
C MET A 202 9.41 17.38 -9.34
N LYS A 203 10.00 18.58 -9.29
CA LYS A 203 11.22 18.77 -8.51
C LYS A 203 10.97 18.61 -7.02
N LYS A 204 9.82 19.08 -6.54
CA LYS A 204 9.48 18.88 -5.13
C LYS A 204 9.31 17.41 -4.81
N THR A 205 8.64 16.66 -5.69
CA THR A 205 8.49 15.22 -5.47
C THR A 205 9.85 14.52 -5.50
N LEU A 206 10.73 14.91 -6.42
CA LEU A 206 12.07 14.35 -6.46
C LEU A 206 12.84 14.65 -5.18
N LYS A 207 12.69 15.86 -4.65
CA LYS A 207 13.33 16.22 -3.39
C LYS A 207 12.79 15.38 -2.24
N CYS A 208 11.48 15.12 -2.24
CA CYS A 208 10.90 14.25 -1.21
C CYS A 208 11.48 12.83 -1.31
N ILE A 209 11.62 12.32 -2.54
CA ILE A 209 12.25 11.03 -2.73
C ILE A 209 13.68 11.04 -2.20
N ARG A 210 14.42 12.10 -2.49
CA ARG A 210 15.79 12.22 -2.02
C ARG A 210 15.86 12.19 -0.50
N TRP A 211 14.93 12.89 0.16
CA TRP A 211 14.89 12.87 1.62
C TRP A 211 14.55 11.48 2.14
N SER A 212 13.63 10.78 1.48
CA SER A 212 13.29 9.43 1.92
C SER A 212 14.37 8.41 1.59
N LEU A 213 15.34 8.77 0.75
CA LEU A 213 16.33 7.79 0.28
C LEU A 213 17.12 7.09 1.38
N PRO A 214 17.64 7.76 2.43
CA PRO A 214 18.47 7.03 3.40
C PRO A 214 17.74 5.92 4.15
N GLU A 215 16.53 6.20 4.64
CA GLU A 215 15.78 5.17 5.36
C GLU A 215 15.39 4.03 4.43
N MET A 216 15.03 4.36 3.18
CA MET A 216 14.76 3.32 2.20
C MET A 216 15.99 2.46 1.95
N ALA A 217 17.17 3.07 1.89
CA ALA A 217 18.40 2.32 1.68
C ALA A 217 18.69 1.39 2.86
N SER A 218 18.46 1.88 4.08
CA SER A 218 18.67 1.03 5.25
C SER A 218 17.71 -0.15 5.27
N VAL A 219 16.43 0.10 4.96
CA VAL A 219 15.46 -0.99 4.91
C VAL A 219 15.80 -1.96 3.78
N GLY A 220 16.31 -1.43 2.66
CA GLY A 220 16.72 -2.31 1.58
C GLY A 220 17.91 -3.18 1.94
N LEU A 221 18.86 -2.63 2.70
CA LEU A 221 19.96 -3.44 3.20
C LEU A 221 19.47 -4.54 4.12
N LEU A 222 18.53 -4.19 5.02
CA LEU A 222 17.97 -5.21 5.90
C LEU A 222 17.23 -6.28 5.10
N LEU A 223 16.52 -5.88 4.05
CA LEU A 223 15.79 -6.82 3.22
C LEU A 223 16.72 -7.70 2.40
N ALA A 224 17.85 -7.15 1.95
CA ALA A 224 18.85 -7.97 1.26
C ALA A 224 19.47 -8.99 2.20
N ILE A 225 19.74 -8.59 3.44
CA ILE A 225 20.22 -9.55 4.44
C ILE A 225 19.17 -10.65 4.66
N HIS A 226 17.90 -10.25 4.77
CA HIS A 226 16.80 -11.20 4.90
C HIS A 226 16.78 -12.19 3.74
N LEU A 227 16.88 -11.67 2.51
CA LEU A 227 16.85 -12.52 1.33
C LEU A 227 18.01 -13.50 1.31
N CYS A 228 19.22 -13.01 1.60
CA CYS A 228 20.39 -13.90 1.57
C CYS A 228 20.30 -14.98 2.64
N LEU A 229 19.90 -14.60 3.86
CA LEU A 229 19.81 -15.56 4.94
C LEU A 229 18.75 -16.61 4.64
N PHE A 230 17.57 -16.20 4.17
CA PHE A 230 16.55 -17.18 3.84
C PHE A 230 16.93 -18.01 2.62
N THR A 231 17.73 -17.47 1.70
CA THR A 231 18.20 -18.25 0.58
C THR A 231 19.12 -19.37 1.04
N MET A 232 20.09 -19.04 1.90
CA MET A 232 20.98 -20.07 2.45
C MET A 232 20.21 -21.08 3.28
N PHE A 233 19.25 -20.61 4.09
CA PHE A 233 18.47 -21.53 4.91
C PHE A 233 17.62 -22.47 4.06
N GLY A 234 17.06 -21.95 2.97
CA GLY A 234 16.31 -22.81 2.06
C GLY A 234 17.19 -23.83 1.35
N MET A 235 18.35 -23.38 0.86
CA MET A 235 19.26 -24.28 0.17
C MET A 235 19.74 -25.39 1.08
N LEU A 236 20.02 -25.07 2.35
CA LEU A 236 20.41 -26.12 3.29
C LEU A 236 19.23 -26.98 3.73
N LEU A 237 18.03 -26.39 3.78
CA LEU A 237 16.87 -27.12 4.29
C LEU A 237 16.36 -28.16 3.30
N PHE A 238 16.31 -27.80 2.01
CA PHE A 238 15.81 -28.70 0.97
C PHE A 238 16.92 -29.51 0.31
N ALA A 239 18.07 -29.66 0.97
CA ALA A 239 19.18 -30.37 0.36
C ALA A 239 19.04 -31.87 0.49
N GLY A 240 18.58 -32.36 1.64
CA GLY A 240 18.47 -33.78 1.89
C GLY A 240 17.18 -34.36 1.32
N GLY A 241 16.92 -35.60 1.73
CA GLY A 241 15.73 -36.32 1.31
C GLY A 241 16.04 -37.36 0.24
N LYS A 242 15.08 -38.28 0.07
CA LYS A 242 15.24 -39.33 -0.92
C LYS A 242 15.11 -38.77 -2.34
N GLN A 243 15.60 -39.54 -3.31
CA GLN A 243 15.53 -39.12 -4.70
C GLN A 243 14.08 -39.10 -5.18
N ASP A 244 13.76 -38.12 -6.02
CA ASP A 244 12.44 -37.93 -6.63
C ASP A 244 11.35 -37.67 -5.59
N ASP A 245 11.72 -37.34 -4.35
CA ASP A 245 10.75 -37.02 -3.33
C ASP A 245 10.29 -35.57 -3.47
N GLY A 246 9.37 -35.17 -2.60
CA GLY A 246 8.89 -33.80 -2.60
C GLY A 246 9.99 -32.80 -2.29
N GLN A 247 10.82 -33.12 -1.29
CA GLN A 247 11.94 -32.23 -0.95
C GLN A 247 12.95 -32.16 -2.08
N ASP A 248 13.28 -33.30 -2.69
CA ASP A 248 14.20 -33.29 -3.83
C ASP A 248 13.61 -32.54 -5.02
N ARG A 249 12.30 -32.71 -5.25
CA ARG A 249 11.64 -31.96 -6.33
C ARG A 249 11.68 -30.46 -6.06
N GLU A 250 11.48 -30.05 -4.81
CA GLU A 250 11.59 -28.64 -4.44
C GLU A 250 13.00 -28.13 -4.67
N ARG A 251 14.01 -28.93 -4.30
CA ARG A 251 15.39 -28.53 -4.53
C ARG A 251 15.68 -28.35 -6.01
N LEU A 252 15.27 -29.32 -6.83
CA LEU A 252 15.55 -29.26 -8.27
C LEU A 252 14.83 -28.08 -8.92
N THR A 253 13.57 -27.86 -8.56
CA THR A 253 12.76 -26.86 -9.27
C THR A 253 13.19 -25.44 -8.93
N TYR A 254 13.40 -25.15 -7.65
CA TYR A 254 13.62 -23.78 -7.22
C TYR A 254 14.94 -23.55 -6.49
N PHE A 255 15.34 -24.47 -5.61
CA PHE A 255 16.47 -24.25 -4.71
C PHE A 255 17.68 -25.10 -5.06
N GLN A 256 17.98 -25.22 -6.37
CA GLN A 256 19.11 -26.03 -6.79
C GLN A 256 20.43 -25.33 -6.48
N ASN A 257 20.65 -24.16 -7.10
CA ASN A 257 21.87 -23.41 -6.91
C ASN A 257 21.54 -22.03 -6.36
N LEU A 258 22.59 -21.28 -6.00
CA LEU A 258 22.41 -20.01 -5.32
C LEU A 258 21.65 -18.97 -6.14
N PRO A 259 22.01 -18.70 -7.41
CA PRO A 259 21.23 -17.69 -8.17
C PRO A 259 19.77 -18.05 -8.33
N GLU A 260 19.45 -19.34 -8.54
CA GLU A 260 18.06 -19.72 -8.71
C GLU A 260 17.28 -19.56 -7.41
N SER A 261 17.89 -19.91 -6.28
CA SER A 261 17.23 -19.70 -4.99
C SER A 261 17.02 -18.22 -4.72
N LEU A 262 18.03 -17.40 -5.03
CA LEU A 262 17.88 -15.96 -4.86
C LEU A 262 16.76 -15.41 -5.71
N THR A 263 16.68 -15.85 -6.98
CA THR A 263 15.59 -15.39 -7.84
C THR A 263 14.24 -15.84 -7.33
N SER A 264 14.15 -17.09 -6.87
CA SER A 264 12.88 -17.61 -6.37
C SER A 264 12.41 -16.82 -5.15
N LEU A 265 13.32 -16.55 -4.21
CA LEU A 265 12.93 -15.80 -3.02
C LEU A 265 12.65 -14.34 -3.33
N LEU A 266 13.36 -13.75 -4.29
CA LEU A 266 13.06 -12.39 -4.70
C LEU A 266 11.67 -12.29 -5.32
N VAL A 267 11.31 -13.26 -6.15
CA VAL A 267 9.97 -13.29 -6.74
C VAL A 267 8.92 -13.50 -5.65
N LEU A 268 9.20 -14.41 -4.71
CA LEU A 268 8.28 -14.61 -3.59
C LEU A 268 8.14 -13.36 -2.74
N LEU A 269 9.18 -12.51 -2.71
CA LEU A 269 9.10 -11.24 -2.00
C LEU A 269 8.03 -10.35 -2.60
N THR A 270 7.84 -10.42 -3.92
CA THR A 270 6.74 -9.73 -4.59
C THR A 270 5.47 -10.57 -4.61
N THR A 271 5.52 -11.77 -4.05
CA THR A 271 4.36 -12.69 -4.02
C THR A 271 3.82 -12.97 -5.41
N ALA A 272 4.72 -13.15 -6.37
CA ALA A 272 4.32 -13.48 -7.74
C ALA A 272 4.26 -14.98 -8.00
N ASN A 273 4.87 -15.80 -7.15
CA ASN A 273 4.83 -17.25 -7.29
C ASN A 273 4.63 -17.88 -5.92
N ASN A 274 3.71 -17.34 -5.13
CA ASN A 274 3.57 -17.76 -3.74
C ASN A 274 3.21 -19.23 -3.60
N PRO A 275 2.21 -19.79 -4.30
CA PRO A 275 1.92 -21.22 -4.12
C PRO A 275 2.92 -22.12 -4.84
N ASP A 276 3.38 -21.68 -6.01
CA ASP A 276 4.26 -22.53 -6.81
C ASP A 276 5.59 -22.76 -6.13
N VAL A 277 6.12 -21.74 -5.44
CA VAL A 277 7.45 -21.87 -4.84
C VAL A 277 7.45 -22.89 -3.72
N MET A 278 6.30 -23.14 -3.08
CA MET A 278 6.24 -24.00 -1.91
C MET A 278 5.44 -25.28 -2.10
N ILE A 279 4.76 -25.46 -3.24
CA ILE A 279 3.95 -26.66 -3.43
C ILE A 279 4.77 -27.94 -3.26
N PRO A 280 5.96 -28.10 -3.84
CA PRO A 280 6.70 -29.36 -3.62
C PRO A 280 7.06 -29.60 -2.16
N ALA A 281 7.64 -28.61 -1.49
CA ALA A 281 8.00 -28.78 -0.09
C ALA A 281 6.77 -28.97 0.79
N TYR A 282 5.72 -28.20 0.55
CA TYR A 282 4.51 -28.33 1.37
C TYR A 282 3.82 -29.67 1.14
N SER A 283 3.95 -30.26 -0.05
CA SER A 283 3.43 -31.59 -0.27
C SER A 283 4.31 -32.66 0.36
N LYS A 284 5.63 -32.43 0.39
CA LYS A 284 6.52 -33.38 1.06
C LYS A 284 6.22 -33.45 2.55
N ASN A 285 6.04 -32.30 3.18
CA ASN A 285 5.69 -32.23 4.60
C ASN A 285 4.92 -30.95 4.85
N ARG A 286 3.94 -31.02 5.77
CA ARG A 286 3.06 -29.89 6.00
C ARG A 286 3.77 -28.74 6.69
N ALA A 287 4.81 -29.03 7.48
CA ALA A 287 5.45 -27.99 8.26
C ALA A 287 6.28 -27.03 7.40
N TYR A 288 6.77 -27.49 6.25
CA TYR A 288 7.62 -26.64 5.42
C TYR A 288 6.98 -25.31 5.08
N ALA A 289 5.65 -25.29 4.89
CA ALA A 289 4.96 -24.05 4.58
C ALA A 289 5.24 -22.96 5.60
N ILE A 290 5.38 -23.34 6.87
CA ILE A 290 5.76 -22.44 7.95
C ILE A 290 6.91 -21.56 7.49
N PHE A 291 8.00 -22.19 7.02
CA PHE A 291 9.15 -21.48 6.49
C PHE A 291 8.70 -20.35 5.57
N PHE A 292 8.03 -20.73 4.48
CA PHE A 292 7.61 -19.74 3.50
C PHE A 292 6.70 -18.70 4.14
N ILE A 293 5.78 -19.14 5.01
CA ILE A 293 4.90 -18.20 5.69
C ILE A 293 5.73 -17.16 6.43
N VAL A 294 6.74 -17.61 7.17
CA VAL A 294 7.57 -16.68 7.92
C VAL A 294 8.18 -15.66 6.97
N PHE A 295 8.65 -16.12 5.81
CA PHE A 295 9.21 -15.21 4.82
C PHE A 295 8.20 -14.14 4.47
N THR A 296 6.98 -14.55 4.11
CA THR A 296 5.96 -13.58 3.73
C THR A 296 5.61 -12.66 4.89
N VAL A 297 5.75 -13.16 6.13
CA VAL A 297 5.49 -12.31 7.28
C VAL A 297 6.59 -11.25 7.42
N ILE A 298 7.84 -11.64 7.16
CA ILE A 298 8.97 -10.73 7.39
C ILE A 298 9.22 -9.83 6.19
N GLY A 299 9.35 -10.42 5.00
CA GLY A 299 9.69 -9.64 3.82
C GLY A 299 8.54 -8.87 3.19
N SER A 300 7.53 -9.61 2.71
CA SER A 300 6.46 -9.00 1.94
C SER A 300 5.50 -8.18 2.80
N LEU A 301 5.40 -8.49 4.09
CA LEU A 301 4.43 -7.84 4.96
C LEU A 301 5.00 -6.70 5.77
N PHE A 302 6.08 -6.94 6.52
CA PHE A 302 6.60 -5.93 7.42
C PHE A 302 7.50 -4.93 6.70
N LEU A 303 8.48 -5.42 5.93
CA LEU A 303 9.49 -4.53 5.37
C LEU A 303 8.96 -3.72 4.18
N MET A 304 8.14 -4.33 3.33
CA MET A 304 7.59 -3.56 2.20
C MET A 304 6.64 -2.46 2.68
N ASN A 305 5.76 -2.78 3.62
CA ASN A 305 4.89 -1.76 4.20
C ASN A 305 5.69 -0.75 5.01
N LEU A 306 6.81 -1.16 5.60
CA LEU A 306 7.70 -0.19 6.24
C LEU A 306 8.29 0.77 5.22
N LEU A 307 8.66 0.27 4.04
CA LEU A 307 9.10 1.15 2.96
C LEU A 307 7.99 2.11 2.55
N THR A 308 6.76 1.60 2.45
CA THR A 308 5.64 2.47 2.10
C THR A 308 5.44 3.56 3.14
N ALA A 309 5.52 3.21 4.43
CA ALA A 309 5.37 4.20 5.48
C ALA A 309 6.51 5.21 5.46
N ILE A 310 7.72 4.77 5.16
CA ILE A 310 8.86 5.68 5.06
C ILE A 310 8.66 6.67 3.92
N ILE A 311 8.21 6.18 2.77
CA ILE A 311 7.97 7.08 1.64
C ILE A 311 6.84 8.05 1.96
N TYR A 312 5.79 7.58 2.62
CA TYR A 312 4.70 8.47 3.00
C TYR A 312 5.15 9.47 4.06
N SER A 313 6.12 9.11 4.89
CA SER A 313 6.56 10.01 5.96
C SER A 313 7.17 11.30 5.43
N GLN A 314 7.55 11.35 4.16
CA GLN A 314 8.07 12.57 3.57
C GLN A 314 7.02 13.37 2.82
N PHE A 315 5.97 12.72 2.33
CA PHE A 315 4.83 13.41 1.73
C PHE A 315 3.76 13.75 2.75
N ARG A 316 4.11 13.78 4.04
CA ARG A 316 3.10 13.96 5.08
C ARG A 316 2.49 15.35 5.02
N GLY A 317 3.30 16.38 4.75
CA GLY A 317 2.79 17.73 4.63
C GLY A 317 3.01 18.34 3.27
N TYR A 318 2.80 17.55 2.20
CA TYR A 318 3.11 18.01 0.85
C TYR A 318 2.26 19.22 0.47
N LEU A 319 0.94 19.06 0.51
CA LEU A 319 0.05 20.13 0.09
C LEU A 319 0.16 21.34 1.01
N MET A 320 0.27 21.11 2.32
CA MET A 320 0.39 22.22 3.26
C MET A 320 1.68 23.00 3.02
N LYS A 321 2.80 22.29 2.78
CA LYS A 321 4.05 22.99 2.50
C LYS A 321 3.98 23.75 1.18
N SER A 322 3.33 23.17 0.16
CA SER A 322 3.18 23.88 -1.10
C SER A 322 2.36 25.15 -0.93
N LEU A 323 1.26 25.07 -0.15
CA LEU A 323 0.45 26.26 0.09
C LEU A 323 1.23 27.30 0.88
N GLN A 324 2.01 26.87 1.87
CA GLN A 324 2.82 27.80 2.65
C GLN A 324 3.84 28.50 1.78
N THR A 325 4.51 27.76 0.90
CA THR A 325 5.47 28.38 0.00
C THR A 325 4.80 29.35 -0.97
N SER A 326 3.62 28.99 -1.48
CA SER A 326 2.90 29.89 -2.37
C SER A 326 2.52 31.19 -1.66
N LEU A 327 2.00 31.08 -0.44
CA LEU A 327 1.64 32.27 0.32
C LEU A 327 2.87 33.11 0.65
N PHE A 328 3.98 32.46 1.00
CA PHE A 328 5.22 33.19 1.28
C PHE A 328 5.72 33.93 0.05
N ARG A 329 5.64 33.30 -1.12
CA ARG A 329 6.06 33.97 -2.35
C ARG A 329 5.13 35.15 -2.67
N ARG A 330 3.83 34.98 -2.46
CA ARG A 330 2.90 36.09 -2.69
C ARG A 330 3.19 37.26 -1.75
N ARG A 331 3.45 36.96 -0.48
CA ARG A 331 3.77 38.01 0.48
C ARG A 331 5.07 38.72 0.10
N LEU A 332 6.08 37.96 -0.32
CA LEU A 332 7.32 38.57 -0.76
C LEU A 332 7.11 39.47 -1.96
N GLY A 333 6.29 39.01 -2.92
CA GLY A 333 6.01 39.84 -4.09
C GLY A 333 5.33 41.15 -3.73
N THR A 334 4.30 41.07 -2.88
CA THR A 334 3.60 42.28 -2.46
C THR A 334 4.52 43.22 -1.68
N ARG A 335 5.34 42.66 -0.80
CA ARG A 335 6.26 43.49 -0.02
C ARG A 335 7.29 44.18 -0.91
N ALA A 336 7.85 43.46 -1.88
CA ALA A 336 8.81 44.06 -2.79
C ALA A 336 8.15 45.13 -3.65
N ALA A 337 6.91 44.90 -4.10
CA ALA A 337 6.20 45.92 -4.87
C ALA A 337 5.97 47.17 -4.04
N PHE A 338 5.57 46.99 -2.78
CA PHE A 338 5.41 48.14 -1.88
C PHE A 338 6.71 48.88 -1.69
N GLU A 339 7.81 48.15 -1.51
CA GLU A 339 9.11 48.79 -1.30
C GLU A 339 9.54 49.58 -2.54
N VAL A 340 9.29 49.03 -3.72
CA VAL A 340 9.62 49.73 -4.95
C VAL A 340 8.77 50.99 -5.11
N LEU A 341 7.46 50.87 -4.88
CA LEU A 341 6.58 52.01 -5.05
C LEU A 341 6.83 53.09 -4.00
N SER A 342 7.37 52.72 -2.84
CA SER A 342 7.60 53.72 -1.79
C SER A 342 8.70 54.70 -2.20
N SER A 343 9.72 54.23 -2.91
CA SER A 343 10.83 55.11 -3.29
C SER A 343 10.42 56.17 -4.30
N MET A 344 9.29 55.99 -4.98
CA MET A 344 8.87 56.97 -5.98
C MET A 344 8.50 58.31 -5.36
N VAL A 345 7.96 58.29 -4.13
CA VAL A 345 7.58 59.54 -3.46
C VAL A 345 8.82 60.38 -3.20
N GLY A 346 9.90 59.76 -2.73
CA GLY A 346 11.14 60.48 -2.46
C GLY A 346 11.89 60.88 -3.71
N ALA A 354 5.91 60.78 4.82
CA ALA A 354 5.89 59.45 5.39
C ALA A 354 5.94 58.39 4.29
N VAL A 355 6.34 57.17 4.66
CA VAL A 355 6.44 56.09 3.69
C VAL A 355 5.04 55.62 3.28
N GLY A 356 4.96 55.03 2.11
CA GLY A 356 3.70 54.53 1.59
C GLY A 356 3.68 54.60 0.08
N VAL A 357 2.53 54.20 -0.47
CA VAL A 357 2.31 54.18 -1.91
C VAL A 357 1.16 55.13 -2.22
N LYS A 358 1.39 56.04 -3.18
CA LYS A 358 0.32 56.92 -3.62
C LYS A 358 -0.76 56.12 -4.34
N PRO A 359 -2.03 56.44 -4.13
CA PRO A 359 -3.10 55.65 -4.76
C PRO A 359 -3.07 55.65 -6.27
N GLN A 360 -2.68 56.76 -6.91
CA GLN A 360 -2.64 56.80 -8.37
C GLN A 360 -1.61 55.85 -8.94
N ASN A 361 -0.43 55.78 -8.33
CA ASN A 361 0.61 54.86 -8.79
C ASN A 361 0.15 53.41 -8.67
N LEU A 362 -0.46 53.06 -7.54
CA LEU A 362 -0.97 51.71 -7.36
C LEU A 362 -2.10 51.42 -8.36
N LEU A 363 -2.95 52.41 -8.63
CA LEU A 363 -4.01 52.20 -9.61
C LEU A 363 -3.44 51.94 -11.00
N GLN A 364 -2.44 52.72 -11.40
CA GLN A 364 -1.82 52.50 -12.72
C GLN A 364 -1.11 51.16 -12.79
N VAL A 365 -0.46 50.75 -11.69
CA VAL A 365 0.17 49.44 -11.67
C VAL A 365 -0.87 48.35 -11.82
N LEU A 366 -2.00 48.46 -11.09
CA LEU A 366 -3.04 47.47 -11.23
C LEU A 366 -3.61 47.46 -12.65
N GLN A 367 -3.66 48.64 -13.28
CA GLN A 367 -4.12 48.71 -14.66
C GLN A 367 -3.18 47.95 -15.59
N LYS A 368 -1.89 47.94 -15.26
CA LYS A 368 -0.91 47.27 -16.13
C LYS A 368 -0.64 45.83 -15.74
N VAL A 369 -1.31 45.31 -14.71
CA VAL A 369 -1.07 43.96 -14.22
C VAL A 369 -2.02 42.99 -14.92
N GLN A 370 -1.47 41.94 -15.51
CA GLN A 370 -2.28 40.89 -16.13
C GLN A 370 -3.00 40.10 -15.05
N LEU A 371 -4.31 40.32 -14.92
CA LEU A 371 -5.08 39.70 -13.85
C LEU A 371 -6.51 39.49 -14.33
N ASP A 372 -7.22 38.57 -13.67
CA ASP A 372 -8.61 38.31 -13.99
C ASP A 372 -9.45 39.57 -13.79
N SER A 373 -10.52 39.67 -14.57
CA SER A 373 -11.35 40.88 -14.55
C SER A 373 -11.95 41.13 -13.18
N SER A 374 -12.47 40.09 -12.52
CA SER A 374 -13.14 40.28 -11.24
C SER A 374 -12.17 40.80 -10.19
N HIS A 375 -11.03 40.12 -10.02
CA HIS A 375 -10.07 40.52 -9.01
C HIS A 375 -9.48 41.89 -9.33
N LYS A 376 -9.16 42.15 -10.59
CA LYS A 376 -8.59 43.44 -10.98
C LYS A 376 -9.57 44.57 -10.70
N GLN A 377 -10.84 44.39 -11.06
CA GLN A 377 -11.85 45.42 -10.83
C GLN A 377 -12.07 45.65 -9.34
N ALA A 378 -12.15 44.56 -8.56
CA ALA A 378 -12.34 44.73 -7.12
C ALA A 378 -11.16 45.46 -6.49
N MET A 379 -9.94 45.09 -6.87
CA MET A 379 -8.75 45.74 -6.31
C MET A 379 -8.68 47.21 -6.71
N MET A 380 -8.97 47.53 -7.96
CA MET A 380 -8.91 48.93 -8.38
C MET A 380 -10.00 49.76 -7.72
N GLU A 381 -11.19 49.17 -7.52
CA GLU A 381 -12.24 49.91 -6.83
C GLU A 381 -11.88 50.12 -5.35
N LYS A 382 -11.25 49.13 -4.72
CA LYS A 382 -10.81 49.30 -3.35
C LYS A 382 -9.73 50.38 -3.25
N VAL A 383 -8.84 50.44 -4.24
CA VAL A 383 -7.84 51.52 -4.27
C VAL A 383 -8.53 52.87 -4.43
N ARG A 384 -9.53 52.95 -5.33
CA ARG A 384 -10.25 54.19 -5.53
C ARG A 384 -11.00 54.62 -4.28
N SER A 385 -11.42 53.65 -3.45
CA SER A 385 -12.09 54.00 -2.19
C SER A 385 -11.15 54.79 -1.29
N TYR A 386 -9.89 54.40 -1.22
CA TYR A 386 -8.89 55.19 -0.51
C TYR A 386 -8.73 56.56 -1.17
N GLY A 387 -8.62 57.60 -0.35
CA GLY A 387 -8.40 58.95 -0.84
C GLY A 387 -6.96 59.17 -1.28
N SER A 388 -6.53 60.42 -1.20
CA SER A 388 -5.14 60.76 -1.51
C SER A 388 -4.16 60.28 -0.46
N VAL A 389 -4.64 59.78 0.68
CA VAL A 389 -3.74 59.33 1.73
C VAL A 389 -2.91 58.16 1.24
N LEU A 390 -1.65 58.12 1.66
CA LEU A 390 -0.76 57.04 1.28
C LEU A 390 -1.17 55.73 1.95
N LEU A 391 -0.92 54.62 1.26
CA LEU A 391 -1.24 53.30 1.78
C LEU A 391 0.01 52.69 2.42
N SER A 392 -0.12 52.25 3.66
CA SER A 392 0.97 51.61 4.37
C SER A 392 1.11 50.15 3.93
N ALA A 393 2.18 49.51 4.40
CA ALA A 393 2.48 48.14 3.97
C ALA A 393 1.40 47.16 4.42
N GLU A 394 0.93 47.29 5.65
CA GLU A 394 -0.05 46.33 6.17
C GLU A 394 -1.38 46.43 5.43
N GLU A 395 -1.87 47.66 5.24
CA GLU A 395 -3.11 47.83 4.48
C GLU A 395 -2.93 47.45 3.02
N PHE A 396 -1.73 47.64 2.48
CA PHE A 396 -1.45 47.18 1.12
C PHE A 396 -1.57 45.67 1.02
N GLN A 397 -0.97 44.94 1.96
CA GLN A 397 -1.07 43.48 1.94
C GLN A 397 -2.50 43.01 2.18
N LYS A 398 -3.24 43.71 3.06
CA LYS A 398 -4.64 43.35 3.25
C LYS A 398 -5.46 43.60 1.98
N LEU A 399 -5.14 44.67 1.24
CA LEU A 399 -5.77 44.87 -0.05
C LEU A 399 -5.42 43.75 -1.03
N PHE A 400 -4.14 43.34 -1.05
CA PHE A 400 -3.73 42.25 -1.93
C PHE A 400 -4.01 40.87 -1.35
N ASN A 401 -4.86 40.81 -0.34
CA ASN A 401 -5.43 39.55 0.13
C ASN A 401 -6.70 39.18 -0.62
N GLU A 402 -7.16 40.06 -1.51
CA GLU A 402 -8.36 39.82 -2.32
C GLU A 402 -8.15 38.73 -3.36
N LEU A 403 -6.91 38.33 -3.62
CA LEU A 403 -6.60 37.30 -4.59
C LEU A 403 -6.83 35.88 -4.06
N ASP A 404 -7.23 35.74 -2.80
CA ASP A 404 -7.57 34.46 -2.22
C ASP A 404 -9.08 34.19 -2.24
N ARG A 405 -9.83 34.98 -3.01
CA ARG A 405 -11.28 34.82 -3.13
C ARG A 405 -11.59 34.00 -4.37
N SER A 406 -12.33 32.90 -4.17
CA SER A 406 -12.77 32.06 -5.28
C SER A 406 -14.02 32.70 -5.88
N VAL A 407 -13.83 33.47 -6.95
CA VAL A 407 -14.95 34.17 -7.59
C VAL A 407 -15.88 33.16 -8.24
N VAL A 408 -17.18 33.33 -8.01
CA VAL A 408 -18.19 32.45 -8.59
C VAL A 408 -18.62 33.06 -9.92
N LYS A 409 -18.28 32.38 -11.02
CA LYS A 409 -18.63 32.87 -12.35
C LYS A 409 -20.11 32.62 -12.61
N GLU A 410 -20.85 33.70 -12.79
CA GLU A 410 -22.29 33.60 -13.06
C GLU A 410 -22.53 33.27 -14.52
N HIS A 411 -23.35 32.26 -14.76
CA HIS A 411 -23.67 31.86 -16.12
C HIS A 411 -24.50 32.97 -16.79
N PRO A 412 -24.32 33.17 -18.10
CA PRO A 412 -25.05 34.24 -18.79
C PRO A 412 -26.55 34.04 -18.68
N PRO A 413 -27.31 35.12 -18.51
CA PRO A 413 -28.77 34.98 -18.35
C PRO A 413 -29.41 34.40 -19.59
N ARG A 414 -30.46 33.60 -19.36
CA ARG A 414 -31.21 33.04 -20.47
C ARG A 414 -31.98 34.14 -21.19
N PRO A 415 -32.08 34.06 -22.52
CA PRO A 415 -32.85 35.08 -23.25
C PRO A 415 -34.32 35.06 -22.84
N GLU A 416 -34.92 36.24 -22.78
CA GLU A 416 -36.30 36.38 -22.37
C GLU A 416 -37.24 36.34 -23.57
N TYR A 417 -38.41 35.74 -23.37
CA TYR A 417 -39.42 35.59 -24.40
C TYR A 417 -40.69 36.32 -23.98
N GLN A 418 -41.25 37.11 -24.89
CA GLN A 418 -42.43 37.90 -24.55
C GLN A 418 -43.66 37.02 -24.39
N SER A 419 -43.75 35.93 -25.13
CA SER A 419 -44.92 35.06 -25.09
C SER A 419 -45.00 34.36 -23.74
N PRO A 420 -46.11 34.47 -23.00
CA PRO A 420 -46.20 33.77 -21.71
C PRO A 420 -46.03 32.26 -21.82
N PHE A 421 -46.55 31.66 -22.89
CA PHE A 421 -46.39 30.22 -23.08
C PHE A 421 -44.93 29.86 -23.29
N LEU A 422 -44.21 30.65 -24.09
CA LEU A 422 -42.80 30.36 -24.34
C LEU A 422 -41.97 30.48 -23.07
N GLN A 423 -42.21 31.52 -22.26
CA GLN A 423 -41.43 31.67 -21.04
C GLN A 423 -41.80 30.62 -20.00
N SER A 424 -43.08 30.22 -19.95
CA SER A 424 -43.46 29.14 -19.05
C SER A 424 -42.80 27.83 -19.45
N ALA A 425 -42.75 27.53 -20.75
CA ALA A 425 -42.05 26.33 -21.21
C ALA A 425 -40.56 26.43 -20.93
N GLN A 426 -39.98 27.62 -21.08
CA GLN A 426 -38.57 27.83 -20.75
C GLN A 426 -38.30 27.53 -19.29
N PHE A 427 -39.16 28.03 -18.39
CA PHE A 427 -39.00 27.75 -16.96
C PHE A 427 -39.16 26.27 -16.68
N LEU A 428 -40.14 25.62 -17.32
CA LEU A 428 -40.36 24.20 -17.08
C LEU A 428 -39.18 23.36 -17.53
N PHE A 429 -38.63 23.65 -18.70
CA PHE A 429 -37.52 22.86 -19.23
C PHE A 429 -36.20 23.20 -18.56
N GLY A 430 -36.03 24.43 -18.07
CA GLY A 430 -34.83 24.78 -17.34
C GLY A 430 -34.79 24.33 -15.90
N HIS A 431 -35.91 23.83 -15.38
CA HIS A 431 -35.96 23.34 -14.01
C HIS A 431 -35.05 22.12 -13.87
N TYR A 432 -34.53 21.94 -12.66
CA TYR A 432 -33.60 20.84 -12.43
C TYR A 432 -34.29 19.48 -12.43
N TYR A 433 -35.63 19.44 -12.31
CA TYR A 433 -36.34 18.18 -12.45
C TYR A 433 -36.24 17.63 -13.87
N PHE A 434 -36.00 18.49 -14.86
CA PHE A 434 -35.74 18.01 -16.21
C PHE A 434 -34.47 17.17 -16.24
N ASP A 435 -33.48 17.54 -15.42
CA ASP A 435 -32.30 16.69 -15.28
C ASP A 435 -32.64 15.36 -14.63
N TYR A 436 -33.59 15.35 -13.68
CA TYR A 436 -34.04 14.09 -13.11
C TYR A 436 -34.66 13.19 -14.17
N LEU A 437 -35.52 13.76 -15.03
CA LEU A 437 -36.12 12.98 -16.10
C LEU A 437 -35.06 12.47 -17.08
N GLY A 438 -34.09 13.34 -17.43
CA GLY A 438 -33.03 12.92 -18.31
C GLY A 438 -32.20 11.79 -17.74
N ASN A 439 -31.88 11.87 -16.45
CA ASN A 439 -31.12 10.80 -15.80
C ASN A 439 -31.93 9.51 -15.74
N LEU A 440 -33.25 9.61 -15.52
CA LEU A 440 -34.08 8.40 -15.53
C LEU A 440 -34.08 7.74 -16.90
N ILE A 441 -34.24 8.54 -17.96
CA ILE A 441 -34.21 7.99 -19.31
C ILE A 441 -32.83 7.40 -19.62
N ALA A 442 -31.78 8.06 -19.15
CA ALA A 442 -30.42 7.54 -19.34
C ALA A 442 -30.23 6.20 -18.64
N LEU A 443 -30.77 6.07 -17.43
CA LEU A 443 -30.68 4.79 -16.72
C LEU A 443 -31.45 3.71 -17.47
N ALA A 444 -32.62 4.05 -18.00
CA ALA A 444 -33.37 3.09 -18.79
C ALA A 444 -32.58 2.66 -20.02
N ASN A 445 -31.92 3.61 -20.69
CA ASN A 445 -31.12 3.29 -21.86
C ASN A 445 -29.96 2.36 -21.50
N LEU A 446 -29.26 2.67 -20.41
CA LEU A 446 -28.12 1.86 -20.00
C LEU A 446 -28.56 0.45 -19.63
N VAL A 447 -29.65 0.33 -18.88
CA VAL A 447 -30.14 -1.00 -18.51
C VAL A 447 -30.58 -1.78 -19.73
N SER A 448 -31.24 -1.12 -20.69
CA SER A 448 -31.65 -1.81 -21.90
C SER A 448 -30.44 -2.31 -22.69
N ILE A 449 -29.40 -1.46 -22.81
CA ILE A 449 -28.21 -1.86 -23.55
C ILE A 449 -27.53 -3.04 -22.87
N CYS A 450 -27.39 -2.98 -21.54
CA CYS A 450 -26.75 -4.08 -20.82
C CYS A 450 -27.55 -5.37 -20.95
N VAL A 451 -28.88 -5.29 -20.84
CA VAL A 451 -29.71 -6.48 -20.93
C VAL A 451 -29.62 -7.10 -22.32
N PHE A 452 -29.73 -6.27 -23.37
CA PHE A 452 -29.65 -6.81 -24.73
C PHE A 452 -28.24 -7.18 -25.14
N LEU A 453 -27.23 -6.80 -24.35
CA LEU A 453 -25.89 -7.33 -24.55
C LEU A 453 -25.71 -8.68 -23.87
N VAL A 454 -26.23 -8.83 -22.66
CA VAL A 454 -26.14 -10.11 -21.96
C VAL A 454 -26.96 -11.18 -22.68
N LEU A 455 -28.16 -10.82 -23.15
CA LEU A 455 -28.99 -11.79 -23.85
C LEU A 455 -28.35 -12.25 -25.15
N ASP A 456 -27.77 -11.31 -25.92
CA ASP A 456 -27.23 -11.65 -27.23
C ASP A 456 -25.88 -12.37 -27.16
N ALA A 457 -25.27 -12.47 -25.98
CA ALA A 457 -24.03 -13.22 -25.88
C ALA A 457 -24.26 -14.72 -26.05
N ASP A 458 -25.41 -15.23 -25.62
CA ASP A 458 -25.67 -16.66 -25.71
C ASP A 458 -25.99 -17.08 -27.15
N VAL A 459 -26.77 -16.27 -27.86
CA VAL A 459 -27.26 -16.64 -29.19
C VAL A 459 -26.13 -16.59 -30.21
N LEU A 460 -26.37 -17.16 -31.38
CA LEU A 460 -25.36 -17.22 -32.43
C LEU A 460 -25.04 -15.81 -32.93
N PRO A 461 -23.79 -15.58 -33.35
CA PRO A 461 -23.40 -14.23 -33.80
C PRO A 461 -24.10 -13.78 -35.07
N ALA A 462 -24.70 -14.68 -35.84
CA ALA A 462 -25.34 -14.34 -37.09
C ALA A 462 -26.85 -14.46 -37.06
N GLU A 463 -27.44 -14.92 -35.95
CA GLU A 463 -28.88 -15.12 -35.84
C GLU A 463 -29.54 -14.08 -34.95
N ARG A 464 -28.80 -13.05 -34.52
CA ARG A 464 -29.38 -12.01 -33.67
C ARG A 464 -30.37 -11.17 -34.46
N ASP A 465 -31.42 -10.73 -33.77
CA ASP A 465 -32.45 -9.91 -34.41
C ASP A 465 -32.16 -8.41 -34.25
N ASP A 466 -31.86 -7.96 -33.03
CA ASP A 466 -31.47 -6.58 -32.76
C ASP A 466 -32.52 -5.57 -33.24
N PHE A 467 -33.80 -5.97 -33.22
CA PHE A 467 -34.87 -5.05 -33.60
C PHE A 467 -35.32 -4.18 -32.43
N ILE A 468 -35.65 -4.81 -31.30
CA ILE A 468 -36.09 -4.06 -30.13
C ILE A 468 -34.96 -3.15 -29.63
N LEU A 469 -33.73 -3.66 -29.60
CA LEU A 469 -32.61 -2.84 -29.17
C LEU A 469 -32.37 -1.67 -30.11
N GLY A 470 -32.49 -1.90 -31.42
CA GLY A 470 -32.35 -0.81 -32.37
C GLY A 470 -33.41 0.26 -32.20
N ILE A 471 -34.67 -0.17 -32.02
CA ILE A 471 -35.75 0.78 -31.81
C ILE A 471 -35.53 1.59 -30.54
N LEU A 472 -35.15 0.91 -29.46
CA LEU A 472 -34.93 1.60 -28.19
C LEU A 472 -33.78 2.58 -28.29
N ASN A 473 -32.68 2.19 -28.94
CA ASN A 473 -31.55 3.10 -29.09
C ASN A 473 -31.93 4.31 -29.95
N CYS A 474 -32.68 4.09 -31.03
CA CYS A 474 -33.13 5.21 -31.85
C CYS A 474 -34.01 6.16 -31.05
N VAL A 475 -34.96 5.62 -30.28
CA VAL A 475 -35.86 6.45 -29.49
C VAL A 475 -35.07 7.23 -28.44
N PHE A 476 -34.14 6.58 -27.76
CA PHE A 476 -33.39 7.24 -26.70
C PHE A 476 -32.46 8.32 -27.26
N ILE A 477 -31.86 8.08 -28.43
CA ILE A 477 -31.00 9.10 -29.03
C ILE A 477 -31.82 10.28 -29.53
N VAL A 478 -33.01 10.01 -30.09
CA VAL A 478 -33.91 11.10 -30.45
C VAL A 478 -34.31 11.90 -29.22
N TYR A 479 -34.58 11.22 -28.11
CA TYR A 479 -34.92 11.92 -26.87
C TYR A 479 -33.74 12.76 -26.38
N TYR A 480 -32.52 12.24 -26.48
CA TYR A 480 -31.34 13.00 -26.08
C TYR A 480 -31.20 14.26 -26.92
N LEU A 481 -31.41 14.15 -28.23
CA LEU A 481 -31.35 15.32 -29.10
C LEU A 481 -32.43 16.33 -28.73
N LEU A 482 -33.65 15.85 -28.46
CA LEU A 482 -34.74 16.75 -28.09
C LEU A 482 -34.44 17.44 -26.77
N GLU A 483 -33.88 16.71 -25.80
CA GLU A 483 -33.53 17.31 -24.52
C GLU A 483 -32.43 18.36 -24.69
N MET A 484 -31.44 18.08 -25.52
CA MET A 484 -30.39 19.07 -25.77
C MET A 484 -30.96 20.32 -26.41
N LEU A 485 -31.84 20.15 -27.40
CA LEU A 485 -32.46 21.32 -28.05
C LEU A 485 -33.31 22.11 -27.06
N LEU A 486 -34.06 21.41 -26.20
CA LEU A 486 -34.89 22.10 -25.22
C LEU A 486 -34.04 22.86 -24.20
N LYS A 487 -32.94 22.25 -23.75
CA LYS A 487 -32.06 22.94 -22.81
C LYS A 487 -31.41 24.15 -23.46
N VAL A 488 -31.01 24.04 -24.72
CA VAL A 488 -30.45 25.19 -25.43
C VAL A 488 -31.48 26.30 -25.56
N PHE A 489 -32.73 25.94 -25.87
CA PHE A 489 -33.80 26.93 -25.96
C PHE A 489 -34.05 27.61 -24.62
N ALA A 490 -34.07 26.83 -23.54
CA ALA A 490 -34.42 27.38 -22.24
C ALA A 490 -33.29 28.21 -21.61
N LEU A 491 -32.04 27.82 -21.84
CA LEU A 491 -30.90 28.46 -21.20
C LEU A 491 -30.04 29.28 -22.15
N GLY A 492 -30.37 29.32 -23.43
CA GLY A 492 -29.54 30.00 -24.40
C GLY A 492 -28.34 29.16 -24.78
N LEU A 493 -27.82 29.34 -25.99
CA LEU A 493 -26.70 28.53 -26.45
C LEU A 493 -25.47 28.76 -25.58
N ARG A 494 -25.11 30.03 -25.36
CA ARG A 494 -23.98 30.33 -24.49
C ARG A 494 -24.24 29.88 -23.06
N GLY A 495 -25.47 30.10 -22.57
CA GLY A 495 -25.80 29.65 -21.23
C GLY A 495 -25.73 28.14 -21.08
N TYR A 496 -26.23 27.41 -22.08
CA TYR A 496 -26.15 25.96 -22.05
C TYR A 496 -24.70 25.49 -22.08
N LEU A 497 -23.89 26.07 -22.97
CA LEU A 497 -22.50 25.66 -23.08
C LEU A 497 -21.65 26.14 -21.92
N SER A 498 -22.17 27.03 -21.07
CA SER A 498 -21.41 27.49 -19.91
C SER A 498 -21.08 26.33 -18.97
N TYR A 499 -22.06 25.47 -18.70
CA TYR A 499 -21.84 24.36 -17.78
C TYR A 499 -20.93 23.32 -18.44
N PRO A 500 -20.02 22.70 -17.67
CA PRO A 500 -19.19 21.65 -18.27
C PRO A 500 -19.95 20.35 -18.48
N SER A 501 -20.83 19.98 -17.54
CA SER A 501 -21.63 18.78 -17.72
C SER A 501 -22.57 18.92 -18.92
N ASN A 502 -23.17 20.11 -19.07
CA ASN A 502 -24.07 20.32 -20.19
C ASN A 502 -23.35 20.21 -21.54
N VAL A 503 -22.17 20.80 -21.65
CA VAL A 503 -21.42 20.71 -22.91
C VAL A 503 -20.93 19.28 -23.12
N PHE A 504 -20.56 18.58 -22.05
CA PHE A 504 -20.15 17.18 -22.18
C PHE A 504 -21.27 16.32 -22.74
N ASP A 505 -22.46 16.40 -22.13
CA ASP A 505 -23.56 15.56 -22.61
C ASP A 505 -24.05 16.04 -23.97
N GLY A 506 -23.90 17.32 -24.29
CA GLY A 506 -24.22 17.78 -25.64
C GLY A 506 -23.29 17.19 -26.68
N LEU A 507 -21.99 17.15 -26.40
CA LEU A 507 -21.06 16.51 -27.31
C LEU A 507 -21.37 15.03 -27.45
N LEU A 508 -21.67 14.37 -26.33
CA LEU A 508 -21.98 12.94 -26.38
C LEU A 508 -23.23 12.67 -27.21
N THR A 509 -24.28 13.46 -27.02
CA THR A 509 -25.50 13.24 -27.79
C THR A 509 -25.34 13.62 -29.25
N VAL A 510 -24.48 14.59 -29.56
CA VAL A 510 -24.18 14.91 -30.95
C VAL A 510 -23.48 13.72 -31.62
N VAL A 511 -22.50 13.14 -30.94
CA VAL A 511 -21.80 11.98 -31.50
C VAL A 511 -22.76 10.81 -31.67
N LEU A 512 -23.60 10.56 -30.67
CA LEU A 512 -24.56 9.46 -30.76
C LEU A 512 -25.57 9.69 -31.87
N LEU A 513 -26.01 10.95 -32.05
CA LEU A 513 -26.92 11.27 -33.14
C LEU A 513 -26.27 11.02 -34.50
N VAL A 514 -25.01 11.41 -34.64
CA VAL A 514 -24.30 11.19 -35.91
C VAL A 514 -24.21 9.69 -36.18
N LEU A 515 -23.81 8.92 -35.17
CA LEU A 515 -23.68 7.47 -35.35
C LEU A 515 -25.03 6.83 -35.69
N GLU A 516 -26.09 7.24 -35.00
CA GLU A 516 -27.41 6.66 -35.23
C GLU A 516 -27.93 7.01 -36.61
N ILE A 517 -27.73 8.25 -37.05
CA ILE A 517 -28.16 8.64 -38.39
C ILE A 517 -27.40 7.86 -39.45
N SER A 518 -26.09 7.70 -39.26
CA SER A 518 -25.32 6.89 -40.21
C SER A 518 -25.81 5.45 -40.24
N THR A 519 -26.06 4.86 -39.07
CA THR A 519 -26.55 3.49 -39.01
C THR A 519 -27.91 3.34 -39.68
N LEU A 520 -28.81 4.30 -39.45
CA LEU A 520 -30.12 4.22 -40.07
C LEU A 520 -30.03 4.40 -41.58
N ALA A 521 -29.13 5.28 -42.04
CA ALA A 521 -28.94 5.45 -43.47
C ALA A 521 -28.38 4.20 -44.13
N VAL A 522 -27.46 3.51 -43.45
CA VAL A 522 -26.89 2.29 -44.00
C VAL A 522 -27.89 1.14 -43.98
N TYR A 523 -28.66 1.02 -42.90
CA TYR A 523 -29.48 -0.16 -42.68
C TYR A 523 -30.98 0.07 -42.80
N ARG A 524 -31.41 1.29 -43.13
CA ARG A 524 -32.76 1.56 -43.66
C ARG A 524 -33.87 1.13 -42.69
N LEU A 525 -33.97 1.89 -41.59
CA LEU A 525 -35.19 1.89 -40.78
C LEU A 525 -35.53 0.53 -40.19
N PRO A 526 -34.88 0.12 -39.10
CA PRO A 526 -35.01 -1.25 -38.57
C PRO A 526 -36.40 -1.86 -38.59
N HIS A 527 -36.46 -3.16 -38.85
CA HIS A 527 -37.67 -3.94 -38.99
C HIS A 527 -37.52 -5.25 -38.22
N PRO A 528 -38.55 -6.10 -38.13
CA PRO A 528 -38.34 -7.42 -37.53
C PRO A 528 -37.23 -8.19 -38.25
N GLY A 529 -36.33 -8.76 -37.48
CA GLY A 529 -35.16 -9.43 -38.03
C GLY A 529 -34.20 -8.50 -38.73
N TRP A 530 -33.91 -7.35 -38.12
CA TRP A 530 -33.04 -6.33 -38.70
C TRP A 530 -31.62 -6.53 -38.19
N ARG A 531 -30.84 -7.30 -38.92
CA ARG A 531 -29.44 -7.53 -38.55
C ARG A 531 -28.63 -6.28 -38.84
N PRO A 532 -28.05 -5.63 -37.84
CA PRO A 532 -27.31 -4.37 -38.07
C PRO A 532 -25.81 -4.52 -38.25
N GLU A 533 -25.29 -5.74 -38.37
CA GLU A 533 -23.86 -5.98 -38.52
C GLU A 533 -23.61 -6.66 -39.85
N MET A 534 -22.72 -6.08 -40.65
CA MET A 534 -22.35 -6.62 -41.95
C MET A 534 -20.83 -6.66 -42.07
N VAL A 535 -20.34 -7.63 -42.83
CA VAL A 535 -18.90 -7.82 -42.97
C VAL A 535 -18.30 -6.66 -43.75
N GLY A 536 -17.25 -6.05 -43.19
CA GLY A 536 -16.58 -4.95 -43.84
C GLY A 536 -17.27 -3.61 -43.75
N LEU A 537 -18.22 -3.46 -42.82
CA LEU A 537 -18.94 -2.20 -42.64
C LEU A 537 -18.57 -1.51 -41.33
N LEU A 538 -17.34 -1.71 -40.86
CA LEU A 538 -16.73 -1.02 -39.72
C LEU A 538 -17.36 -1.40 -38.38
N SER A 539 -18.44 -2.20 -38.38
CA SER A 539 -19.16 -2.56 -37.16
C SER A 539 -19.56 -1.31 -36.38
N LEU A 540 -20.38 -0.48 -37.04
CA LEU A 540 -20.81 0.78 -36.43
C LEU A 540 -21.75 0.56 -35.25
N TRP A 541 -22.46 -0.57 -35.23
CA TRP A 541 -23.36 -0.85 -34.11
C TRP A 541 -22.59 -0.98 -32.79
N ASP A 542 -21.46 -1.69 -32.82
CA ASP A 542 -20.66 -1.84 -31.61
C ASP A 542 -20.11 -0.49 -31.15
N MET A 543 -19.66 0.34 -32.09
CA MET A 543 -19.17 1.67 -31.73
C MET A 543 -20.27 2.52 -31.12
N THR A 544 -21.48 2.47 -31.71
CA THR A 544 -22.60 3.22 -31.18
C THR A 544 -22.94 2.78 -29.76
N ARG A 545 -23.01 1.46 -29.52
CA ARG A 545 -23.34 0.98 -28.19
C ARG A 545 -22.22 1.26 -27.19
N MET A 546 -20.97 1.30 -27.63
CA MET A 546 -19.88 1.61 -26.71
C MET A 546 -19.89 3.09 -26.34
N LEU A 547 -20.15 3.96 -27.32
CA LEU A 547 -20.20 5.37 -26.96
C LEU A 547 -21.46 5.68 -26.16
N ASN A 548 -22.54 4.91 -26.40
CA ASN A 548 -23.77 5.06 -25.63
C ASN A 548 -23.58 4.59 -24.20
N MET A 549 -22.55 3.79 -23.94
CA MET A 549 -22.27 3.38 -22.57
C MET A 549 -21.43 4.39 -21.80
N LEU A 550 -21.12 5.53 -22.40
CA LEU A 550 -20.55 6.67 -21.69
C LEU A 550 -21.61 7.49 -20.97
N ILE A 551 -22.87 7.08 -21.09
CA ILE A 551 -23.98 7.74 -20.38
C ILE A 551 -23.81 7.65 -18.87
N VAL A 552 -23.16 6.60 -18.37
CA VAL A 552 -23.06 6.36 -16.94
C VAL A 552 -22.41 7.53 -16.20
N PHE A 553 -21.68 8.40 -16.92
CA PHE A 553 -21.13 9.58 -16.28
C PHE A 553 -22.22 10.53 -15.80
N ARG A 554 -23.41 10.49 -16.41
CA ARG A 554 -24.55 11.27 -15.92
C ARG A 554 -24.91 10.92 -14.48
N PHE A 555 -24.62 9.70 -14.05
CA PHE A 555 -24.86 9.30 -12.67
C PHE A 555 -23.60 9.34 -11.82
N LEU A 556 -22.44 9.10 -12.43
CA LEU A 556 -21.20 9.13 -11.66
C LEU A 556 -20.77 10.55 -11.30
N ARG A 557 -21.25 11.57 -12.03
CA ARG A 557 -20.87 12.94 -11.73
C ARG A 557 -21.66 13.55 -10.58
N ILE A 558 -22.70 12.88 -10.09
CA ILE A 558 -23.54 13.40 -9.02
C ILE A 558 -23.35 12.60 -7.73
N ILE A 559 -22.26 11.84 -7.63
CA ILE A 559 -21.97 11.07 -6.41
C ILE A 559 -21.61 11.96 -5.22
N PRO A 560 -21.02 13.18 -5.37
CA PRO A 560 -20.76 13.99 -4.16
C PRO A 560 -22.02 14.41 -3.41
N SER A 561 -23.20 14.08 -3.95
CA SER A 561 -24.45 14.37 -3.24
C SER A 561 -24.52 13.61 -1.92
N MET A 562 -24.17 12.32 -1.94
CA MET A 562 -24.16 11.52 -0.71
C MET A 562 -22.87 11.77 0.07
N LYS A 563 -23.00 11.80 1.39
CA LYS A 563 -21.87 12.16 2.25
C LYS A 563 -20.68 11.22 2.13
N PRO A 564 -20.83 9.89 2.14
CA PRO A 564 -19.64 9.03 2.03
C PRO A 564 -18.86 9.23 0.75
N MET A 565 -19.52 9.52 -0.36
CA MET A 565 -18.83 9.72 -1.63
C MET A 565 -18.21 11.11 -1.76
N ALA A 566 -18.56 12.04 -0.87
CA ALA A 566 -18.01 13.39 -0.97
C ALA A 566 -16.50 13.39 -0.77
N VAL A 567 -16.01 12.62 0.20
CA VAL A 567 -14.58 12.58 0.45
C VAL A 567 -13.85 11.88 -0.70
N VAL A 568 -14.48 10.88 -1.32
CA VAL A 568 -13.90 10.23 -2.49
C VAL A 568 -13.80 11.22 -3.65
N ALA A 569 -14.86 12.00 -3.87
CA ALA A 569 -14.82 13.01 -4.93
C ALA A 569 -13.75 14.05 -4.66
N SER A 570 -13.61 14.48 -3.40
CA SER A 570 -12.56 15.43 -3.05
C SER A 570 -11.18 14.84 -3.30
N THR A 571 -10.99 13.57 -2.96
CA THR A 571 -9.71 12.91 -3.22
C THR A 571 -9.41 12.85 -4.71
N VAL A 572 -10.43 12.54 -5.52
CA VAL A 572 -10.23 12.47 -6.96
C VAL A 572 -9.85 13.84 -7.51
N LEU A 573 -10.56 14.87 -7.06
CA LEU A 573 -10.27 16.23 -7.53
C LEU A 573 -8.86 16.66 -7.14
N GLY A 574 -8.47 16.39 -5.89
CA GLY A 574 -7.11 16.74 -5.46
C GLY A 574 -6.05 15.97 -6.19
N LEU A 575 -6.30 14.70 -6.49
CA LEU A 575 -5.33 13.89 -7.22
C LEU A 575 -5.21 14.35 -8.67
N VAL A 576 -6.31 14.80 -9.27
CA VAL A 576 -6.25 15.33 -10.63
C VAL A 576 -5.53 16.68 -10.65
N GLN A 577 -5.79 17.53 -9.65
CA GLN A 577 -5.08 18.80 -9.58
C GLN A 577 -3.58 18.59 -9.36
N ASN A 578 -3.22 17.62 -8.52
CA ASN A 578 -1.83 17.24 -8.31
C ASN A 578 -1.39 16.08 -9.20
N MET A 579 -2.00 15.94 -10.38
CA MET A 579 -1.63 14.85 -11.28
C MET A 579 -0.18 14.97 -11.73
N ARG A 580 0.35 16.19 -11.81
CA ARG A 580 1.72 16.38 -12.30
C ARG A 580 2.74 15.70 -11.39
N ALA A 581 2.54 15.79 -10.08
CA ALA A 581 3.55 15.34 -9.11
C ALA A 581 3.95 13.89 -9.35
N PHE A 582 2.98 13.01 -9.53
CA PHE A 582 3.29 11.60 -9.79
C PHE A 582 3.35 11.27 -11.27
N GLY A 583 2.59 12.00 -12.10
CA GLY A 583 2.59 11.72 -13.53
C GLY A 583 3.93 11.99 -14.19
N GLY A 584 4.59 13.08 -13.80
CA GLY A 584 5.89 13.38 -14.37
C GLY A 584 6.94 12.36 -13.98
N ILE A 585 6.94 11.92 -12.73
CA ILE A 585 7.86 10.87 -12.31
C ILE A 585 7.57 9.57 -13.06
N LEU A 586 6.28 9.25 -13.22
CA LEU A 586 5.92 8.06 -13.98
C LEU A 586 6.44 8.13 -15.41
N VAL A 587 6.24 9.28 -16.06
CA VAL A 587 6.68 9.44 -17.44
C VAL A 587 8.19 9.35 -17.56
N VAL A 588 8.91 10.01 -16.66
CA VAL A 588 10.37 9.98 -16.70
C VAL A 588 10.88 8.56 -16.51
N VAL A 589 10.34 7.85 -15.52
CA VAL A 589 10.79 6.50 -15.21
C VAL A 589 10.50 5.57 -16.38
N TYR A 590 9.27 5.63 -16.91
CA TYR A 590 8.90 4.75 -18.02
C TYR A 590 9.73 5.05 -19.25
N TYR A 591 9.97 6.33 -19.55
CA TYR A 591 10.76 6.68 -20.72
C TYR A 591 12.18 6.16 -20.61
N VAL A 592 12.82 6.41 -19.45
CA VAL A 592 14.20 5.97 -19.27
C VAL A 592 14.31 4.45 -19.37
N PHE A 593 13.41 3.74 -18.68
CA PHE A 593 13.51 2.29 -18.68
C PHE A 593 13.12 1.70 -20.03
N ALA A 594 12.20 2.33 -20.76
CA ALA A 594 11.86 1.86 -22.09
C ALA A 594 13.03 2.03 -23.04
N ILE A 595 13.73 3.17 -22.97
CA ILE A 595 14.88 3.38 -23.83
C ILE A 595 15.99 2.39 -23.49
N ILE A 596 16.23 2.16 -22.19
CA ILE A 596 17.25 1.20 -21.80
C ILE A 596 16.87 -0.21 -22.27
N GLY A 597 15.60 -0.59 -22.13
CA GLY A 597 15.18 -1.91 -22.59
C GLY A 597 15.30 -2.09 -24.09
N ILE A 598 14.96 -1.05 -24.85
CA ILE A 598 15.13 -1.10 -26.29
C ILE A 598 16.59 -1.24 -26.66
N ASN A 599 17.47 -0.52 -25.94
CA ASN A 599 18.90 -0.63 -26.21
C ASN A 599 19.45 -2.00 -25.82
N LEU A 600 18.81 -2.66 -24.85
CA LEU A 600 19.30 -3.93 -24.33
C LEU A 600 18.62 -5.14 -24.95
N PHE A 601 17.30 -5.15 -25.00
CA PHE A 601 16.52 -6.32 -25.42
C PHE A 601 15.77 -6.08 -26.72
N ARG A 602 16.42 -5.45 -27.71
CA ARG A 602 15.74 -5.09 -28.94
C ARG A 602 15.24 -6.34 -29.67
N GLY A 603 16.17 -7.18 -30.12
CA GLY A 603 15.80 -8.34 -30.92
C GLY A 603 16.13 -9.66 -30.28
N VAL A 604 15.91 -9.78 -28.97
CA VAL A 604 16.27 -11.00 -28.26
C VAL A 604 15.15 -12.03 -28.25
N ILE A 605 13.90 -11.62 -28.42
CA ILE A 605 12.75 -12.53 -28.40
C ILE A 605 12.31 -12.74 -29.83
N VAL A 606 12.55 -13.95 -30.36
CA VAL A 606 12.15 -14.31 -31.71
C VAL A 606 11.50 -15.68 -31.66
N ALA A 607 10.36 -15.84 -32.33
CA ALA A 607 9.64 -17.10 -32.38
C ALA A 607 10.15 -17.94 -33.55
N LEU A 608 10.74 -19.07 -33.24
CA LEU A 608 11.26 -19.95 -34.28
C LEU A 608 10.12 -20.65 -35.00
N PRO A 609 9.98 -20.49 -36.33
CA PRO A 609 8.90 -21.12 -37.10
C PRO A 609 9.00 -22.64 -37.11
N SER A 620 4.85 -27.99 -26.98
CA SER A 620 6.18 -28.48 -26.68
C SER A 620 6.83 -27.67 -25.57
N ALA A 621 6.44 -26.40 -25.46
CA ALA A 621 6.99 -25.52 -24.45
C ALA A 621 6.47 -25.93 -23.07
N PRO A 622 7.26 -25.68 -22.02
CA PRO A 622 6.79 -25.99 -20.66
C PRO A 622 5.52 -25.21 -20.33
N CYS A 623 4.65 -25.85 -19.54
CA CYS A 623 3.30 -25.32 -19.34
C CYS A 623 3.31 -23.93 -18.71
N GLY A 624 4.30 -23.62 -17.89
CA GLY A 624 4.32 -22.34 -17.21
C GLY A 624 5.32 -21.36 -17.78
N SER A 625 5.76 -21.61 -19.01
CA SER A 625 6.86 -20.85 -19.58
C SER A 625 6.34 -19.63 -20.35
N PHE A 626 7.29 -18.84 -20.85
CA PHE A 626 6.98 -17.66 -21.66
C PHE A 626 6.32 -18.04 -22.97
N GLU A 627 6.78 -19.12 -23.60
CA GLU A 627 6.25 -19.52 -24.90
C GLU A 627 4.84 -20.08 -24.80
N GLN A 628 4.57 -20.91 -23.78
CA GLN A 628 3.25 -21.53 -23.68
C GLN A 628 2.18 -20.49 -23.39
N LEU A 629 2.46 -19.53 -22.51
CA LEU A 629 1.49 -18.48 -22.22
C LEU A 629 1.32 -17.50 -23.35
N GLU A 630 2.16 -17.57 -24.39
CA GLU A 630 2.05 -16.71 -25.57
C GLU A 630 2.20 -15.24 -25.19
N TYR A 631 3.24 -14.94 -24.41
CA TYR A 631 3.57 -13.57 -24.05
C TYR A 631 4.42 -12.86 -25.09
N TRP A 632 4.40 -13.34 -26.35
CA TRP A 632 5.29 -12.80 -27.37
C TRP A 632 5.08 -11.31 -27.61
N ALA A 633 3.90 -10.78 -27.28
CA ALA A 633 3.63 -9.35 -27.46
C ALA A 633 4.34 -8.49 -26.43
N ASN A 634 4.90 -9.07 -25.38
CA ASN A 634 5.60 -8.31 -24.35
C ASN A 634 7.10 -8.35 -24.62
N ASN A 635 7.50 -7.62 -25.65
CA ASN A 635 8.89 -7.50 -26.09
C ASN A 635 9.34 -6.05 -25.99
N PHE A 636 10.61 -5.82 -26.34
CA PHE A 636 11.22 -4.49 -26.26
C PHE A 636 11.67 -4.01 -27.65
N ASP A 637 10.99 -4.45 -28.70
CA ASP A 637 11.42 -4.13 -30.05
C ASP A 637 11.09 -2.69 -30.45
N ASP A 638 10.16 -2.04 -29.75
CA ASP A 638 9.79 -0.66 -30.05
C ASP A 638 9.21 -0.03 -28.80
N PHE A 639 8.96 1.28 -28.88
CA PHE A 639 8.66 2.06 -27.69
C PHE A 639 7.32 1.66 -27.07
N ALA A 640 6.29 1.46 -27.89
CA ALA A 640 4.98 1.10 -27.35
C ALA A 640 5.01 -0.28 -26.69
N ALA A 641 5.65 -1.25 -27.35
CA ALA A 641 5.78 -2.58 -26.74
C ALA A 641 6.63 -2.52 -25.48
N ALA A 642 7.67 -1.68 -25.48
CA ALA A 642 8.46 -1.50 -24.26
C ALA A 642 7.62 -0.94 -23.13
N LEU A 643 6.79 0.06 -23.41
CA LEU A 643 5.92 0.63 -22.39
C LEU A 643 4.93 -0.39 -21.85
N VAL A 644 4.33 -1.19 -22.74
CA VAL A 644 3.38 -2.20 -22.28
C VAL A 644 4.08 -3.27 -21.46
N THR A 645 5.28 -3.68 -21.88
CA THR A 645 6.03 -4.67 -21.10
C THR A 645 6.40 -4.12 -19.73
N LEU A 646 6.84 -2.86 -19.67
CA LEU A 646 7.18 -2.26 -18.38
C LEU A 646 5.95 -2.10 -17.50
N TRP A 647 4.78 -1.86 -18.09
CA TRP A 647 3.55 -1.84 -17.30
C TRP A 647 3.24 -3.23 -16.74
N ASN A 648 3.34 -4.26 -17.58
CA ASN A 648 3.09 -5.62 -17.13
C ASN A 648 4.10 -6.08 -16.10
N LEU A 649 5.29 -5.48 -16.08
CA LEU A 649 6.28 -5.78 -15.06
C LEU A 649 6.06 -4.96 -13.78
N MET A 650 5.51 -3.75 -13.90
CA MET A 650 5.17 -2.98 -12.71
C MET A 650 4.11 -3.68 -11.89
N VAL A 651 3.11 -4.26 -12.55
CA VAL A 651 2.18 -5.18 -11.91
C VAL A 651 2.92 -6.51 -11.76
N VAL A 652 3.36 -6.80 -10.54
CA VAL A 652 4.37 -7.83 -10.29
C VAL A 652 3.88 -9.23 -10.63
N ASN A 653 2.63 -9.34 -11.08
CA ASN A 653 2.09 -10.66 -11.40
C ASN A 653 2.85 -11.28 -12.57
N ASN A 654 3.07 -12.60 -12.47
CA ASN A 654 3.81 -13.36 -13.48
C ASN A 654 5.18 -12.73 -13.77
N TRP A 655 5.82 -12.22 -12.72
CA TRP A 655 7.14 -11.62 -12.87
C TRP A 655 8.18 -12.67 -13.22
N GLN A 656 8.11 -13.84 -12.58
CA GLN A 656 9.11 -14.88 -12.82
C GLN A 656 9.08 -15.39 -14.25
N VAL A 657 7.93 -15.31 -14.91
CA VAL A 657 7.86 -15.72 -16.31
C VAL A 657 8.77 -14.83 -17.17
N PHE A 658 8.63 -13.52 -17.02
CA PHE A 658 9.49 -12.59 -17.74
C PHE A 658 10.95 -12.75 -17.33
N LEU A 659 11.20 -12.93 -16.02
CA LEU A 659 12.56 -13.09 -15.55
C LEU A 659 13.24 -14.29 -16.23
N ASP A 660 12.56 -15.44 -16.22
CA ASP A 660 13.14 -16.63 -16.84
C ASP A 660 13.26 -16.48 -18.35
N ALA A 661 12.27 -15.86 -19.00
CA ALA A 661 12.33 -15.68 -20.43
C ALA A 661 13.53 -14.84 -20.84
N TYR A 662 13.73 -13.71 -20.17
CA TYR A 662 14.85 -12.84 -20.53
C TYR A 662 16.18 -13.39 -20.03
N ARG A 663 16.19 -14.22 -18.99
CA ARG A 663 17.41 -14.95 -18.64
C ARG A 663 17.81 -15.92 -19.75
N ARG A 664 16.83 -16.60 -20.34
CA ARG A 664 17.12 -17.55 -21.40
C ARG A 664 17.44 -16.87 -22.73
N TYR A 665 16.85 -15.70 -23.00
CA TYR A 665 17.03 -15.07 -24.30
C TYR A 665 18.18 -14.07 -24.33
N SER A 666 18.38 -13.29 -23.26
CA SER A 666 19.36 -12.22 -23.28
C SER A 666 20.53 -12.45 -22.34
N GLY A 667 20.43 -13.38 -21.40
CA GLY A 667 21.50 -13.64 -20.47
C GLY A 667 21.06 -13.55 -19.03
N PRO A 668 21.81 -14.21 -18.14
CA PRO A 668 21.40 -14.24 -16.72
C PRO A 668 21.45 -12.89 -16.04
N TRP A 669 22.34 -11.98 -16.47
CA TRP A 669 22.50 -10.71 -15.79
C TRP A 669 21.35 -9.75 -16.07
N SER A 670 20.56 -10.01 -17.12
CA SER A 670 19.44 -9.14 -17.44
C SER A 670 18.48 -8.98 -16.28
N LYS A 671 18.39 -9.99 -15.40
CA LYS A 671 17.55 -9.89 -14.21
C LYS A 671 17.82 -8.61 -13.44
N ILE A 672 19.08 -8.21 -13.34
CA ILE A 672 19.44 -6.97 -12.64
C ILE A 672 18.54 -5.84 -13.10
N TYR A 673 18.46 -5.64 -14.42
CA TYR A 673 17.64 -4.56 -14.97
C TYR A 673 16.22 -4.65 -14.43
N PHE A 674 15.61 -5.83 -14.55
CA PHE A 674 14.23 -5.99 -14.08
C PHE A 674 14.14 -5.72 -12.59
N VAL A 675 15.12 -6.19 -11.82
CA VAL A 675 15.14 -5.92 -10.40
C VAL A 675 15.12 -4.42 -10.16
N LEU A 676 15.97 -3.69 -10.89
CA LEU A 676 15.98 -2.24 -10.77
C LEU A 676 14.61 -1.67 -11.10
N TRP A 677 13.98 -2.19 -12.16
CA TRP A 677 12.63 -1.77 -12.50
C TRP A 677 11.70 -1.98 -11.32
N TRP A 678 11.76 -3.17 -10.70
CA TRP A 678 10.91 -3.44 -9.56
C TRP A 678 11.21 -2.49 -8.40
N LEU A 679 12.45 -2.05 -8.29
CA LEU A 679 12.76 -1.07 -7.25
C LEU A 679 12.24 0.31 -7.60
N VAL A 680 12.23 0.67 -8.89
CA VAL A 680 11.97 2.05 -9.27
C VAL A 680 10.48 2.31 -9.47
N SER A 681 9.75 1.35 -10.05
CA SER A 681 8.34 1.55 -10.37
C SER A 681 7.41 0.91 -9.34
N SER A 682 7.53 -0.39 -9.13
CA SER A 682 6.58 -1.09 -8.26
C SER A 682 6.81 -0.80 -6.79
N VAL A 683 8.01 -0.42 -6.39
CA VAL A 683 8.34 -0.17 -4.99
C VAL A 683 8.36 1.33 -4.68
N ILE A 684 9.04 2.13 -5.49
CA ILE A 684 9.16 3.55 -5.21
C ILE A 684 7.96 4.33 -5.75
N TRP A 685 7.61 4.11 -7.02
CA TRP A 685 6.56 4.93 -7.62
C TRP A 685 5.18 4.55 -7.11
N VAL A 686 4.91 3.26 -6.93
CA VAL A 686 3.59 2.86 -6.44
C VAL A 686 3.37 3.37 -5.02
N ASN A 687 4.39 3.29 -4.17
CA ASN A 687 4.30 3.86 -2.84
C ASN A 687 4.18 5.38 -2.89
N LEU A 688 4.82 6.01 -3.87
CA LEU A 688 4.66 7.46 -4.06
C LEU A 688 3.21 7.81 -4.39
N PHE A 689 2.59 7.05 -5.29
CA PHE A 689 1.20 7.29 -5.66
C PHE A 689 0.28 7.04 -4.46
N LEU A 690 0.57 6.01 -3.68
CA LEU A 690 -0.22 5.75 -2.47
C LEU A 690 -0.06 6.88 -1.46
N ALA A 691 1.15 7.40 -1.29
CA ALA A 691 1.37 8.52 -0.39
C ALA A 691 0.61 9.76 -0.85
N LEU A 692 0.61 10.02 -2.16
CA LEU A 692 -0.14 11.16 -2.67
C LEU A 692 -1.65 10.96 -2.51
N ILE A 693 -2.12 9.72 -2.66
CA ILE A 693 -3.53 9.43 -2.40
C ILE A 693 -3.87 9.73 -0.94
N LEU A 694 -3.01 9.27 -0.02
CA LEU A 694 -3.23 9.54 1.39
C LEU A 694 -3.24 11.03 1.69
N GLU A 695 -2.29 11.76 1.11
CA GLU A 695 -2.21 13.20 1.35
C GLU A 695 -3.44 13.94 0.83
N ASN A 696 -3.89 13.59 -0.38
CA ASN A 696 -5.08 14.22 -0.94
C ASN A 696 -6.35 13.81 -0.20
N PHE A 697 -6.37 12.62 0.38
CA PHE A 697 -7.52 12.21 1.19
C PHE A 697 -7.56 12.94 2.51
N LEU A 698 -6.41 13.16 3.14
CA LEU A 698 -6.37 13.76 4.46
C LEU A 698 -6.21 15.28 4.44
N HIS A 699 -6.01 15.89 3.28
CA HIS A 699 -5.86 17.34 3.21
C HIS A 699 -7.12 18.04 3.68
N LYS A 700 -8.21 17.87 2.95
CA LYS A 700 -9.47 18.53 3.32
C LYS A 700 -10.02 17.97 4.62
N TRP A 701 -9.96 16.65 4.80
CA TRP A 701 -10.49 16.01 5.99
C TRP A 701 -9.58 16.27 7.20
N ALA B 39 -11.77 0.91 63.61
CA ALA B 39 -12.20 -0.49 63.61
C ALA B 39 -11.99 -1.10 62.23
N ALA B 40 -12.96 -1.92 61.80
CA ALA B 40 -12.89 -2.54 60.48
C ALA B 40 -13.03 -1.51 59.36
N ARG B 41 -13.60 -0.33 59.64
CA ARG B 41 -13.73 0.70 58.61
C ARG B 41 -12.35 1.15 58.13
N TRP B 42 -11.37 1.20 59.03
CA TRP B 42 -10.00 1.54 58.60
C TRP B 42 -9.46 0.51 57.63
N ASP B 43 -9.67 -0.78 57.91
CA ASP B 43 -9.23 -1.83 57.00
C ASP B 43 -9.94 -1.73 55.66
N LEU B 44 -11.25 -1.46 55.67
CA LEU B 44 -11.99 -1.31 54.44
C LEU B 44 -11.46 -0.14 53.61
N CYS B 45 -11.20 0.99 54.26
CA CYS B 45 -10.70 2.16 53.55
C CYS B 45 -9.31 1.91 52.97
N ILE B 46 -8.42 1.28 53.75
CA ILE B 46 -7.06 1.06 53.25
C ILE B 46 -7.08 0.05 52.09
N ASP B 47 -7.94 -0.96 52.18
CA ASP B 47 -8.04 -1.92 51.07
C ASP B 47 -8.62 -1.26 49.82
N GLN B 48 -9.62 -0.38 49.98
CA GLN B 48 -10.13 0.36 48.83
C GLN B 48 -9.06 1.25 48.22
N ALA B 49 -8.24 1.89 49.05
CA ALA B 49 -7.15 2.70 48.53
C ALA B 49 -6.15 1.83 47.77
N VAL B 50 -5.85 0.65 48.30
CA VAL B 50 -4.89 -0.25 47.64
C VAL B 50 -5.42 -0.67 46.27
N VAL B 51 -6.70 -1.06 46.21
CA VAL B 51 -7.25 -1.53 44.94
C VAL B 51 -7.36 -0.38 43.94
N PHE B 52 -7.68 0.83 44.42
CA PHE B 52 -7.72 1.98 43.53
C PHE B 52 -6.34 2.31 42.98
N ILE B 53 -5.30 2.21 43.82
CA ILE B 53 -3.94 2.45 43.35
C ILE B 53 -3.54 1.40 42.33
N GLU B 54 -3.91 0.14 42.58
CA GLU B 54 -3.59 -0.92 41.62
C GLU B 54 -4.29 -0.66 40.28
N ASP B 55 -5.55 -0.23 40.32
CA ASP B 55 -6.27 0.08 39.09
C ASP B 55 -5.62 1.26 38.36
N ALA B 56 -5.19 2.28 39.10
CA ALA B 56 -4.50 3.41 38.47
C ALA B 56 -3.19 2.97 37.83
N ILE B 57 -2.45 2.08 38.50
CA ILE B 57 -1.20 1.59 37.93
C ILE B 57 -1.46 0.77 36.67
N GLN B 58 -2.51 -0.04 36.68
CA GLN B 58 -2.81 -0.91 35.55
C GLN B 58 -3.77 -0.28 34.54
N TYR B 59 -4.14 0.98 34.74
CA TYR B 59 -5.02 1.71 33.82
C TYR B 59 -6.38 1.02 33.68
N ARG B 60 -7.03 0.77 34.81
CA ARG B 60 -8.34 0.16 34.81
C ARG B 60 -9.37 1.11 35.40
N SER B 61 -10.64 0.84 35.10
CA SER B 61 -11.73 1.69 35.53
C SER B 61 -11.99 1.51 37.03
N ILE B 62 -12.90 2.33 37.56
CA ILE B 62 -13.26 2.33 38.97
C ILE B 62 -14.75 2.04 39.14
N ASN B 63 -15.38 1.43 38.13
CA ASN B 63 -16.80 1.12 38.22
C ASN B 63 -17.08 -0.17 38.98
N HIS B 64 -16.06 -0.93 39.35
CA HIS B 64 -16.26 -2.17 40.09
C HIS B 64 -16.67 -1.88 41.53
N ARG B 65 -17.52 -2.73 42.07
CA ARG B 65 -17.95 -2.60 43.46
C ARG B 65 -16.78 -2.86 44.40
N VAL B 66 -16.74 -2.14 45.51
CA VAL B 66 -15.64 -2.22 46.46
C VAL B 66 -16.23 -2.59 47.82
N ASP B 67 -16.23 -3.89 48.12
CA ASP B 67 -16.62 -4.41 49.42
C ASP B 67 -15.49 -5.31 49.92
N ALA B 68 -15.64 -5.81 51.15
CA ALA B 68 -14.61 -6.66 51.74
C ALA B 68 -14.35 -7.90 50.88
N SER B 69 -15.42 -8.60 50.50
CA SER B 69 -15.28 -9.78 49.66
C SER B 69 -15.02 -9.43 48.21
N SER B 70 -15.68 -8.38 47.70
CA SER B 70 -15.55 -8.01 46.30
C SER B 70 -14.14 -7.54 45.98
N MET B 71 -13.49 -6.82 46.90
CA MET B 71 -12.12 -6.40 46.66
C MET B 71 -11.18 -7.59 46.58
N TRP B 72 -11.35 -8.57 47.47
CA TRP B 72 -10.53 -9.78 47.42
C TRP B 72 -10.74 -10.54 46.12
N LEU B 73 -12.01 -10.67 45.70
CA LEU B 73 -12.29 -11.35 44.43
C LEU B 73 -11.71 -10.59 43.25
N TYR B 74 -11.75 -9.25 43.31
CA TYR B 74 -11.18 -8.43 42.25
C TYR B 74 -9.67 -8.62 42.16
N ARG B 75 -8.99 -8.62 43.30
CA ARG B 75 -7.54 -8.79 43.30
C ARG B 75 -7.16 -10.19 42.83
N ARG B 76 -7.93 -11.21 43.22
CA ARG B 76 -7.65 -12.56 42.74
C ARG B 76 -7.91 -12.69 41.24
N TYR B 77 -8.99 -12.09 40.75
CA TYR B 77 -9.39 -12.27 39.36
C TYR B 77 -8.45 -11.54 38.41
N TYR B 78 -8.03 -10.33 38.76
CA TYR B 78 -7.11 -9.57 37.92
C TYR B 78 -5.65 -9.89 38.23
N SER B 79 -5.39 -10.86 39.10
CA SER B 79 -4.03 -11.31 39.35
C SER B 79 -3.41 -11.84 38.06
N ASN B 80 -2.08 -11.92 38.04
CA ASN B 80 -1.39 -12.42 36.86
C ASN B 80 -1.75 -13.86 36.57
N VAL B 81 -1.90 -14.68 37.61
CA VAL B 81 -2.16 -16.11 37.43
C VAL B 81 -3.49 -16.32 36.70
N CYS B 82 -4.53 -15.63 37.15
CA CYS B 82 -5.86 -15.82 36.55
C CYS B 82 -5.89 -15.32 35.11
N GLN B 83 -5.23 -14.19 34.82
CA GLN B 83 -5.20 -13.69 33.45
C GLN B 83 -4.44 -14.63 32.53
N ARG B 84 -3.31 -15.17 33.00
CA ARG B 84 -2.58 -16.14 32.20
C ARG B 84 -3.41 -17.40 31.98
N THR B 85 -4.12 -17.85 33.02
CA THR B 85 -4.98 -19.03 32.86
C THR B 85 -6.09 -18.79 31.84
N LEU B 86 -6.70 -17.60 31.88
CA LEU B 86 -7.76 -17.30 30.92
C LEU B 86 -7.20 -17.22 29.49
N SER B 87 -6.03 -16.60 29.33
CA SER B 87 -5.42 -16.53 28.00
C SER B 87 -5.07 -17.92 27.49
N PHE B 88 -4.54 -18.78 28.36
CA PHE B 88 -4.23 -20.14 27.94
C PHE B 88 -5.50 -20.93 27.61
N THR B 89 -6.58 -20.69 28.35
CA THR B 89 -7.84 -21.37 28.02
C THR B 89 -8.36 -20.93 26.66
N ILE B 90 -8.25 -19.63 26.36
CA ILE B 90 -8.63 -19.14 25.03
C ILE B 90 -7.76 -19.80 23.96
N PHE B 91 -6.46 -19.86 24.19
CA PHE B 91 -5.56 -20.49 23.23
C PHE B 91 -5.93 -21.95 23.02
N LEU B 92 -6.24 -22.66 24.10
CA LEU B 92 -6.59 -24.08 23.99
C LEU B 92 -7.89 -24.27 23.23
N ILE B 93 -8.90 -23.44 23.51
CA ILE B 93 -10.18 -23.60 22.82
C ILE B 93 -10.04 -23.24 21.34
N LEU B 94 -9.12 -22.34 20.99
CA LEU B 94 -8.87 -22.08 19.58
C LEU B 94 -8.03 -23.17 18.94
N PHE B 95 -7.12 -23.79 19.69
CA PHE B 95 -6.24 -24.82 19.17
C PHE B 95 -6.94 -26.17 19.03
N LEU B 96 -8.06 -26.37 19.74
CA LEU B 96 -8.79 -27.63 19.62
C LEU B 96 -9.25 -27.91 18.19
N ALA B 97 -9.37 -26.89 17.34
CA ALA B 97 -9.80 -27.11 15.97
C ALA B 97 -8.79 -27.95 15.18
N PHE B 98 -7.54 -28.02 15.64
CA PHE B 98 -6.53 -28.81 14.97
C PHE B 98 -6.70 -30.31 15.21
N ILE B 99 -7.45 -30.70 16.25
CA ILE B 99 -7.61 -32.11 16.57
C ILE B 99 -9.07 -32.52 16.62
N GLU B 100 -9.92 -31.80 15.89
CA GLU B 100 -11.34 -32.14 15.84
C GLU B 100 -11.55 -33.31 14.88
N THR B 101 -12.80 -33.57 14.50
CA THR B 101 -13.09 -34.72 13.63
C THR B 101 -12.34 -34.65 12.31
N PRO B 102 -12.32 -33.52 11.58
CA PRO B 102 -11.35 -33.41 10.47
C PRO B 102 -9.95 -33.20 11.01
N SER B 103 -9.35 -34.26 11.54
CA SER B 103 -8.11 -34.13 12.29
C SER B 103 -6.98 -33.67 11.39
N SER B 104 -6.25 -32.65 11.85
CA SER B 104 -5.07 -32.14 11.15
C SER B 104 -3.79 -32.79 11.68
N LEU B 105 -3.76 -34.12 11.71
CA LEU B 105 -2.61 -34.85 12.23
C LEU B 105 -2.01 -35.76 11.17
N THR B 106 -1.83 -35.24 9.97
CA THR B 106 -1.17 -35.96 8.89
C THR B 106 0.10 -35.23 8.49
N SER B 107 1.11 -36.00 8.06
CA SER B 107 2.40 -35.42 7.72
C SER B 107 2.27 -34.51 6.49
N THR B 108 1.48 -34.91 5.51
CA THR B 108 1.32 -34.17 4.27
C THR B 108 -0.13 -33.75 4.08
N ALA B 109 -0.33 -32.70 3.29
CA ALA B 109 -1.66 -32.20 2.98
C ALA B 109 -2.10 -32.56 1.56
N ASP B 110 -1.23 -33.17 0.76
CA ASP B 110 -1.61 -33.60 -0.58
C ASP B 110 -2.70 -34.67 -0.50
N VAL B 111 -3.76 -34.47 -1.28
CA VAL B 111 -4.85 -35.45 -1.30
C VAL B 111 -4.39 -36.78 -1.89
N ARG B 112 -3.33 -36.77 -2.70
CA ARG B 112 -2.85 -38.02 -3.28
C ARG B 112 -2.13 -38.87 -2.24
N TYR B 113 -1.37 -38.25 -1.35
CA TYR B 113 -0.49 -38.97 -0.44
C TYR B 113 -0.94 -38.92 1.01
N ARG B 114 -2.05 -38.25 1.33
CA ARG B 114 -2.44 -38.07 2.72
C ARG B 114 -2.94 -39.39 3.30
N ALA B 115 -2.40 -39.77 4.45
CA ALA B 115 -2.86 -40.94 5.16
C ALA B 115 -4.10 -40.62 5.98
N ALA B 116 -4.74 -41.65 6.50
CA ALA B 116 -5.94 -41.46 7.32
C ALA B 116 -5.56 -40.76 8.62
N PRO B 117 -6.15 -39.61 8.93
CA PRO B 117 -5.81 -38.93 10.19
C PRO B 117 -6.31 -39.71 11.39
N TRP B 118 -5.62 -39.51 12.51
CA TRP B 118 -6.02 -40.13 13.77
C TRP B 118 -7.32 -39.50 14.25
N GLU B 119 -8.41 -40.25 14.22
CA GLU B 119 -9.69 -39.73 14.67
C GLU B 119 -9.80 -39.83 16.18
N PRO B 120 -9.91 -38.71 16.90
CA PRO B 120 -10.00 -38.77 18.35
C PRO B 120 -11.32 -39.39 18.76
N PRO B 121 -11.38 -40.06 19.91
CA PRO B 121 -12.66 -40.59 20.40
C PRO B 121 -13.65 -39.47 20.68
N CYS B 122 -14.91 -39.87 20.85
CA CYS B 122 -16.00 -38.89 20.90
C CYS B 122 -15.87 -37.98 22.11
N GLY B 123 -15.47 -38.53 23.26
CA GLY B 123 -15.48 -37.76 24.50
C GLY B 123 -14.34 -36.79 24.69
N LEU B 124 -13.23 -36.96 23.96
CA LEU B 124 -11.99 -36.26 24.34
C LEU B 124 -12.09 -34.76 24.10
N THR B 125 -12.25 -34.35 22.84
CA THR B 125 -12.31 -32.94 22.53
C THR B 125 -13.60 -32.29 23.03
N GLU B 126 -14.63 -33.09 23.32
CA GLU B 126 -15.83 -32.54 23.96
C GLU B 126 -15.58 -32.24 25.43
N SER B 127 -14.84 -33.11 26.13
CA SER B 127 -14.54 -32.83 27.53
C SER B 127 -13.59 -31.65 27.64
N VAL B 128 -12.59 -31.58 26.77
CA VAL B 128 -11.69 -30.42 26.79
C VAL B 128 -12.46 -29.14 26.49
N GLU B 129 -13.36 -29.18 25.51
CA GLU B 129 -14.13 -27.98 25.18
C GLU B 129 -15.07 -27.60 26.31
N VAL B 130 -15.67 -28.58 26.99
CA VAL B 130 -16.57 -28.24 28.09
C VAL B 130 -15.79 -27.69 29.27
N LEU B 131 -14.56 -28.16 29.50
CA LEU B 131 -13.72 -27.55 30.52
C LEU B 131 -13.41 -26.10 30.18
N CYS B 132 -13.07 -25.83 28.92
CA CYS B 132 -12.80 -24.45 28.51
C CYS B 132 -14.04 -23.58 28.66
N LEU B 133 -15.21 -24.11 28.28
CA LEU B 133 -16.45 -23.35 28.41
C LEU B 133 -16.83 -23.12 29.87
N LEU B 134 -16.55 -24.07 30.76
CA LEU B 134 -16.78 -23.83 32.18
C LEU B 134 -15.84 -22.77 32.73
N VAL B 135 -14.59 -22.77 32.27
CA VAL B 135 -13.66 -21.70 32.66
C VAL B 135 -14.18 -20.34 32.19
N PHE B 136 -14.67 -20.28 30.95
CA PHE B 136 -15.22 -19.03 30.43
C PHE B 136 -16.48 -18.61 31.18
N ALA B 137 -17.33 -19.57 31.57
CA ALA B 137 -18.50 -19.26 32.35
C ALA B 137 -18.13 -18.71 33.73
N ALA B 138 -17.11 -19.29 34.36
CA ALA B 138 -16.63 -18.74 35.63
C ALA B 138 -16.10 -17.33 35.45
N ASP B 139 -15.35 -17.09 34.37
CA ASP B 139 -14.84 -15.74 34.10
C ASP B 139 -15.99 -14.76 33.89
N LEU B 140 -17.02 -15.16 33.15
CA LEU B 140 -18.17 -14.29 32.92
C LEU B 140 -18.92 -14.00 34.20
N SER B 141 -19.11 -15.02 35.04
CA SER B 141 -19.79 -14.80 36.33
C SER B 141 -18.98 -13.86 37.21
N VAL B 142 -17.65 -14.01 37.24
CA VAL B 142 -16.82 -13.11 38.02
C VAL B 142 -16.93 -11.68 37.48
N LYS B 143 -16.91 -11.53 36.16
CA LYS B 143 -17.03 -10.20 35.58
C LYS B 143 -18.39 -9.57 35.89
N GLY B 144 -19.45 -10.38 35.88
CA GLY B 144 -20.77 -9.87 36.23
C GLY B 144 -20.98 -9.61 37.71
N TYR B 145 -20.17 -10.24 38.56
CA TYR B 145 -20.28 -10.00 39.99
C TYR B 145 -19.45 -8.80 40.44
N LEU B 146 -18.21 -8.69 39.94
CA LEU B 146 -17.36 -7.56 40.30
C LEU B 146 -17.98 -6.24 39.85
N PHE B 147 -18.52 -6.20 38.64
CA PHE B 147 -19.25 -5.03 38.17
C PHE B 147 -20.72 -5.16 38.51
N GLY B 148 -21.42 -4.03 38.43
CA GLY B 148 -22.82 -4.02 38.80
C GLY B 148 -23.67 -4.85 37.85
N TRP B 149 -24.81 -5.32 38.37
CA TRP B 149 -25.77 -6.01 37.53
C TRP B 149 -26.33 -5.09 36.46
N ALA B 150 -26.55 -3.82 36.81
CA ALA B 150 -26.98 -2.83 35.82
C ALA B 150 -25.92 -2.65 34.74
N HIS B 151 -24.64 -2.62 35.12
CA HIS B 151 -23.57 -2.54 34.14
C HIS B 151 -23.56 -3.78 33.24
N PHE B 152 -23.79 -4.96 33.81
CA PHE B 152 -23.84 -6.17 33.01
C PHE B 152 -24.99 -6.11 32.02
N GLN B 153 -26.16 -5.64 32.46
CA GLN B 153 -27.31 -5.53 31.57
C GLN B 153 -27.04 -4.52 30.45
N LYS B 154 -26.43 -3.38 30.79
CA LYS B 154 -26.18 -2.34 29.80
C LYS B 154 -25.02 -2.66 28.87
N ASN B 155 -24.08 -3.51 29.30
CA ASN B 155 -22.91 -3.82 28.49
C ASN B 155 -23.29 -4.82 27.41
N LEU B 156 -23.15 -4.42 26.15
CA LEU B 156 -23.48 -5.31 25.05
C LEU B 156 -22.45 -6.42 24.90
N TRP B 157 -21.19 -6.15 25.25
CA TRP B 157 -20.17 -7.19 25.14
C TRP B 157 -20.42 -8.33 26.12
N LEU B 158 -20.83 -8.01 27.35
CA LEU B 158 -21.13 -9.08 28.31
C LEU B 158 -22.39 -9.84 27.94
N LEU B 159 -23.39 -9.14 27.39
CA LEU B 159 -24.57 -9.84 26.90
C LEU B 159 -24.23 -10.77 25.75
N GLY B 160 -23.37 -10.32 24.83
CA GLY B 160 -22.90 -11.19 23.78
C GLY B 160 -22.11 -12.38 24.31
N TYR B 161 -21.30 -12.15 25.35
CA TYR B 161 -20.58 -13.24 25.98
C TYR B 161 -21.53 -14.28 26.56
N LEU B 162 -22.57 -13.83 27.25
CA LEU B 162 -23.55 -14.74 27.82
C LEU B 162 -24.29 -15.51 26.72
N VAL B 163 -24.69 -14.81 25.65
CA VAL B 163 -25.40 -15.48 24.55
C VAL B 163 -24.51 -16.51 23.89
N VAL B 164 -23.25 -16.16 23.63
CA VAL B 164 -22.31 -17.09 23.01
C VAL B 164 -22.08 -18.30 23.89
N LEU B 165 -21.92 -18.09 25.20
CA LEU B 165 -21.74 -19.22 26.11
C LEU B 165 -22.95 -20.14 26.14
N VAL B 166 -24.15 -19.56 26.19
CA VAL B 166 -25.36 -20.39 26.20
C VAL B 166 -25.50 -21.17 24.91
N VAL B 167 -25.26 -20.51 23.76
CA VAL B 167 -25.37 -21.19 22.47
C VAL B 167 -24.33 -22.30 22.36
N SER B 168 -23.09 -22.03 22.79
CA SER B 168 -22.04 -23.04 22.76
C SER B 168 -22.37 -24.23 23.64
N LEU B 169 -22.89 -23.98 24.85
CA LEU B 169 -23.30 -25.10 25.71
C LEU B 169 -24.44 -25.90 25.11
N VAL B 170 -25.42 -25.23 24.51
CA VAL B 170 -26.53 -25.95 23.88
C VAL B 170 -26.03 -26.79 22.71
N ASP B 171 -25.16 -26.21 21.88
CA ASP B 171 -24.61 -26.96 20.74
C ASP B 171 -23.76 -28.13 21.21
N TRP B 172 -22.99 -27.95 22.27
CA TRP B 172 -22.20 -29.04 22.83
C TRP B 172 -23.09 -30.17 23.34
N THR B 173 -24.17 -29.81 24.05
CA THR B 173 -25.09 -30.83 24.53
C THR B 173 -25.76 -31.56 23.37
N VAL B 174 -26.12 -30.84 22.31
CA VAL B 174 -26.73 -31.48 21.15
C VAL B 174 -25.75 -32.43 20.49
N SER B 175 -24.51 -31.97 20.28
CA SER B 175 -23.49 -32.79 19.64
C SER B 175 -23.08 -33.97 20.50
N LEU B 176 -23.28 -33.90 21.80
CA LEU B 176 -22.99 -35.02 22.68
C LEU B 176 -24.16 -35.99 22.82
N SER B 177 -25.39 -35.52 22.62
CA SER B 177 -26.53 -36.43 22.63
C SER B 177 -26.42 -37.44 21.50
N LEU B 178 -26.17 -36.96 20.28
CA LEU B 178 -25.66 -37.83 19.22
C LEU B 178 -24.22 -38.21 19.53
N VAL B 179 -23.78 -39.35 19.00
CA VAL B 179 -22.42 -39.85 19.29
C VAL B 179 -21.51 -39.18 18.26
N CYS B 180 -21.15 -37.93 18.54
CA CYS B 180 -20.25 -37.13 17.72
C CYS B 180 -20.54 -37.23 16.22
N HIS B 181 -21.81 -37.36 15.84
CA HIS B 181 -22.17 -37.55 14.44
C HIS B 181 -22.78 -36.30 13.82
N GLU B 182 -22.59 -35.14 14.44
CA GLU B 182 -23.01 -33.88 13.85
C GLU B 182 -21.89 -33.36 12.94
N PRO B 183 -22.12 -33.25 11.63
CA PRO B 183 -21.04 -32.84 10.73
C PRO B 183 -20.57 -31.41 10.96
N LEU B 184 -21.50 -30.46 11.01
CA LEU B 184 -21.19 -29.05 11.19
C LEU B 184 -21.40 -28.67 12.66
N ARG B 185 -20.36 -28.13 13.29
CA ARG B 185 -20.43 -27.67 14.67
C ARG B 185 -20.55 -26.15 14.64
N ILE B 186 -21.76 -25.64 14.92
CA ILE B 186 -21.96 -24.19 14.94
C ILE B 186 -21.18 -23.54 16.08
N ARG B 187 -21.05 -24.24 17.21
CA ARG B 187 -20.31 -23.69 18.35
C ARG B 187 -18.86 -23.38 18.01
N ARG B 188 -18.30 -24.03 16.98
CA ARG B 188 -16.91 -23.77 16.62
C ARG B 188 -16.73 -22.40 15.99
N LEU B 189 -17.79 -21.84 15.38
CA LEU B 189 -17.68 -20.51 14.80
C LEU B 189 -17.63 -19.42 15.87
N LEU B 190 -18.20 -19.68 17.04
CA LEU B 190 -18.24 -18.68 18.11
C LEU B 190 -17.00 -18.69 18.98
N ARG B 191 -16.08 -19.62 18.77
CA ARG B 191 -14.86 -19.66 19.59
C ARG B 191 -14.04 -18.39 19.48
N PRO B 192 -13.71 -17.85 18.29
CA PRO B 192 -12.84 -16.68 18.24
C PRO B 192 -13.39 -15.48 18.98
N PHE B 193 -14.72 -15.38 19.10
CA PHE B 193 -15.33 -14.30 19.86
C PHE B 193 -14.76 -14.23 21.27
N PHE B 194 -14.52 -15.38 21.89
CA PHE B 194 -13.92 -15.39 23.21
C PHE B 194 -12.64 -14.58 23.22
N LEU B 195 -11.72 -14.88 22.29
CA LEU B 195 -10.53 -14.05 22.13
C LEU B 195 -10.91 -12.60 21.93
N LEU B 196 -11.85 -12.36 21.00
CA LEU B 196 -12.28 -11.00 20.72
C LEU B 196 -12.88 -10.35 21.97
N GLN B 197 -13.48 -11.15 22.85
CA GLN B 197 -14.07 -10.57 24.06
C GLN B 197 -13.00 -10.20 25.07
N ASN B 198 -11.86 -10.90 25.07
CA ASN B 198 -10.87 -10.70 26.11
C ASN B 198 -9.86 -9.61 25.78
N SER B 199 -9.62 -9.33 24.50
CA SER B 199 -8.64 -8.34 24.09
C SER B 199 -9.29 -6.96 24.03
N SER B 200 -8.73 -6.02 24.80
CA SER B 200 -9.23 -4.65 24.78
C SER B 200 -8.72 -3.88 23.57
N MET B 201 -7.53 -4.22 23.07
CA MET B 201 -7.01 -3.56 21.88
C MET B 201 -7.82 -3.91 20.63
N MET B 202 -8.32 -5.14 20.55
CA MET B 202 -9.13 -5.54 19.41
C MET B 202 -10.48 -4.83 19.39
N LYS B 203 -11.05 -4.54 20.57
CA LYS B 203 -12.30 -3.81 20.62
C LYS B 203 -12.17 -2.39 20.06
N LYS B 204 -10.96 -1.82 20.13
CA LYS B 204 -10.76 -0.48 19.56
C LYS B 204 -10.42 -0.53 18.09
N THR B 205 -9.64 -1.51 17.65
CA THR B 205 -9.40 -1.67 16.22
C THR B 205 -10.70 -2.01 15.49
N LEU B 206 -11.61 -2.72 16.16
CA LEU B 206 -12.93 -2.94 15.59
C LEU B 206 -13.82 -1.70 15.67
N LYS B 207 -13.71 -0.89 16.72
CA LYS B 207 -14.48 0.34 16.75
C LYS B 207 -14.05 1.26 15.61
N CYS B 208 -12.74 1.36 15.36
CA CYS B 208 -12.24 2.16 14.25
C CYS B 208 -12.67 1.57 12.90
N ILE B 209 -12.66 0.25 12.76
CA ILE B 209 -13.15 -0.34 11.52
C ILE B 209 -14.64 -0.06 11.34
N ARG B 210 -15.40 -0.05 12.44
CA ARG B 210 -16.81 0.28 12.35
C ARG B 210 -17.01 1.72 11.89
N TRP B 211 -16.17 2.64 12.36
CA TRP B 211 -16.26 4.01 11.86
C TRP B 211 -15.84 4.12 10.40
N SER B 212 -14.88 3.31 9.97
CA SER B 212 -14.44 3.36 8.58
C SER B 212 -15.38 2.63 7.63
N LEU B 213 -16.27 1.80 8.15
CA LEU B 213 -17.19 1.04 7.30
C LEU B 213 -18.07 1.90 6.38
N PRO B 214 -18.65 3.02 6.82
CA PRO B 214 -19.49 3.81 5.90
C PRO B 214 -18.78 4.27 4.63
N GLU B 215 -17.48 4.57 4.71
CA GLU B 215 -16.75 5.00 3.52
C GLU B 215 -16.20 3.83 2.72
N MET B 216 -15.78 2.76 3.38
CA MET B 216 -15.38 1.56 2.65
C MET B 216 -16.55 0.96 1.89
N ALA B 217 -17.76 1.07 2.41
CA ALA B 217 -18.93 0.60 1.67
C ALA B 217 -19.15 1.42 0.41
N SER B 218 -18.97 2.75 0.49
CA SER B 218 -19.09 3.58 -0.70
C SER B 218 -18.02 3.26 -1.73
N VAL B 219 -16.78 3.03 -1.27
CA VAL B 219 -15.71 2.66 -2.20
C VAL B 219 -15.99 1.29 -2.83
N GLY B 220 -16.57 0.37 -2.04
CA GLY B 220 -16.95 -0.92 -2.61
C GLY B 220 -18.05 -0.80 -3.65
N LEU B 221 -19.03 0.09 -3.40
CA LEU B 221 -20.06 0.34 -4.40
C LEU B 221 -19.46 0.93 -5.68
N LEU B 222 -18.54 1.87 -5.52
CA LEU B 222 -17.86 2.45 -6.68
C LEU B 222 -17.06 1.39 -7.45
N LEU B 223 -16.40 0.49 -6.72
CA LEU B 223 -15.65 -0.60 -7.37
C LEU B 223 -16.58 -1.58 -8.08
N ALA B 224 -17.75 -1.87 -7.49
CA ALA B 224 -18.72 -2.72 -8.18
C ALA B 224 -19.26 -2.05 -9.44
N ILE B 225 -19.50 -0.74 -9.38
CA ILE B 225 -19.89 -0.02 -10.58
C ILE B 225 -18.79 -0.07 -11.63
N HIS B 226 -17.54 0.09 -11.21
CA HIS B 226 -16.40 -0.03 -12.10
C HIS B 226 -16.39 -1.40 -12.78
N LEU B 227 -16.55 -2.45 -11.99
CA LEU B 227 -16.56 -3.82 -12.53
C LEU B 227 -17.69 -4.00 -13.53
N CYS B 228 -18.90 -3.55 -13.19
CA CYS B 228 -20.04 -3.73 -14.09
C CYS B 228 -19.85 -2.96 -15.39
N LEU B 229 -19.39 -1.72 -15.32
CA LEU B 229 -19.20 -0.92 -16.52
C LEU B 229 -18.13 -1.52 -17.41
N PHE B 230 -16.99 -1.92 -16.84
CA PHE B 230 -15.95 -2.48 -17.69
C PHE B 230 -16.31 -3.87 -18.19
N THR B 231 -17.16 -4.61 -17.47
CA THR B 231 -17.64 -5.89 -17.99
C THR B 231 -18.55 -5.68 -19.20
N MET B 232 -19.53 -4.79 -19.07
CA MET B 232 -20.43 -4.50 -20.18
C MET B 232 -19.73 -3.79 -21.33
N PHE B 233 -18.56 -3.21 -21.09
CA PHE B 233 -17.78 -2.64 -22.19
C PHE B 233 -16.88 -3.67 -22.86
N GLY B 234 -16.24 -4.55 -22.09
CA GLY B 234 -15.43 -5.60 -22.68
C GLY B 234 -16.25 -6.61 -23.45
N MET B 235 -17.46 -6.91 -22.97
CA MET B 235 -18.31 -7.85 -23.68
C MET B 235 -18.71 -7.32 -25.05
N LEU B 236 -18.82 -6.00 -25.20
CA LEU B 236 -18.99 -5.40 -26.52
C LEU B 236 -17.69 -5.37 -27.31
N LEU B 237 -16.58 -5.07 -26.64
CA LEU B 237 -15.32 -4.84 -27.34
C LEU B 237 -14.72 -6.15 -27.85
N PHE B 238 -14.78 -7.21 -27.05
CA PHE B 238 -14.09 -8.45 -27.36
C PHE B 238 -15.02 -9.53 -27.91
N ALA B 239 -16.10 -9.85 -27.18
CA ALA B 239 -17.00 -10.91 -27.63
C ALA B 239 -17.68 -10.57 -28.95
N GLY B 240 -17.79 -9.29 -29.30
CA GLY B 240 -18.40 -8.90 -30.55
C GLY B 240 -17.44 -8.96 -31.73
N ARG B 251 -11.75 -13.44 -26.46
CA ARG B 251 -13.21 -13.39 -26.53
C ARG B 251 -13.82 -14.63 -25.91
N LEU B 252 -13.64 -15.78 -26.58
CA LEU B 252 -14.19 -17.04 -26.09
C LEU B 252 -13.57 -17.48 -24.77
N THR B 253 -12.37 -17.00 -24.46
CA THR B 253 -11.65 -17.45 -23.27
C THR B 253 -12.03 -16.66 -22.03
N TYR B 254 -11.92 -15.33 -22.09
CA TYR B 254 -12.07 -14.48 -20.90
C TYR B 254 -13.36 -13.69 -20.88
N PHE B 255 -13.89 -13.29 -22.03
CA PHE B 255 -15.07 -12.42 -22.07
C PHE B 255 -16.18 -13.05 -22.91
N GLN B 256 -16.46 -14.33 -22.68
CA GLN B 256 -17.46 -15.02 -23.49
C GLN B 256 -18.87 -14.63 -23.05
N ASN B 257 -19.23 -14.92 -21.81
CA ASN B 257 -20.53 -14.57 -21.25
C ASN B 257 -20.34 -13.72 -20.01
N LEU B 258 -21.47 -13.37 -19.38
CA LEU B 258 -21.43 -12.45 -18.24
C LEU B 258 -20.65 -12.99 -17.04
N PRO B 259 -20.91 -14.22 -16.54
CA PRO B 259 -20.12 -14.69 -15.39
C PRO B 259 -18.63 -14.79 -15.67
N GLU B 260 -18.24 -15.24 -16.87
CA GLU B 260 -16.82 -15.32 -17.20
C GLU B 260 -16.19 -13.94 -17.25
N SER B 261 -16.89 -12.97 -17.86
CA SER B 261 -16.36 -11.61 -17.91
C SER B 261 -16.21 -11.02 -16.51
N LEU B 262 -17.21 -11.22 -15.66
CA LEU B 262 -17.14 -10.72 -14.29
C LEU B 262 -15.98 -11.35 -13.53
N THR B 263 -15.81 -12.67 -13.64
CA THR B 263 -14.72 -13.34 -12.96
C THR B 263 -13.37 -12.85 -13.48
N SER B 264 -13.24 -12.72 -14.80
CA SER B 264 -11.97 -12.29 -15.38
C SER B 264 -11.61 -10.89 -14.93
N LEU B 265 -12.59 -9.97 -14.94
CA LEU B 265 -12.29 -8.60 -14.53
C LEU B 265 -12.03 -8.50 -13.04
N LEU B 266 -12.73 -9.28 -12.23
CA LEU B 266 -12.46 -9.27 -10.79
C LEU B 266 -11.06 -9.79 -10.50
N VAL B 267 -10.64 -10.85 -11.20
CA VAL B 267 -9.29 -11.37 -11.00
C VAL B 267 -8.26 -10.34 -11.48
N LEU B 268 -8.51 -9.68 -12.61
CA LEU B 268 -7.60 -8.62 -13.03
C LEU B 268 -7.59 -7.49 -12.01
N LEU B 269 -8.73 -7.26 -11.34
CA LEU B 269 -8.80 -6.27 -10.28
C LEU B 269 -7.84 -6.61 -9.16
N THR B 270 -7.72 -7.91 -8.85
CA THR B 270 -6.70 -8.36 -7.91
C THR B 270 -5.33 -8.53 -8.59
N THR B 271 -5.26 -8.30 -9.91
CA THR B 271 -4.04 -8.46 -10.69
C THR B 271 -3.45 -9.86 -10.55
N ALA B 272 -4.30 -10.88 -10.54
CA ALA B 272 -3.82 -12.24 -10.50
C ALA B 272 -3.60 -12.84 -11.89
N ASN B 273 -4.17 -12.22 -12.93
CA ASN B 273 -3.99 -12.68 -14.30
C ASN B 273 -3.79 -11.49 -15.22
N ASN B 274 -2.92 -10.56 -14.82
CA ASN B 274 -2.80 -9.29 -15.54
C ASN B 274 -2.36 -9.46 -16.99
N PRO B 275 -1.29 -10.20 -17.30
CA PRO B 275 -0.92 -10.34 -18.72
C PRO B 275 -1.81 -11.33 -19.44
N ASP B 276 -2.29 -12.35 -18.73
CA ASP B 276 -3.09 -13.40 -19.36
C ASP B 276 -4.41 -12.86 -19.87
N VAL B 277 -5.03 -11.96 -19.11
CA VAL B 277 -6.34 -11.43 -19.49
C VAL B 277 -6.25 -10.53 -20.71
N MET B 278 -5.07 -10.00 -21.02
CA MET B 278 -4.91 -9.06 -22.11
C MET B 278 -4.17 -9.61 -23.32
N ILE B 279 -3.45 -10.74 -23.17
CA ILE B 279 -2.69 -11.28 -24.30
C ILE B 279 -3.57 -11.57 -25.52
N PRO B 280 -4.70 -12.26 -25.40
CA PRO B 280 -5.51 -12.54 -26.60
C PRO B 280 -5.96 -11.29 -27.33
N ALA B 281 -6.21 -10.20 -26.61
CA ALA B 281 -6.63 -8.95 -27.24
C ALA B 281 -5.46 -8.08 -27.63
N TYR B 282 -4.43 -7.99 -26.77
CA TYR B 282 -3.26 -7.17 -27.09
C TYR B 282 -2.49 -7.74 -28.29
N SER B 283 -2.64 -9.04 -28.57
CA SER B 283 -2.01 -9.60 -29.77
C SER B 283 -2.74 -9.15 -31.02
N LYS B 284 -4.07 -9.02 -30.95
CA LYS B 284 -4.83 -8.58 -32.12
C LYS B 284 -4.54 -7.11 -32.45
N ASN B 285 -4.50 -6.26 -31.43
CA ASN B 285 -4.24 -4.84 -31.65
C ASN B 285 -3.67 -4.26 -30.36
N ARG B 286 -2.76 -3.29 -30.53
CA ARG B 286 -2.10 -2.68 -29.38
C ARG B 286 -3.08 -1.87 -28.54
N ALA B 287 -3.97 -1.11 -29.19
CA ALA B 287 -4.87 -0.21 -28.47
C ALA B 287 -5.71 -0.92 -27.42
N TYR B 288 -6.05 -2.19 -27.65
CA TYR B 288 -6.80 -2.95 -26.66
C TYR B 288 -6.14 -2.93 -25.28
N ALA B 289 -4.80 -2.97 -25.25
CA ALA B 289 -4.07 -2.89 -24.00
C ALA B 289 -4.50 -1.68 -23.17
N ILE B 290 -4.69 -0.54 -23.83
CA ILE B 290 -5.17 0.68 -23.19
C ILE B 290 -6.33 0.36 -22.27
N PHE B 291 -7.35 -0.33 -22.82
CA PHE B 291 -8.50 -0.75 -22.04
C PHE B 291 -8.06 -1.34 -20.71
N PHE B 292 -7.32 -2.45 -20.76
CA PHE B 292 -6.92 -3.12 -19.53
C PHE B 292 -6.10 -2.18 -18.66
N ILE B 293 -5.18 -1.41 -19.26
CA ILE B 293 -4.37 -0.48 -18.49
C ILE B 293 -5.27 0.45 -17.70
N VAL B 294 -6.29 1.02 -18.36
CA VAL B 294 -7.20 1.93 -17.68
C VAL B 294 -7.80 1.24 -16.47
N PHE B 295 -8.27 0.00 -16.66
CA PHE B 295 -8.84 -0.76 -15.56
C PHE B 295 -7.85 -0.84 -14.40
N THR B 296 -6.61 -1.25 -14.71
CA THR B 296 -5.62 -1.44 -13.65
C THR B 296 -5.31 -0.12 -12.97
N VAL B 297 -5.46 1.00 -13.69
CA VAL B 297 -5.25 2.30 -13.06
C VAL B 297 -6.40 2.64 -12.14
N ILE B 298 -7.63 2.36 -12.57
CA ILE B 298 -8.80 2.83 -11.83
C ILE B 298 -9.06 1.95 -10.61
N GLY B 299 -9.02 0.63 -10.79
CA GLY B 299 -9.39 -0.26 -9.71
C GLY B 299 -8.25 -0.74 -8.83
N SER B 300 -7.21 -1.31 -9.44
CA SER B 300 -6.16 -1.93 -8.65
C SER B 300 -5.28 -0.89 -7.96
N LEU B 301 -5.01 0.23 -8.63
CA LEU B 301 -4.10 1.22 -8.07
C LEU B 301 -4.83 2.30 -7.26
N PHE B 302 -5.93 2.82 -7.78
CA PHE B 302 -6.58 3.96 -7.12
C PHE B 302 -7.47 3.52 -5.97
N LEU B 303 -8.48 2.70 -6.25
CA LEU B 303 -9.50 2.41 -5.24
C LEU B 303 -8.98 1.48 -4.15
N MET B 304 -8.16 0.49 -4.52
CA MET B 304 -7.62 -0.42 -3.51
C MET B 304 -6.69 0.28 -2.54
N ASN B 305 -6.10 1.42 -2.94
CA ASN B 305 -5.34 2.24 -2.02
C ASN B 305 -6.19 3.32 -1.34
N LEU B 306 -7.28 3.74 -1.98
CA LEU B 306 -8.23 4.61 -1.31
C LEU B 306 -8.85 3.90 -0.11
N LEU B 307 -9.00 2.57 -0.19
CA LEU B 307 -9.42 1.81 0.98
C LEU B 307 -8.41 1.94 2.12
N THR B 308 -7.11 1.85 1.79
CA THR B 308 -6.08 2.04 2.80
C THR B 308 -6.14 3.43 3.40
N ALA B 309 -6.33 4.44 2.56
CA ALA B 309 -6.45 5.82 3.06
C ALA B 309 -7.66 5.97 3.98
N ILE B 310 -8.79 5.36 3.60
CA ILE B 310 -9.99 5.45 4.42
C ILE B 310 -9.77 4.81 5.78
N ILE B 311 -9.13 3.63 5.80
CA ILE B 311 -8.88 2.97 7.07
C ILE B 311 -7.90 3.79 7.91
N TYR B 312 -6.85 4.34 7.28
CA TYR B 312 -5.88 5.11 8.04
C TYR B 312 -6.46 6.40 8.59
N SER B 313 -7.47 6.96 7.90
CA SER B 313 -8.09 8.20 8.39
C SER B 313 -8.74 8.01 9.75
N GLN B 314 -9.04 6.77 10.14
CA GLN B 314 -9.62 6.50 11.45
C GLN B 314 -8.57 6.17 12.49
N PHE B 315 -7.47 5.53 12.09
CA PHE B 315 -6.37 5.22 12.99
C PHE B 315 -5.33 6.33 13.04
N ARG B 316 -5.71 7.56 12.72
CA ARG B 316 -4.72 8.64 12.61
C ARG B 316 -4.12 8.97 13.97
N GLY B 317 -4.94 9.00 15.01
CA GLY B 317 -4.46 9.29 16.35
C GLY B 317 -4.86 8.23 17.35
N TYR B 318 -4.90 6.97 16.90
CA TYR B 318 -5.36 5.89 17.77
C TYR B 318 -4.44 5.72 18.97
N LEU B 319 -3.13 5.70 18.74
CA LEU B 319 -2.18 5.52 19.83
C LEU B 319 -2.24 6.68 20.81
N MET B 320 -2.32 7.92 20.29
CA MET B 320 -2.38 9.08 21.17
C MET B 320 -3.67 9.08 21.99
N LYS B 321 -4.80 8.72 21.36
CA LYS B 321 -6.05 8.64 22.10
C LYS B 321 -5.99 7.56 23.18
N SER B 322 -5.41 6.41 22.87
CA SER B 322 -5.28 5.36 23.87
C SER B 322 -4.41 5.82 25.03
N LEU B 323 -3.31 6.52 24.72
CA LEU B 323 -2.43 7.00 25.78
C LEU B 323 -3.13 8.05 26.65
N GLN B 324 -3.89 8.94 26.03
CA GLN B 324 -4.64 9.94 26.79
C GLN B 324 -5.68 9.29 27.69
N THR B 325 -6.39 8.27 27.16
CA THR B 325 -7.36 7.57 27.99
C THR B 325 -6.69 6.84 29.16
N SER B 326 -5.52 6.25 28.91
CA SER B 326 -4.79 5.58 29.99
C SER B 326 -4.36 6.57 31.07
N LEU B 327 -3.86 7.73 30.65
CA LEU B 327 -3.47 8.76 31.62
C LEU B 327 -4.68 9.26 32.39
N PHE B 328 -5.82 9.42 31.72
CA PHE B 328 -7.04 9.85 32.41
C PHE B 328 -7.48 8.81 33.43
N ARG B 329 -7.41 7.52 33.07
CA ARG B 329 -7.75 6.47 34.04
C ARG B 329 -6.80 6.48 35.22
N ARG B 330 -5.51 6.68 34.98
CA ARG B 330 -4.55 6.75 36.08
C ARG B 330 -4.85 7.92 37.00
N ARG B 331 -5.14 9.10 36.43
CA ARG B 331 -5.48 10.26 37.25
C ARG B 331 -6.75 10.02 38.05
N LEU B 332 -7.76 9.40 37.43
CA LEU B 332 -9.00 9.11 38.15
C LEU B 332 -8.77 8.14 39.29
N GLY B 333 -7.94 7.11 39.06
CA GLY B 333 -7.63 6.17 40.13
C GLY B 333 -6.90 6.82 41.28
N THR B 334 -5.89 7.65 40.97
CA THR B 334 -5.18 8.36 42.03
C THR B 334 -6.10 9.30 42.79
N ARG B 335 -7.00 9.98 42.08
CA ARG B 335 -7.95 10.87 42.75
C ARG B 335 -8.88 10.10 43.68
N ALA B 336 -9.40 8.95 43.23
CA ALA B 336 -10.26 8.14 44.07
C ALA B 336 -9.53 7.62 45.30
N ALA B 337 -8.28 7.17 45.12
CA ALA B 337 -7.48 6.72 46.27
C ALA B 337 -7.24 7.86 47.24
N PHE B 338 -6.96 9.07 46.72
CA PHE B 338 -6.76 10.23 47.58
C PHE B 338 -8.02 10.53 48.38
N GLU B 339 -9.19 10.48 47.73
CA GLU B 339 -10.44 10.75 48.43
C GLU B 339 -10.69 9.71 49.51
N VAL B 340 -10.42 8.44 49.22
CA VAL B 340 -10.61 7.38 50.21
C VAL B 340 -9.68 7.59 51.40
N LEU B 341 -8.41 7.87 51.13
CA LEU B 341 -7.46 8.06 52.22
C LEU B 341 -7.78 9.32 53.04
N SER B 342 -8.30 10.37 52.40
CA SER B 342 -8.70 11.55 53.15
C SER B 342 -9.92 11.24 54.02
N SER B 343 -10.87 10.46 53.50
CA SER B 343 -12.02 10.06 54.31
C SER B 343 -11.59 9.17 55.47
N MET B 344 -10.50 8.41 55.31
CA MET B 344 -10.02 7.58 56.40
C MET B 344 -9.61 8.41 57.60
N VAL B 345 -9.02 9.60 57.36
CA VAL B 345 -8.54 10.44 58.45
C VAL B 345 -9.72 10.89 59.30
N GLY B 346 -9.58 10.74 60.61
CA GLY B 346 -10.63 11.13 61.53
C GLY B 346 -10.29 10.83 62.98
N ALA B 354 -8.77 20.61 57.47
CA ALA B 354 -8.44 20.33 56.08
C ALA B 354 -8.55 18.85 55.77
N VAL B 355 -8.42 18.50 54.49
CA VAL B 355 -8.49 17.13 54.03
C VAL B 355 -7.17 16.77 53.37
N GLY B 356 -6.60 15.63 53.77
CA GLY B 356 -5.32 15.21 53.24
C GLY B 356 -5.03 13.78 53.60
N VAL B 357 -4.05 13.21 52.91
CA VAL B 357 -3.64 11.83 53.12
C VAL B 357 -2.58 11.78 54.22
N LYS B 358 -2.81 10.94 55.22
CA LYS B 358 -1.83 10.75 56.27
C LYS B 358 -0.67 9.92 55.74
N PRO B 359 0.58 10.38 55.89
CA PRO B 359 1.70 9.67 55.27
C PRO B 359 1.89 8.23 55.75
N GLN B 360 1.59 7.92 57.00
CA GLN B 360 1.66 6.54 57.46
C GLN B 360 0.63 5.66 56.77
N ASN B 361 -0.59 6.16 56.61
CA ASN B 361 -1.60 5.42 55.85
C ASN B 361 -1.16 5.22 54.41
N LEU B 362 -0.56 6.24 53.81
CA LEU B 362 -0.07 6.10 52.44
C LEU B 362 1.04 5.07 52.34
N LEU B 363 1.94 5.04 53.34
CA LEU B 363 2.98 4.01 53.35
C LEU B 363 2.39 2.61 53.49
N GLN B 364 1.39 2.45 54.36
CA GLN B 364 0.71 1.16 54.47
C GLN B 364 0.06 0.75 53.15
N VAL B 365 -0.55 1.72 52.45
CA VAL B 365 -1.15 1.42 51.16
C VAL B 365 -0.08 0.99 50.17
N LEU B 366 1.02 1.74 50.10
CA LEU B 366 2.05 1.40 49.14
C LEU B 366 2.65 0.04 49.47
N GLN B 367 2.68 -0.30 50.76
CA GLN B 367 3.18 -1.61 51.17
C GLN B 367 2.29 -2.71 50.60
N LYS B 368 0.97 -2.50 50.67
CA LYS B 368 0.08 -3.55 50.18
C LYS B 368 0.03 -3.60 48.65
N VAL B 369 0.25 -2.46 47.99
CA VAL B 369 0.10 -2.38 46.54
C VAL B 369 1.13 -3.26 45.85
N GLN B 370 0.67 -4.01 44.85
CA GLN B 370 1.56 -4.84 44.03
C GLN B 370 2.17 -3.96 42.94
N LEU B 371 3.44 -3.61 43.10
CA LEU B 371 4.10 -2.67 42.21
C LEU B 371 5.57 -3.04 42.07
N ASP B 372 6.19 -2.53 41.00
CA ASP B 372 7.62 -2.72 40.79
C ASP B 372 8.41 -2.18 41.97
N SER B 373 9.49 -2.89 42.31
CA SER B 373 10.25 -2.55 43.51
C SER B 373 10.87 -1.16 43.42
N SER B 374 11.39 -0.79 42.26
CA SER B 374 12.04 0.51 42.14
C SER B 374 11.06 1.66 42.36
N HIS B 375 9.94 1.64 41.66
CA HIS B 375 8.95 2.71 41.80
C HIS B 375 8.35 2.72 43.19
N LYS B 376 8.04 1.54 43.73
CA LYS B 376 7.47 1.47 45.08
C LYS B 376 8.43 2.01 46.12
N GLN B 377 9.70 1.65 46.04
CA GLN B 377 10.69 2.16 46.97
C GLN B 377 10.87 3.66 46.82
N ALA B 378 10.86 4.16 45.59
CA ALA B 378 11.00 5.61 45.37
C ALA B 378 9.82 6.36 45.99
N MET B 379 8.61 5.88 45.77
CA MET B 379 7.44 6.53 46.35
C MET B 379 7.45 6.44 47.87
N MET B 380 7.84 5.29 48.42
CA MET B 380 7.89 5.15 49.88
C MET B 380 8.93 6.10 50.48
N GLU B 381 10.10 6.23 49.86
CA GLU B 381 11.11 7.12 50.39
C GLU B 381 10.70 8.59 50.22
N LYS B 382 9.97 8.91 49.16
CA LYS B 382 9.43 10.27 49.03
C LYS B 382 8.43 10.56 50.15
N VAL B 383 7.56 9.61 50.47
CA VAL B 383 6.61 9.81 51.56
C VAL B 383 7.34 9.92 52.89
N ARG B 384 8.40 9.13 53.09
CA ARG B 384 9.21 9.27 54.29
C ARG B 384 9.84 10.65 54.38
N SER B 385 10.36 11.16 53.26
CA SER B 385 10.92 12.50 53.24
C SER B 385 9.86 13.55 53.53
N TYR B 386 8.60 13.28 53.17
CA TYR B 386 7.51 14.17 53.57
C TYR B 386 7.34 14.24 55.07
N GLY B 387 7.83 13.23 55.81
CA GLY B 387 7.68 13.23 57.26
C GLY B 387 6.26 12.90 57.68
N SER B 388 5.78 13.61 58.69
CA SER B 388 4.41 13.49 59.17
C SER B 388 3.51 14.59 58.61
N VAL B 389 4.00 15.39 57.67
CA VAL B 389 3.20 16.47 57.12
C VAL B 389 2.07 15.89 56.27
N LEU B 390 0.87 16.48 56.41
CA LEU B 390 -0.28 16.00 55.65
C LEU B 390 -0.13 16.35 54.18
N LEU B 391 -0.37 15.37 53.31
CA LEU B 391 -0.21 15.57 51.88
C LEU B 391 -1.47 16.18 51.28
N SER B 392 -1.29 17.11 50.35
CA SER B 392 -2.39 17.77 49.68
C SER B 392 -2.80 16.98 48.43
N ALA B 393 -3.89 17.42 47.80
CA ALA B 393 -4.39 16.73 46.61
C ALA B 393 -3.40 16.83 45.46
N GLU B 394 -2.87 18.02 45.21
CA GLU B 394 -1.92 18.20 44.11
C GLU B 394 -0.63 17.42 44.38
N GLU B 395 -0.15 17.43 45.62
CA GLU B 395 1.04 16.66 45.96
C GLU B 395 0.79 15.17 45.78
N PHE B 396 -0.40 14.69 46.19
CA PHE B 396 -0.73 13.29 46.00
C PHE B 396 -0.76 12.92 44.52
N GLN B 397 -1.37 13.78 43.69
CA GLN B 397 -1.42 13.50 42.27
C GLN B 397 -0.02 13.48 41.65
N LYS B 398 0.83 14.44 42.03
CA LYS B 398 2.19 14.50 41.49
C LYS B 398 3.09 13.41 42.03
N LEU B 399 2.74 12.80 43.17
CA LEU B 399 3.56 11.72 43.72
C LEU B 399 3.60 10.52 42.79
N PHE B 400 2.46 10.19 42.17
CA PHE B 400 2.35 9.01 41.32
C PHE B 400 2.78 9.27 39.88
N ASN B 401 3.58 10.30 39.65
CA ASN B 401 4.27 10.48 38.38
C ASN B 401 5.60 9.73 38.34
N GLU B 402 5.97 9.06 39.43
CA GLU B 402 7.19 8.25 39.45
C GLU B 402 7.10 7.08 38.48
N LEU B 403 5.89 6.57 38.23
CA LEU B 403 5.72 5.43 37.34
C LEU B 403 6.05 5.78 35.89
N ASP B 404 6.05 7.06 35.53
CA ASP B 404 6.44 7.49 34.20
C ASP B 404 7.93 7.74 34.06
N ARG B 405 8.71 7.49 35.12
CA ARG B 405 10.15 7.75 35.08
C ARG B 405 10.86 6.85 34.07
N SER B 406 10.30 5.67 33.80
CA SER B 406 10.90 4.69 32.88
C SER B 406 12.31 4.31 33.35
N VAL B 407 12.36 3.68 34.52
CA VAL B 407 13.63 3.28 35.12
C VAL B 407 14.38 2.35 34.18
N VAL B 408 15.68 2.60 34.02
CA VAL B 408 16.53 1.82 33.14
C VAL B 408 17.20 0.72 33.96
N LYS B 409 17.16 -0.51 33.45
CA LYS B 409 17.77 -1.63 34.15
C LYS B 409 19.28 -1.54 34.07
N GLU B 410 19.93 -1.64 35.23
CA GLU B 410 21.38 -1.59 35.31
C GLU B 410 21.97 -2.98 35.11
N HIS B 411 23.27 -3.01 34.79
CA HIS B 411 23.98 -4.26 34.59
C HIS B 411 24.98 -4.50 35.72
N PRO B 412 25.17 -5.75 36.13
CA PRO B 412 26.09 -6.03 37.22
C PRO B 412 27.51 -5.63 36.84
N PRO B 413 28.32 -5.24 37.82
CA PRO B 413 29.66 -4.73 37.51
C PRO B 413 30.57 -5.84 37.00
N ARG B 414 31.72 -5.41 36.47
CA ARG B 414 32.71 -6.32 35.94
C ARG B 414 33.39 -7.08 37.08
N PRO B 415 34.02 -8.22 36.78
CA PRO B 415 34.54 -9.08 37.86
C PRO B 415 35.63 -8.43 38.71
N GLU B 416 36.23 -7.32 38.25
CA GLU B 416 37.25 -6.59 39.00
C GLU B 416 38.45 -7.49 39.30
N TYR B 417 39.12 -7.87 38.22
CA TYR B 417 40.35 -8.64 38.32
C TYR B 417 41.54 -7.70 38.55
N GLN B 418 42.74 -8.27 38.59
CA GLN B 418 43.94 -7.47 38.77
C GLN B 418 44.18 -6.60 37.53
N SER B 419 44.75 -5.42 37.77
CA SER B 419 44.98 -4.46 36.70
C SER B 419 46.18 -4.80 35.82
N PRO B 420 47.39 -4.99 36.37
CA PRO B 420 48.56 -5.11 35.49
C PRO B 420 48.50 -6.29 34.52
N PHE B 421 47.86 -7.39 34.91
CA PHE B 421 47.90 -8.60 34.11
C PHE B 421 46.70 -8.75 33.18
N LEU B 422 45.57 -8.12 33.48
CA LEU B 422 44.35 -8.34 32.73
C LEU B 422 43.65 -7.05 32.31
N GLN B 423 44.27 -5.89 32.51
CA GLN B 423 43.63 -4.63 32.14
C GLN B 423 43.44 -4.54 30.63
N SER B 424 44.47 -4.90 29.86
CA SER B 424 44.34 -4.89 28.41
C SER B 424 43.29 -5.87 27.93
N ALA B 425 43.24 -7.06 28.53
CA ALA B 425 42.24 -8.05 28.16
C ALA B 425 40.83 -7.52 28.43
N GLN B 426 40.61 -6.93 29.62
CA GLN B 426 39.31 -6.38 29.94
C GLN B 426 38.92 -5.27 28.97
N PHE B 427 39.86 -4.37 28.68
CA PHE B 427 39.57 -3.25 27.79
C PHE B 427 39.22 -3.74 26.39
N LEU B 428 39.98 -4.72 25.88
CA LEU B 428 39.76 -5.21 24.53
C LEU B 428 38.46 -5.98 24.42
N PHE B 429 38.21 -6.90 25.36
CA PHE B 429 37.03 -7.75 25.24
C PHE B 429 35.75 -6.99 25.58
N GLY B 430 35.81 -6.01 26.47
CA GLY B 430 34.63 -5.20 26.73
C GLY B 430 34.31 -4.24 25.60
N HIS B 431 35.33 -3.85 24.83
CA HIS B 431 35.13 -2.90 23.74
C HIS B 431 34.28 -3.52 22.64
N TYR B 432 33.54 -2.67 21.93
CA TYR B 432 32.70 -3.14 20.84
C TYR B 432 33.49 -3.57 19.62
N TYR B 433 34.79 -3.26 19.56
CA TYR B 433 35.61 -3.75 18.46
C TYR B 433 35.71 -5.26 18.47
N PHE B 434 35.69 -5.88 19.66
CA PHE B 434 35.63 -7.33 19.74
C PHE B 434 34.32 -7.86 19.15
N ASP B 435 33.21 -7.16 19.40
CA ASP B 435 31.94 -7.55 18.80
C ASP B 435 32.00 -7.39 17.28
N TYR B 436 32.64 -6.34 16.77
CA TYR B 436 32.78 -6.19 15.34
C TYR B 436 33.66 -7.29 14.74
N LEU B 437 34.71 -7.70 15.45
CA LEU B 437 35.51 -8.83 15.00
C LEU B 437 34.69 -10.12 14.96
N GLY B 438 33.85 -10.33 15.98
CA GLY B 438 32.96 -11.48 15.96
C GLY B 438 32.00 -11.45 14.79
N ASN B 439 31.45 -10.27 14.49
CA ASN B 439 30.58 -10.13 13.33
C ASN B 439 31.31 -10.41 12.04
N LEU B 440 32.57 -9.95 11.93
CA LEU B 440 33.36 -10.21 10.73
C LEU B 440 33.62 -11.71 10.57
N ILE B 441 33.91 -12.40 11.67
CA ILE B 441 34.15 -13.84 11.58
C ILE B 441 32.86 -14.58 11.23
N ALA B 442 31.73 -14.12 11.77
CA ALA B 442 30.44 -14.71 11.38
C ALA B 442 30.18 -14.50 9.90
N LEU B 443 30.51 -13.32 9.37
CA LEU B 443 30.37 -13.08 7.94
C LEU B 443 31.29 -13.97 7.14
N ALA B 444 32.49 -14.23 7.64
CA ALA B 444 33.40 -15.15 6.97
C ALA B 444 32.82 -16.56 6.94
N ASN B 445 32.20 -16.98 8.05
CA ASN B 445 31.52 -18.28 8.08
C ASN B 445 30.39 -18.32 7.06
N LEU B 446 29.62 -17.24 6.96
CA LEU B 446 28.54 -17.17 5.99
C LEU B 446 29.07 -17.26 4.57
N VAL B 447 30.19 -16.58 4.29
CA VAL B 447 30.81 -16.63 2.97
C VAL B 447 31.29 -18.04 2.66
N SER B 448 31.86 -18.72 3.66
CA SER B 448 32.30 -20.10 3.46
C SER B 448 31.12 -21.01 3.15
N ILE B 449 30.01 -20.83 3.86
CA ILE B 449 28.81 -21.63 3.59
C ILE B 449 28.30 -21.36 2.18
N CYS B 450 28.29 -20.09 1.77
CA CYS B 450 27.85 -19.76 0.41
C CYS B 450 28.78 -20.39 -0.63
N VAL B 451 30.09 -20.36 -0.39
CA VAL B 451 31.04 -20.95 -1.33
C VAL B 451 30.81 -22.44 -1.46
N PHE B 452 30.62 -23.13 -0.34
CA PHE B 452 30.44 -24.57 -0.40
C PHE B 452 29.06 -24.97 -0.90
N LEU B 453 28.09 -24.05 -0.84
CA LEU B 453 26.80 -24.29 -1.50
C LEU B 453 26.92 -24.12 -3.01
N VAL B 454 27.65 -23.09 -3.46
CA VAL B 454 27.79 -22.83 -4.89
C VAL B 454 28.63 -23.90 -5.57
N LEU B 455 29.77 -24.27 -4.96
CA LEU B 455 30.64 -25.26 -5.59
C LEU B 455 30.01 -26.64 -5.60
N ASP B 456 29.16 -26.96 -4.63
CA ASP B 456 28.51 -28.26 -4.55
C ASP B 456 27.08 -28.23 -5.06
N ALA B 457 26.70 -27.19 -5.81
CA ALA B 457 25.35 -27.12 -6.35
C ALA B 457 25.15 -28.03 -7.56
N ASP B 458 26.18 -28.17 -8.40
CA ASP B 458 26.06 -29.01 -9.59
C ASP B 458 25.79 -30.46 -9.23
N VAL B 459 26.61 -31.02 -8.33
CA VAL B 459 26.36 -32.35 -7.79
C VAL B 459 25.34 -32.22 -6.66
N LEU B 460 24.82 -33.35 -6.21
CA LEU B 460 23.99 -33.35 -5.01
C LEU B 460 24.84 -32.89 -3.82
N PRO B 461 24.36 -31.93 -3.02
CA PRO B 461 25.20 -31.42 -1.92
C PRO B 461 25.61 -32.48 -0.91
N ALA B 462 24.83 -33.55 -0.79
CA ALA B 462 25.11 -34.60 0.19
C ALA B 462 26.20 -35.56 -0.26
N GLU B 463 26.71 -35.42 -1.48
CA GLU B 463 27.60 -36.45 -2.03
C GLU B 463 29.04 -36.26 -1.56
N ARG B 464 29.66 -35.14 -1.92
CA ARG B 464 31.10 -34.98 -1.73
C ARG B 464 31.42 -33.54 -1.42
N ASP B 465 32.70 -33.29 -1.13
CA ASP B 465 33.25 -31.95 -0.85
C ASP B 465 32.59 -31.33 0.38
N ASP B 466 32.73 -32.03 1.51
CA ASP B 466 32.32 -31.48 2.80
C ASP B 466 33.44 -31.52 3.84
N PHE B 467 34.60 -32.07 3.51
CA PHE B 467 35.70 -32.13 4.47
C PHE B 467 36.24 -30.74 4.80
N ILE B 468 36.50 -29.93 3.76
CA ILE B 468 37.01 -28.59 4.00
C ILE B 468 35.97 -27.72 4.71
N LEU B 469 34.71 -27.84 4.30
CA LEU B 469 33.64 -27.16 5.01
C LEU B 469 33.55 -27.62 6.46
N GLY B 470 33.71 -28.91 6.70
CA GLY B 470 33.69 -29.41 8.07
C GLY B 470 34.82 -28.83 8.91
N ILE B 471 36.03 -28.76 8.34
CA ILE B 471 37.16 -28.20 9.08
C ILE B 471 36.93 -26.72 9.36
N LEU B 472 36.44 -25.98 8.37
CA LEU B 472 36.18 -24.55 8.58
C LEU B 472 35.10 -24.34 9.64
N ASN B 473 34.04 -25.15 9.62
CA ASN B 473 33.01 -25.04 10.64
C ASN B 473 33.54 -25.39 12.02
N CYS B 474 34.41 -26.41 12.11
CA CYS B 474 35.01 -26.76 13.39
C CYS B 474 35.85 -25.61 13.93
N VAL B 475 36.66 -24.99 13.07
CA VAL B 475 37.49 -23.87 13.49
C VAL B 475 36.63 -22.69 13.92
N PHE B 476 35.58 -22.39 13.17
CA PHE B 476 34.72 -21.26 13.51
C PHE B 476 33.96 -21.49 14.80
N ILE B 477 33.52 -22.73 15.04
CA ILE B 477 32.84 -23.03 16.30
C ILE B 477 33.82 -22.98 17.47
N VAL B 478 35.06 -23.41 17.25
CA VAL B 478 36.09 -23.23 18.28
C VAL B 478 36.28 -21.75 18.60
N TYR B 479 36.32 -20.91 17.56
CA TYR B 479 36.43 -19.48 17.79
C TYR B 479 35.22 -18.93 18.54
N TYR B 480 34.02 -19.41 18.19
CA TYR B 480 32.82 -18.95 18.88
C TYR B 480 32.86 -19.31 20.36
N LEU B 481 33.29 -20.53 20.68
CA LEU B 481 33.44 -20.92 22.08
C LEU B 481 34.47 -20.07 22.78
N LEU B 482 35.60 -19.80 22.13
CA LEU B 482 36.63 -18.96 22.72
C LEU B 482 36.11 -17.55 22.98
N GLU B 483 35.36 -17.00 22.02
CA GLU B 483 34.80 -15.66 22.18
C GLU B 483 33.80 -15.61 23.33
N MET B 484 32.94 -16.63 23.44
CA MET B 484 32.00 -16.68 24.54
C MET B 484 32.72 -16.76 25.88
N LEU B 485 33.74 -17.61 25.97
CA LEU B 485 34.50 -17.72 27.21
C LEU B 485 35.19 -16.41 27.56
N LEU B 486 35.78 -15.74 26.57
CA LEU B 486 36.45 -14.47 26.83
C LEU B 486 35.46 -13.40 27.27
N LYS B 487 34.28 -13.35 26.65
CA LYS B 487 33.27 -12.37 27.05
C LYS B 487 32.78 -12.66 28.47
N VAL B 488 32.60 -13.93 28.83
CA VAL B 488 32.22 -14.27 30.19
C VAL B 488 33.32 -13.85 31.16
N PHE B 489 34.58 -14.07 30.80
CA PHE B 489 35.68 -13.67 31.66
C PHE B 489 35.72 -12.16 31.84
N ALA B 490 35.49 -11.40 30.78
CA ALA B 490 35.56 -9.94 30.86
C ALA B 490 34.33 -9.30 31.47
N LEU B 491 33.20 -10.00 31.50
CA LEU B 491 31.96 -9.42 32.00
C LEU B 491 31.34 -10.16 33.16
N GLY B 492 31.84 -11.34 33.51
CA GLY B 492 31.20 -12.15 34.54
C GLY B 492 30.00 -12.89 33.97
N LEU B 493 29.69 -14.06 34.54
CA LEU B 493 28.62 -14.89 34.00
C LEU B 493 27.29 -14.15 34.04
N ARG B 494 26.93 -13.60 35.20
CA ARG B 494 25.70 -12.81 35.29
C ARG B 494 25.79 -11.54 34.45
N GLY B 495 26.98 -10.93 34.40
CA GLY B 495 27.16 -9.77 33.55
C GLY B 495 27.04 -10.09 32.07
N TYR B 496 27.60 -11.24 31.66
CA TYR B 496 27.49 -11.64 30.26
C TYR B 496 26.06 -11.98 29.89
N LEU B 497 25.36 -12.72 30.75
CA LEU B 497 23.99 -13.13 30.45
C LEU B 497 22.98 -11.98 30.54
N SER B 498 23.40 -10.82 31.04
CA SER B 498 22.47 -9.70 31.14
C SER B 498 21.99 -9.23 29.77
N TYR B 499 22.90 -9.12 28.81
CA TYR B 499 22.55 -8.63 27.49
C TYR B 499 21.78 -9.70 26.73
N PRO B 500 20.59 -9.39 26.20
CA PRO B 500 19.85 -10.41 25.44
C PRO B 500 20.62 -10.91 24.21
N SER B 501 21.35 -10.01 23.54
CA SER B 501 22.16 -10.45 22.40
C SER B 501 23.24 -11.42 22.86
N ASN B 502 23.88 -11.13 23.99
CA ASN B 502 24.93 -12.01 24.49
C ASN B 502 24.38 -13.37 24.90
N VAL B 503 23.21 -13.41 25.54
CA VAL B 503 22.66 -14.70 25.95
C VAL B 503 22.19 -15.50 24.74
N PHE B 504 21.63 -14.81 23.72
CA PHE B 504 21.27 -15.48 22.48
C PHE B 504 22.50 -16.09 21.81
N ASP B 505 23.58 -15.30 21.72
CA ASP B 505 24.81 -15.79 21.12
C ASP B 505 25.37 -16.98 21.90
N GLY B 506 25.34 -16.89 23.23
CA GLY B 506 25.87 -17.98 24.04
C GLY B 506 25.06 -19.26 23.90
N LEU B 507 23.73 -19.15 23.91
CA LEU B 507 22.89 -20.32 23.72
C LEU B 507 23.15 -20.96 22.36
N LEU B 508 23.21 -20.14 21.31
CA LEU B 508 23.41 -20.69 19.98
C LEU B 508 24.79 -21.31 19.83
N THR B 509 25.83 -20.70 20.42
CA THR B 509 27.15 -21.29 20.29
C THR B 509 27.29 -22.55 21.14
N VAL B 510 26.56 -22.65 22.25
CA VAL B 510 26.52 -23.89 23.01
C VAL B 510 25.88 -24.99 22.18
N VAL B 511 24.75 -24.68 21.52
CA VAL B 511 24.10 -25.67 20.67
C VAL B 511 25.03 -26.08 19.52
N LEU B 512 25.71 -25.10 18.92
CA LEU B 512 26.64 -25.41 17.84
C LEU B 512 27.78 -26.31 18.32
N LEU B 513 28.34 -26.02 19.50
CA LEU B 513 29.42 -26.84 20.02
C LEU B 513 28.95 -28.25 20.30
N VAL B 514 27.77 -28.40 20.90
CA VAL B 514 27.23 -29.73 21.19
C VAL B 514 27.05 -30.52 19.90
N LEU B 515 26.42 -29.90 18.90
CA LEU B 515 26.16 -30.60 17.65
C LEU B 515 27.46 -30.95 16.93
N GLU B 516 28.43 -30.03 16.93
CA GLU B 516 29.69 -30.28 16.25
C GLU B 516 30.46 -31.41 16.92
N ILE B 517 30.50 -31.42 18.26
CA ILE B 517 31.19 -32.49 18.97
C ILE B 517 30.50 -33.83 18.73
N SER B 518 29.17 -33.84 18.73
CA SER B 518 28.44 -35.07 18.46
C SER B 518 28.74 -35.60 17.06
N THR B 519 28.72 -34.71 16.07
CA THR B 519 28.99 -35.12 14.70
C THR B 519 30.43 -35.62 14.55
N LEU B 520 31.38 -34.93 15.20
CA LEU B 520 32.78 -35.35 15.12
C LEU B 520 32.99 -36.72 15.75
N ALA B 521 32.37 -36.96 16.90
CA ALA B 521 32.59 -38.22 17.61
C ALA B 521 31.90 -39.38 16.91
N VAL B 522 30.62 -39.20 16.53
CA VAL B 522 29.84 -40.32 16.03
C VAL B 522 30.35 -40.76 14.65
N TYR B 523 30.56 -39.81 13.74
CA TYR B 523 30.85 -40.14 12.35
C TYR B 523 32.33 -40.07 12.02
N ARG B 524 32.97 -38.92 12.26
CA ARG B 524 34.39 -38.79 11.94
C ARG B 524 35.25 -39.71 12.79
N LEU B 525 34.88 -39.89 14.05
CA LEU B 525 35.56 -40.81 14.97
C LEU B 525 37.03 -40.43 15.13
N LEU B 537 21.89 -42.25 14.74
CA LEU B 537 20.54 -41.82 14.42
C LEU B 537 20.52 -41.04 13.10
N LEU B 538 20.63 -39.72 13.20
CA LEU B 538 20.62 -38.87 12.02
C LEU B 538 21.86 -39.13 11.17
N SER B 539 21.71 -38.94 9.86
CA SER B 539 22.83 -39.11 8.96
C SER B 539 23.85 -37.99 9.15
N LEU B 540 25.05 -38.20 8.61
CA LEU B 540 26.08 -37.17 8.65
C LEU B 540 25.64 -35.92 7.91
N TRP B 541 25.03 -36.10 6.73
CA TRP B 541 24.57 -34.95 5.96
C TRP B 541 23.46 -34.20 6.66
N ASP B 542 22.56 -34.90 7.35
CA ASP B 542 21.50 -34.22 8.08
C ASP B 542 22.06 -33.37 9.21
N MET B 543 23.06 -33.88 9.94
CA MET B 543 23.65 -33.09 11.02
C MET B 543 24.57 -31.99 10.49
N THR B 544 25.08 -32.12 9.27
CA THR B 544 25.77 -31.00 8.65
C THR B 544 24.78 -29.93 8.21
N ARG B 545 23.62 -30.34 7.70
CA ARG B 545 22.57 -29.38 7.39
C ARG B 545 22.14 -28.63 8.64
N MET B 546 21.95 -29.36 9.74
CA MET B 546 21.53 -28.74 10.99
C MET B 546 22.58 -27.74 11.48
N LEU B 547 23.86 -28.13 11.42
CA LEU B 547 24.92 -27.22 11.86
C LEU B 547 24.98 -25.97 10.99
N ASN B 548 24.90 -26.13 9.67
CA ASN B 548 24.97 -24.98 8.77
C ASN B 548 23.76 -24.06 8.94
N MET B 549 22.57 -24.65 9.11
CA MET B 549 21.38 -23.83 9.34
C MET B 549 21.47 -23.09 10.67
N LEU B 550 22.04 -23.73 11.70
CA LEU B 550 22.22 -23.04 12.97
C LEU B 550 23.22 -21.90 12.85
N ILE B 551 24.27 -22.10 12.04
CA ILE B 551 25.24 -21.02 11.81
C ILE B 551 24.57 -19.84 11.09
N VAL B 552 23.76 -20.16 10.07
CA VAL B 552 23.05 -19.11 9.34
C VAL B 552 22.09 -18.35 10.27
N PHE B 553 21.41 -19.08 11.15
CA PHE B 553 20.53 -18.45 12.13
C PHE B 553 21.33 -17.58 13.09
N ARG B 554 22.50 -18.05 13.51
CA ARG B 554 23.36 -17.28 14.41
C ARG B 554 23.85 -15.99 13.75
N PHE B 555 24.02 -16.00 12.43
CA PHE B 555 24.45 -14.78 11.73
C PHE B 555 23.50 -13.60 11.97
N LEU B 556 22.32 -13.83 12.55
CA LEU B 556 21.40 -12.75 12.87
C LEU B 556 21.97 -11.79 13.92
N ARG B 557 23.03 -12.17 14.63
CA ARG B 557 23.64 -11.28 15.61
C ARG B 557 24.22 -10.02 14.98
N ILE B 558 24.47 -10.02 13.67
CA ILE B 558 25.02 -8.84 13.01
C ILE B 558 23.99 -7.71 12.95
N ILE B 559 22.71 -8.01 13.09
CA ILE B 559 21.66 -7.00 12.96
C ILE B 559 21.63 -6.09 14.19
N PRO B 560 21.55 -6.61 15.41
CA PRO B 560 21.59 -5.70 16.58
C PRO B 560 22.87 -4.89 16.68
N SER B 561 24.00 -5.43 16.21
CA SER B 561 25.27 -4.75 16.35
C SER B 561 25.37 -3.54 15.43
N MET B 562 25.22 -3.77 14.12
CA MET B 562 25.35 -2.68 13.16
C MET B 562 24.19 -1.70 13.32
N LYS B 563 24.53 -0.43 13.57
CA LYS B 563 23.53 0.59 13.88
C LYS B 563 22.51 0.80 12.78
N PRO B 564 22.88 0.94 11.49
CA PRO B 564 21.85 1.13 10.46
C PRO B 564 20.85 -0.02 10.40
N MET B 565 21.28 -1.25 10.64
CA MET B 565 20.34 -2.35 10.75
C MET B 565 19.66 -2.38 12.11
N ALA B 566 20.37 -1.98 13.17
CA ALA B 566 19.81 -2.05 14.53
C ALA B 566 18.61 -1.12 14.68
N VAL B 567 18.68 0.09 14.13
CA VAL B 567 17.57 1.03 14.27
C VAL B 567 16.32 0.49 13.58
N VAL B 568 16.49 -0.06 12.38
CA VAL B 568 15.35 -0.60 11.64
C VAL B 568 14.80 -1.84 12.35
N ALA B 569 15.69 -2.66 12.90
CA ALA B 569 15.25 -3.83 13.66
C ALA B 569 14.43 -3.42 14.88
N SER B 570 14.88 -2.40 15.60
CA SER B 570 14.12 -1.90 16.74
C SER B 570 12.77 -1.35 16.32
N THR B 571 12.73 -0.63 15.20
CA THR B 571 11.45 -0.11 14.71
C THR B 571 10.50 -1.24 14.35
N VAL B 572 11.02 -2.28 13.69
CA VAL B 572 10.19 -3.42 13.31
C VAL B 572 9.69 -4.16 14.54
N LEU B 573 10.55 -4.34 15.54
CA LEU B 573 10.13 -5.00 16.77
C LEU B 573 9.06 -4.19 17.49
N GLY B 574 9.21 -2.87 17.54
CA GLY B 574 8.16 -2.04 18.14
C GLY B 574 6.85 -2.13 17.39
N LEU B 575 6.91 -2.20 16.06
CA LEU B 575 5.70 -2.40 15.28
C LEU B 575 5.07 -3.75 15.57
N VAL B 576 5.88 -4.79 15.70
CA VAL B 576 5.33 -6.11 16.01
C VAL B 576 4.66 -6.09 17.38
N GLN B 577 5.33 -5.45 18.35
CA GLN B 577 4.79 -5.40 19.71
C GLN B 577 3.46 -4.66 19.74
N ASN B 578 3.28 -3.70 18.83
CA ASN B 578 2.03 -2.94 18.78
C ASN B 578 1.04 -3.48 17.76
N MET B 579 1.36 -4.60 17.09
CA MET B 579 0.50 -5.18 16.07
C MET B 579 -0.33 -6.36 16.57
N ARG B 580 -0.42 -6.56 17.89
CA ARG B 580 -1.14 -7.72 18.40
C ARG B 580 -2.64 -7.65 18.14
N ALA B 581 -3.20 -6.44 18.06
CA ALA B 581 -4.61 -6.31 17.66
C ALA B 581 -4.83 -6.81 16.25
N PHE B 582 -3.93 -6.47 15.33
CA PHE B 582 -4.00 -7.00 13.97
C PHE B 582 -3.87 -8.50 13.96
N GLY B 583 -2.97 -9.05 14.77
CA GLY B 583 -2.83 -10.50 14.86
C GLY B 583 -4.09 -11.17 15.36
N GLY B 584 -4.74 -10.58 16.37
CA GLY B 584 -5.98 -11.14 16.86
C GLY B 584 -7.10 -11.10 15.84
N ILE B 585 -7.22 -9.98 15.11
CA ILE B 585 -8.23 -9.88 14.06
C ILE B 585 -7.96 -10.91 12.97
N LEU B 586 -6.69 -11.07 12.60
CA LEU B 586 -6.32 -12.06 11.59
C LEU B 586 -6.67 -13.46 12.06
N VAL B 587 -6.41 -13.77 13.33
CA VAL B 587 -6.74 -15.08 13.87
C VAL B 587 -8.25 -15.31 13.82
N VAL B 588 -9.03 -14.32 14.20
CA VAL B 588 -10.49 -14.46 14.20
C VAL B 588 -10.98 -14.73 12.77
N VAL B 589 -10.52 -13.93 11.82
CA VAL B 589 -10.97 -14.05 10.43
C VAL B 589 -10.56 -15.40 9.87
N TYR B 590 -9.31 -15.80 10.08
CA TYR B 590 -8.84 -17.09 9.57
C TYR B 590 -9.61 -18.24 10.19
N TYR B 591 -9.89 -18.18 11.49
CA TYR B 591 -10.62 -19.26 12.15
C TYR B 591 -12.02 -19.39 11.56
N VAL B 592 -12.75 -18.27 11.45
CA VAL B 592 -14.11 -18.33 10.96
C VAL B 592 -14.15 -18.84 9.52
N PHE B 593 -13.29 -18.28 8.66
CA PHE B 593 -13.33 -18.66 7.25
C PHE B 593 -12.84 -20.09 7.05
N ALA B 594 -11.85 -20.54 7.83
CA ALA B 594 -11.38 -21.91 7.72
C ALA B 594 -12.47 -22.90 8.12
N ILE B 595 -13.21 -22.59 9.20
CA ILE B 595 -14.27 -23.49 9.61
C ILE B 595 -15.39 -23.52 8.58
N ILE B 596 -15.73 -22.35 8.02
CA ILE B 596 -16.76 -22.32 6.98
C ILE B 596 -16.30 -23.11 5.75
N GLY B 597 -15.04 -22.96 5.37
CA GLY B 597 -14.54 -23.71 4.22
C GLY B 597 -14.52 -25.21 4.45
N ILE B 598 -14.16 -25.62 5.67
CA ILE B 598 -14.22 -27.04 6.01
C ILE B 598 -15.65 -27.56 5.94
N ASN B 599 -16.61 -26.77 6.44
CA ASN B 599 -18.00 -27.18 6.36
C ASN B 599 -18.50 -27.24 4.92
N LEU B 600 -17.92 -26.43 4.03
CA LEU B 600 -18.38 -26.35 2.64
C LEU B 600 -17.57 -27.22 1.70
N PHE B 601 -16.25 -27.14 1.75
CA PHE B 601 -15.37 -27.74 0.76
C PHE B 601 -14.52 -28.87 1.34
N ARG B 602 -15.13 -29.73 2.16
CA ARG B 602 -14.34 -30.74 2.87
C ARG B 602 -13.78 -31.78 1.91
N GLY B 603 -14.65 -32.53 1.24
CA GLY B 603 -14.22 -33.62 0.39
C GLY B 603 -14.54 -33.43 -1.08
N VAL B 604 -14.37 -32.21 -1.57
CA VAL B 604 -14.68 -31.92 -2.97
C VAL B 604 -13.51 -32.21 -3.88
N ILE B 605 -12.29 -31.89 -3.46
CA ILE B 605 -11.10 -32.07 -4.27
C ILE B 605 -10.59 -33.50 -4.05
N VAL B 606 -10.71 -34.34 -5.08
CA VAL B 606 -10.27 -35.72 -5.02
C VAL B 606 -9.34 -35.99 -6.20
N ALA B 607 -8.32 -36.81 -5.96
CA ALA B 607 -7.36 -37.17 -7.00
C ALA B 607 -7.89 -38.37 -7.78
N LEU B 608 -8.33 -38.13 -9.00
CA LEU B 608 -8.89 -39.21 -9.82
C LEU B 608 -7.78 -40.18 -10.22
N PRO B 609 -7.94 -41.49 -9.96
CA PRO B 609 -6.94 -42.49 -10.31
C PRO B 609 -7.19 -43.14 -11.67
N SER B 620 -2.76 -34.56 -19.47
CA SER B 620 -4.21 -34.56 -19.58
C SER B 620 -4.80 -33.25 -19.06
N ALA B 621 -4.24 -32.75 -17.97
CA ALA B 621 -4.71 -31.50 -17.39
C ALA B 621 -4.25 -30.31 -18.25
N PRO B 622 -5.04 -29.24 -18.28
CA PRO B 622 -4.61 -28.04 -19.01
C PRO B 622 -3.35 -27.44 -18.39
N CYS B 623 -2.58 -26.75 -19.24
CA CYS B 623 -1.25 -26.28 -18.82
C CYS B 623 -1.31 -25.35 -17.62
N GLY B 624 -2.39 -24.58 -17.48
CA GLY B 624 -2.48 -23.64 -16.39
C GLY B 624 -3.62 -23.93 -15.44
N SER B 625 -3.82 -25.21 -15.13
CA SER B 625 -4.95 -25.64 -14.33
C SER B 625 -4.51 -25.99 -12.90
N PHE B 626 -5.50 -26.33 -12.09
CA PHE B 626 -5.25 -26.75 -10.70
C PHE B 626 -4.51 -28.08 -10.63
N GLU B 627 -4.73 -28.96 -11.62
CA GLU B 627 -4.11 -30.28 -11.59
C GLU B 627 -2.69 -30.27 -12.12
N GLN B 628 -2.41 -29.46 -13.16
CA GLN B 628 -1.07 -29.41 -13.71
C GLN B 628 -0.08 -28.75 -12.75
N LEU B 629 -0.54 -27.74 -12.01
CA LEU B 629 0.31 -27.10 -11.02
C LEU B 629 0.44 -27.92 -9.74
N GLU B 630 -0.31 -29.02 -9.63
CA GLU B 630 -0.26 -29.90 -8.46
C GLU B 630 -0.54 -29.13 -7.17
N TYR B 631 -1.62 -28.37 -7.18
CA TYR B 631 -2.09 -27.65 -6.00
C TYR B 631 -2.91 -28.53 -5.05
N TRP B 632 -2.78 -29.85 -5.16
CA TRP B 632 -3.61 -30.75 -4.37
C TRP B 632 -3.47 -30.51 -2.87
N ALA B 633 -2.32 -30.00 -2.42
CA ALA B 633 -2.12 -29.73 -1.00
C ALA B 633 -2.98 -28.57 -0.49
N ASN B 634 -3.57 -27.77 -1.39
CA ASN B 634 -4.38 -26.62 -1.00
C ASN B 634 -5.85 -27.03 -1.04
N ASN B 635 -6.27 -27.75 0.00
CA ASN B 635 -7.65 -28.20 0.13
C ASN B 635 -8.18 -27.81 1.52
N PHE B 636 -9.41 -28.22 1.80
CA PHE B 636 -10.06 -27.92 3.08
C PHE B 636 -10.41 -29.20 3.84
N ASP B 637 -9.64 -30.27 3.62
CA ASP B 637 -9.95 -31.54 4.27
C ASP B 637 -9.72 -31.49 5.77
N ASP B 638 -8.82 -30.63 6.23
CA ASP B 638 -8.54 -30.49 7.65
C ASP B 638 -8.25 -29.02 7.95
N PHE B 639 -8.00 -28.72 9.23
CA PHE B 639 -7.90 -27.33 9.65
C PHE B 639 -6.59 -26.70 9.19
N ALA B 640 -5.47 -27.42 9.31
CA ALA B 640 -4.19 -26.86 8.87
C ALA B 640 -4.17 -26.62 7.37
N ALA B 641 -4.69 -27.57 6.59
CA ALA B 641 -4.78 -27.37 5.15
C ALA B 641 -5.72 -26.23 4.81
N ALA B 642 -6.80 -26.08 5.58
CA ALA B 642 -7.69 -24.93 5.37
C ALA B 642 -6.97 -23.62 5.63
N LEU B 643 -6.17 -23.56 6.70
CA LEU B 643 -5.42 -22.35 7.00
C LEU B 643 -4.41 -22.03 5.91
N VAL B 644 -3.71 -23.05 5.40
CA VAL B 644 -2.72 -22.81 4.36
C VAL B 644 -3.40 -22.39 3.06
N THR B 645 -4.55 -23.00 2.74
CA THR B 645 -5.29 -22.58 1.56
C THR B 645 -5.77 -21.14 1.68
N LEU B 646 -6.28 -20.76 2.85
CA LEU B 646 -6.70 -19.38 3.05
C LEU B 646 -5.52 -18.41 3.00
N TRP B 647 -4.34 -18.86 3.43
CA TRP B 647 -3.14 -18.04 3.29
C TRP B 647 -2.80 -17.84 1.81
N ASN B 648 -2.78 -18.94 1.04
CA ASN B 648 -2.47 -18.86 -0.38
C ASN B 648 -3.51 -18.06 -1.16
N LEU B 649 -4.73 -17.98 -0.65
CA LEU B 649 -5.75 -17.12 -1.25
C LEU B 649 -5.60 -15.67 -0.80
N MET B 650 -5.13 -15.45 0.43
CA MET B 650 -4.88 -14.10 0.91
C MET B 650 -3.86 -13.39 0.04
N VAL B 651 -2.75 -14.05 -0.24
CA VAL B 651 -1.85 -13.62 -1.30
C VAL B 651 -2.55 -13.90 -2.62
N VAL B 652 -3.07 -12.85 -3.26
CA VAL B 652 -4.05 -12.97 -4.33
C VAL B 652 -3.44 -13.60 -5.58
N ASN B 653 -2.16 -13.96 -5.53
CA ASN B 653 -1.52 -14.55 -6.69
C ASN B 653 -2.12 -15.92 -6.98
N ASN B 654 -2.27 -16.22 -8.27
CA ASN B 654 -2.88 -17.47 -8.73
C ASN B 654 -4.27 -17.67 -8.12
N TRP B 655 -5.00 -16.58 -7.96
CA TRP B 655 -6.36 -16.67 -7.44
C TRP B 655 -7.30 -17.37 -8.42
N GLN B 656 -7.15 -17.08 -9.72
CA GLN B 656 -8.04 -17.65 -10.71
C GLN B 656 -7.89 -19.17 -10.78
N VAL B 657 -6.72 -19.71 -10.44
CA VAL B 657 -6.54 -21.16 -10.45
C VAL B 657 -7.47 -21.80 -9.43
N PHE B 658 -7.46 -21.30 -8.20
CA PHE B 658 -8.36 -21.81 -7.17
C PHE B 658 -9.82 -21.53 -7.51
N LEU B 659 -10.10 -20.36 -8.08
CA LEU B 659 -11.47 -20.04 -8.47
C LEU B 659 -12.01 -21.06 -9.46
N ASP B 660 -11.26 -21.34 -10.53
CA ASP B 660 -11.69 -22.31 -11.52
C ASP B 660 -11.76 -23.71 -10.93
N ALA B 661 -10.78 -24.07 -10.09
CA ALA B 661 -10.78 -25.41 -9.49
C ALA B 661 -12.04 -25.65 -8.68
N TYR B 662 -12.37 -24.72 -7.78
CA TYR B 662 -13.54 -24.93 -6.93
C TYR B 662 -14.85 -24.67 -7.68
N ARG B 663 -14.82 -23.90 -8.77
CA ARG B 663 -15.99 -23.85 -9.64
C ARG B 663 -16.27 -25.21 -10.28
N ARG B 664 -15.21 -25.89 -10.71
CA ARG B 664 -15.39 -27.20 -11.35
C ARG B 664 -15.70 -28.30 -10.35
N TYR B 665 -15.16 -28.22 -9.12
CA TYR B 665 -15.35 -29.29 -8.15
C TYR B 665 -16.56 -29.07 -7.26
N SER B 666 -16.69 -27.91 -6.64
CA SER B 666 -17.77 -27.66 -5.69
C SER B 666 -18.99 -26.99 -6.32
N GLY B 667 -18.96 -26.71 -7.62
CA GLY B 667 -20.09 -26.11 -8.28
C GLY B 667 -19.88 -24.63 -8.56
N PRO B 668 -20.72 -24.08 -9.44
CA PRO B 668 -20.55 -22.66 -9.81
C PRO B 668 -20.71 -21.71 -8.63
N TRP B 669 -21.60 -22.01 -7.69
CA TRP B 669 -21.84 -21.11 -6.57
C TRP B 669 -20.83 -21.30 -5.45
N SER B 670 -19.55 -21.33 -5.81
CA SER B 670 -18.47 -21.31 -4.84
C SER B 670 -17.62 -20.06 -4.91
N LYS B 671 -17.70 -19.31 -6.01
CA LYS B 671 -16.98 -18.04 -6.11
C LYS B 671 -17.46 -17.02 -5.08
N ILE B 672 -18.67 -17.17 -4.56
CA ILE B 672 -19.16 -16.23 -3.54
C ILE B 672 -18.29 -16.31 -2.29
N TYR B 673 -18.00 -17.54 -1.84
CA TYR B 673 -17.17 -17.72 -0.65
C TYR B 673 -15.78 -17.15 -0.86
N PHE B 674 -15.17 -17.42 -2.02
CA PHE B 674 -13.81 -16.95 -2.26
C PHE B 674 -13.76 -15.45 -2.47
N VAL B 675 -14.82 -14.85 -3.02
CA VAL B 675 -14.85 -13.40 -3.16
C VAL B 675 -15.01 -12.73 -1.79
N LEU B 676 -15.88 -13.27 -0.94
CA LEU B 676 -15.99 -12.75 0.42
C LEU B 676 -14.68 -12.91 1.18
N TRP B 677 -14.01 -14.05 1.02
CA TRP B 677 -12.71 -14.24 1.64
C TRP B 677 -11.68 -13.25 1.10
N TRP B 678 -11.70 -13.00 -0.21
CA TRP B 678 -10.77 -12.04 -0.78
C TRP B 678 -10.98 -10.65 -0.20
N LEU B 679 -12.24 -10.22 -0.10
CA LEU B 679 -12.52 -8.92 0.52
C LEU B 679 -12.02 -8.88 1.96
N VAL B 680 -12.54 -9.78 2.80
CA VAL B 680 -12.25 -9.76 4.24
C VAL B 680 -10.77 -9.98 4.51
N SER B 681 -10.05 -10.65 3.61
CA SER B 681 -8.64 -10.95 3.84
C SER B 681 -7.72 -9.89 3.28
N SER B 682 -7.98 -9.42 2.05
CA SER B 682 -7.17 -8.36 1.47
C SER B 682 -7.29 -7.08 2.27
N VAL B 683 -8.49 -6.75 2.76
CA VAL B 683 -8.63 -5.57 3.62
C VAL B 683 -7.68 -5.65 4.80
N ILE B 684 -7.78 -6.74 5.59
CA ILE B 684 -6.95 -6.89 6.77
C ILE B 684 -5.48 -6.91 6.41
N TRP B 685 -5.11 -7.61 5.34
CA TRP B 685 -3.71 -7.86 5.03
C TRP B 685 -3.02 -6.63 4.45
N VAL B 686 -3.73 -5.80 3.69
CA VAL B 686 -3.12 -4.70 2.97
C VAL B 686 -3.51 -3.35 3.58
N ASN B 687 -4.80 -3.10 3.74
CA ASN B 687 -5.23 -1.76 4.10
C ASN B 687 -5.20 -1.54 5.61
N LEU B 688 -5.84 -2.42 6.38
CA LEU B 688 -5.81 -2.25 7.82
C LEU B 688 -4.38 -2.35 8.35
N PHE B 689 -3.63 -3.33 7.84
CA PHE B 689 -2.26 -3.50 8.30
C PHE B 689 -1.38 -2.31 7.91
N LEU B 690 -1.55 -1.78 6.69
CA LEU B 690 -0.75 -0.62 6.30
C LEU B 690 -1.14 0.61 7.12
N ALA B 691 -2.42 0.77 7.43
CA ALA B 691 -2.84 1.87 8.29
C ALA B 691 -2.23 1.76 9.67
N LEU B 692 -2.23 0.55 10.25
CA LEU B 692 -1.62 0.36 11.56
C LEU B 692 -0.12 0.63 11.52
N ILE B 693 0.56 0.17 10.47
CA ILE B 693 1.99 0.41 10.35
C ILE B 693 2.27 1.90 10.19
N LEU B 694 1.44 2.60 9.41
CA LEU B 694 1.60 4.04 9.25
C LEU B 694 1.46 4.76 10.58
N GLU B 695 0.42 4.41 11.34
CA GLU B 695 0.20 5.06 12.64
C GLU B 695 1.35 4.78 13.59
N ASN B 696 1.79 3.53 13.65
CA ASN B 696 2.86 3.17 14.58
C ASN B 696 4.20 3.77 14.18
N PHE B 697 4.46 3.92 12.88
CA PHE B 697 5.70 4.52 12.44
C PHE B 697 5.70 6.03 12.66
N LEU B 698 4.56 6.69 12.43
CA LEU B 698 4.51 8.13 12.60
C LEU B 698 4.44 8.55 14.06
N HIS B 699 3.86 7.71 14.93
CA HIS B 699 3.82 8.05 16.35
C HIS B 699 5.23 8.08 16.94
N LYS B 700 6.07 7.11 16.58
CA LYS B 700 7.43 7.06 17.10
C LYS B 700 8.31 8.16 16.52
N TRP B 701 7.98 8.67 15.33
CA TRP B 701 8.77 9.72 14.72
C TRP B 701 8.17 11.09 15.00
C1 PLD C . 20.24 18.73 -6.96
C2 PLD C . 18.96 18.20 -7.56
C3 PLD C . 18.96 18.18 -9.07
C4 PLD C . 18.48 22.52 -6.57
C5 PLD C . 18.67 23.51 -5.45
C6 PLD C . 18.11 25.66 -4.39
C7 PLD C . 16.36 24.36 -5.44
C8 PLD C . 18.03 25.47 -6.80
C' PLD C . 17.57 16.26 -7.28
C1' PLD C . 17.64 14.77 -7.36
C2' PLD C . 18.27 14.13 -6.16
C3' PLD C . 18.52 12.64 -6.34
C4' PLD C . 17.27 11.84 -6.61
C5' PLD C . 17.52 10.40 -6.95
C6' PLD C . 16.27 9.57 -7.15
C7' PLD C . 16.52 8.14 -7.58
C8' PLD C . 15.29 7.29 -7.61
C9' PLD C . 14.18 7.83 -8.48
CA' PLD C . 12.91 7.00 -8.44
CB' PLD C . 11.78 7.59 -9.26
CB PLD C . 20.08 17.10 -10.83
C1B PLD C . 20.83 15.85 -11.22
C2B PLD C . 20.01 14.61 -11.12
C3B PLD C . 18.80 14.63 -12.06
C4B PLD C . 18.17 13.28 -12.30
C5B PLD C . 17.70 12.58 -11.04
C6B PLD C . 17.33 11.13 -11.25
C7B PLD C . 16.21 10.91 -12.22
C8B PLD C . 14.88 11.46 -11.78
O' PLD C . 16.56 16.90 -7.36
OB PLD C . 19.73 17.97 -11.58
O2 PLD C . 18.77 16.84 -7.09
O3 PLD C . 19.84 17.13 -9.53
O1P PLD C . 17.65 19.88 -5.32
O2P PLD C . 19.58 20.93 -3.92
O3P PLD C . 20.06 19.11 -5.58
O4P PLD C . 19.37 21.38 -6.40
N PLD C . 17.79 24.74 -5.52
P PLD C . 19.08 20.33 -5.20
C13 Q7G D . -16.19 14.49 -9.37
C15 Q7G D . -15.90 12.08 -8.77
C16 Q7G D . -16.11 15.92 -8.95
C17 Q7G D . -17.22 16.75 -9.56
C01 Q7G D . -14.33 10.26 -12.63
C03 Q7G D . -16.07 8.48 -12.02
C04 Q7G D . -15.55 8.04 -10.62
C06 Q7G D . -15.86 10.36 -10.59
C07 Q7G D . -15.63 11.83 -10.25
C08 Q7G D . -16.55 12.72 -11.10
C10 Q7G D . -16.78 10.86 -12.82
C18 Q7G D . -17.29 16.55 -11.07
C19 Q7G D . -17.41 15.06 -11.44
CG1 Q7G D . -18.10 18.94 -9.01
C02 Q7G D . -15.74 10.01 -12.08
C05 Q7G D . -15.00 9.28 -9.92
C09 Q7G D . -16.53 12.34 -12.60
C11 Q7G D . -16.26 14.23 -10.87
C12 Q7G D . -14.92 14.67 -11.50
C14 Q7G D . -16.25 13.52 -8.48
C1B Q7G D . -16.36 21.17 -4.80
C1C Q7G D . -19.73 23.26 -7.35
C22 Q7G D . -17.74 20.39 -9.16
C23 Q7G D . -16.89 21.00 -8.04
C24 Q7G D . -16.66 20.01 -6.92
C2B Q7G D . -15.25 21.56 -3.84
C2C Q7G D . -21.21 22.94 -7.57
C3B Q7G D . -14.66 20.32 -3.17
C3C Q7G D . -21.60 23.26 -9.00
C48 Q7G D . -17.58 22.27 -7.61
C4B Q7G D . -15.77 19.48 -2.57
C4C Q7G D . -21.40 24.74 -9.30
C5B Q7G D . -16.82 19.16 -3.61
C5C Q7G D . -20.21 25.30 -8.52
C6B Q7G D . -18.00 18.38 -3.05
C6C Q7G D . -20.48 26.06 -7.23
C73 Q7G D . -15.02 6.33 -12.05
C74 Q7G D . -15.36 7.52 -12.97
C75 Q7G D . -16.16 7.20 -14.24
C76 Q7G D . -13.92 5.36 -12.46
C77 Q7G D . -14.29 4.51 -13.67
C78 Q7G D . -15.78 4.22 -13.71
C79 Q7G D . -16.32 4.31 -12.29
C81 Q7G D . -16.10 2.86 -14.33
O1 Q7G D . -15.19 18.26 -2.08
O11 Q7G D . -21.14 24.85 -10.71
O1B Q7G D . -15.80 20.44 -5.85
O1C Q7G D . -19.00 22.08 -7.54
O20 Q7G D . -16.96 18.13 -9.32
O2B Q7G D . -14.24 22.28 -4.53
O2C Q7G D . -21.48 21.58 -7.26
O3B Q7G D . -13.71 20.70 -2.17
O3C Q7G D . -22.96 22.90 -9.23
O5B Q7G D . -17.35 20.39 -4.12
O5C Q7G D . -19.27 24.23 -8.27
O6B Q7G D . -17.56 17.24 -2.33
O6C Q7G D . -21.79 25.83 -6.74
O72 Q7G D . -14.56 7.01 -10.88
O80 Q7G D . -16.23 5.64 -11.75
C18 W4E E . -29.80 12.69 -7.37
C23 W4E E . -30.37 12.29 -9.69
C16 W4E E . -27.95 7.99 -7.52
C17 W4E E . -28.86 9.01 -7.28
C22 W4E E . -30.81 15.47 -11.42
C24 W4E E . -30.99 10.14 -10.64
C15 W4E E . -24.95 5.73 -8.48
C14 W4E E . -24.85 4.96 -9.63
C21 W4E E . -30.48 13.68 -9.89
C25 W4E E . -30.41 9.18 -11.45
C10 W4E E . -26.15 5.76 -7.81
C20 W4E E . -30.26 14.54 -8.83
C6 W4E E . -28.99 9.60 -6.04
C4 W4E E . -29.41 12.14 -6.00
C12 W4E E . -27.12 4.29 -9.41
C3 W4E E . -29.70 15.04 -6.43
C9 W4E E . -27.16 7.54 -6.48
C13 W4E E . -25.93 4.24 -10.10
C2 W4E E . -29.23 14.38 -5.16
C1 W4E E . -29.55 12.55 -3.62
C7 W4E E . -28.17 9.14 -5.02
C11 W4E E . -27.24 5.05 -8.26
C19 W4E E . -29.91 14.06 -7.56
C26 W4E E . -30.82 7.87 -11.35
C27 W4E E . -31.82 7.51 -10.47
C28 W4E E . -32.41 8.47 -9.69
C29 W4E E . -32.01 9.80 -9.78
C30 W4E E . -30.00 11.82 -8.44
C5 W4E E . -29.97 10.71 -5.79
C8 W4E E . -27.25 8.12 -5.23
N1 W4E E . -29.85 13.07 -4.95
O1 W4E E . -26.22 6.53 -6.66
O2 W4E E . -30.82 14.08 -11.15
O3 W4E E . -30.56 11.45 -10.77
N PCF F . 7.74 26.38 -14.65
P PCF F . 4.14 22.82 -14.50
O11 PCF F . 4.33 21.59 -15.51
O12 PCF F . 3.69 22.28 -13.17
O13 PCF F . 5.60 23.45 -14.35
O14 PCF F . 3.28 23.84 -15.21
C11 PCF F . 5.74 24.87 -14.09
C12 PCF F . 7.18 25.23 -13.82
C13 PCF F . 7.14 27.66 -14.22
C14 PCF F . 7.44 26.16 -16.09
C15 PCF F . 9.21 26.46 -14.48
C1 PCF F . 4.03 21.78 -16.92
C2 PCF F . 3.98 20.46 -17.65
C3 PCF F . 4.47 20.56 -19.08
O31 PCF F . 4.86 19.26 -19.58
O32 PCF F . 2.93 19.17 -20.70
C31 PCF F . 4.01 18.71 -20.43
C32 PCF F . 4.53 17.42 -21.02
C33 PCF F . 3.53 16.30 -20.96
C34 PCF F . 4.17 14.92 -20.84
C35 PCF F . 4.31 14.22 -22.17
C36 PCF F . 4.42 12.71 -22.08
C37 PCF F . 4.72 12.03 -23.39
C38 PCF F . 4.64 10.53 -23.34
C39 PCF F . 5.67 9.88 -22.46
C40 PCF F . 5.73 8.38 -22.59
C41 PCF F . 5.62 7.64 -21.28
C42 PCF F . 4.21 7.25 -20.93
C43 PCF F . 4.10 6.23 -19.82
O21 PCF F . 4.84 19.53 -16.94
O22 PCF F . 4.45 18.30 -15.13
C21 PCF F . 4.26 18.50 -16.30
C22 PCF F . 3.35 17.64 -17.14
C23 PCF F . 3.27 16.22 -16.64
C24 PCF F . 2.06 15.48 -17.16
C25 PCF F . 2.19 13.98 -17.15
C26 PCF F . 0.88 13.25 -17.31
C27 PCF F . 1.01 11.75 -17.42
C28 PCF F . 1.07 11.21 -18.83
C29 PCF F . 0.97 9.71 -18.92
C30 PCF F . 0.61 9.19 -20.29
C44 PCF F . 2.74 5.59 -19.71
C45 PCF F . 2.75 4.22 -19.07
C46 PCF F . 1.62 3.34 -19.53
CAA Y01 G . 17.47 -4.76 -2.17
CBA Y01 G . 16.40 -5.67 -2.76
CAB Y01 G . 15.25 -5.84 -1.78
CAN Y01 G . 16.99 -7.01 -3.16
CAJ Y01 G . 18.08 -6.96 -4.20
CAO Y01 G . 18.55 -8.31 -4.64
CBB Y01 G . 19.59 -8.31 -5.78
CAC Y01 G . 20.88 -7.68 -5.30
CBE Y01 G . 19.76 -9.73 -6.35
CAP Y01 G . 18.41 -10.47 -6.53
CAQ Y01 G . 18.55 -11.36 -7.77
CBG Y01 G . 20.06 -11.39 -8.02
CBI Y01 G . 20.48 -9.94 -7.72
CAE Y01 G . 19.94 -8.95 -8.76
CAU Y01 G . 22.01 -9.92 -7.71
CAS Y01 G . 22.59 -10.44 -9.02
CBF Y01 G . 22.11 -11.86 -9.35
CBD Y01 G . 20.57 -11.95 -9.33
CAK Y01 G . 20.14 -13.40 -9.50
CAI Y01 G . 20.94 -14.14 -10.52
CAZ Y01 G . 22.06 -13.71 -11.09
CAV Y01 G . 22.75 -14.51 -12.15
CBH Y01 G . 22.73 -12.40 -10.68
CAD Y01 G . 22.56 -11.40 -11.84
CAT Y01 G . 24.23 -12.67 -10.44
CAR Y01 G . 24.90 -13.48 -11.56
CBC Y01 G . 24.18 -14.79 -11.78
OAW Y01 G . 24.85 -15.51 -12.85
CAY Y01 G . 24.59 -16.81 -13.03
OAG Y01 G . 23.52 -17.31 -12.82
CAM Y01 G . 25.82 -17.57 -13.46
CAL Y01 G . 25.81 -18.11 -14.88
CAX Y01 G . 25.99 -17.06 -15.96
OAH Y01 G . 25.97 -17.42 -17.15
OAF Y01 G . 26.15 -15.87 -15.61
CAA Y01 H . 16.37 -15.96 9.31
CBA Y01 H . 16.65 -17.39 8.89
CAB Y01 H . 18.06 -17.51 8.33
CAN Y01 H . 16.44 -18.37 10.05
CAJ Y01 H . 15.03 -18.47 10.56
CAO Y01 H . 14.06 -18.96 9.53
CBB Y01 H . 12.82 -19.72 10.06
CAC Y01 H . 11.67 -19.54 9.07
CBE Y01 H . 13.18 -21.19 10.35
CAP Y01 H . 13.91 -21.37 11.71
CAQ Y01 H . 13.65 -22.82 12.18
CBG Y01 H . 13.01 -23.46 10.95
CBI Y01 H . 12.12 -22.35 10.38
CAE Y01 H . 10.96 -22.01 11.33
CAU Y01 H . 11.60 -22.85 9.02
CAS Y01 H . 10.88 -24.19 9.15
CBF Y01 H . 11.76 -25.28 9.77
CBD Y01 H . 12.35 -24.83 11.10
CAK Y01 H . 13.37 -25.85 11.61
CAI Y01 H . 12.91 -27.26 11.42
CAZ Y01 H . 11.84 -27.62 10.71
CAV Y01 H . 11.39 -29.07 10.67
CBH Y01 H . 11.03 -26.65 9.86
CAD Y01 H . 9.64 -26.52 10.50
CAT Y01 H . 10.91 -27.26 8.44
CAR Y01 H . 10.45 -28.72 8.43
CBC Y01 H . 11.37 -29.58 9.25
OAW Y01 H . 10.87 -30.95 9.29
CAY Y01 H . 11.18 -31.77 8.30
OAG Y01 H . 11.70 -31.40 7.27
CAM Y01 H . 10.81 -33.19 8.60
CAL Y01 H . 10.20 -33.99 7.48
CAX Y01 H . 11.13 -34.33 6.33
OAH Y01 H . 10.69 -34.97 5.36
OAF Y01 H . 12.32 -33.97 6.42
CAA Y01 I . -0.71 0.10 -26.04
CBA Y01 I . 0.00 1.34 -25.53
CAB Y01 I . -0.28 1.53 -24.04
CAN Y01 I . -0.40 2.58 -26.33
CAJ Y01 I . -0.01 2.57 -27.78
CAO Y01 I . -0.54 3.75 -28.55
CBB Y01 I . -0.05 3.87 -30.00
CAC Y01 I . 1.47 3.85 -30.05
CBE Y01 I . -0.71 2.82 -30.90
CAP Y01 I . -2.19 2.54 -30.50
CAQ Y01 I . -2.90 1.98 -31.75
CBG Y01 I . -1.79 1.92 -32.80
CBI Y01 I . -0.85 3.07 -32.42
CAE Y01 I . -1.48 4.46 -32.68
CAU Y01 I . 0.41 2.90 -33.28
CAS Y01 I . 0.08 2.92 -34.77
CBF Y01 I . -0.94 1.84 -35.17
CBD Y01 I . -2.19 1.88 -34.27
CAK Y01 I . -3.07 0.66 -34.56
CAI Y01 I . -3.17 0.36 -36.01
CAZ Y01 I . -2.45 0.91 -36.97
CAV Y01 I . -2.69 0.59 -38.43
CBH Y01 I . -1.30 1.87 -36.68
CAD Y01 I . -1.73 3.29 -37.13
CAT Y01 I . -0.06 1.44 -37.50
CAR Y01 I . -0.37 1.14 -38.97
CBC Y01 I . -1.43 0.08 -39.09
OAW Y01 I . -1.74 -0.17 -40.49
CAY Y01 I . -1.07 -1.12 -41.14
OAG Y01 I . -1.09 -1.25 -42.33
CAM Y01 I . -0.32 -2.05 -40.22
CAL Y01 I . 0.39 -3.22 -40.88
CAX Y01 I . -0.51 -4.22 -41.58
OAH Y01 I . -1.35 -4.83 -40.88
OAF Y01 I . -0.37 -4.39 -42.81
C13 Q7G J . -30.03 -11.93 -17.73
C15 Q7G J . -29.55 -9.49 -18.07
C16 Q7G J . -30.34 -13.27 -18.34
C17 Q7G J . -31.35 -14.02 -17.50
C01 Q7G J . -26.68 -8.36 -14.78
C03 Q7G J . -28.38 -6.48 -14.46
C04 Q7G J . -28.16 -5.82 -15.85
C06 Q7G J . -28.83 -8.09 -16.12
C07 Q7G J . -28.84 -9.51 -16.73
C08 Q7G J . -29.54 -10.46 -15.76
C10 Q7G J . -28.94 -8.93 -13.80
C18 Q7G J . -30.90 -14.10 -16.05
C19 Q7G J . -30.62 -12.72 -15.47
CG1 Q7G J . -32.61 -15.48 -18.96
C02 Q7G J . -28.17 -7.99 -14.74
C05 Q7G J . -28.20 -6.93 -16.90
C09 Q7G J . -28.97 -10.36 -14.34
C11 Q7G J . -29.59 -11.93 -16.28
C12 Q7G J . -28.20 -12.61 -16.19
C14 Q7G J . -30.16 -10.81 -18.44
C73 Q7G J . -26.88 -4.60 -14.46
C74 Q7G J . -27.42 -5.71 -13.55
C75 Q7G J . -28.03 -5.22 -12.24
C76 Q7G J . -25.48 -4.11 -14.15
C77 Q7G J . -25.49 -2.66 -13.64
C78 Q7G J . -26.18 -1.71 -14.62
C79 Q7G J . -27.41 -2.39 -15.18
C81 Q7G J . -25.25 -1.25 -15.73
O20 Q7G J . -31.56 -15.34 -18.00
O72 Q7G J . -26.88 -5.20 -15.76
O80 Q7G J . -27.81 -3.53 -14.42
C1 PLD K . -20.71 -3.95 21.08
C2 PLD K . -19.81 -4.29 19.91
C3 PLD K . -20.40 -5.30 18.95
C4 PLD K . -19.66 -0.27 23.90
C5 PLD K . -18.70 -1.35 24.33
C6 PLD K . -16.76 -1.20 22.82
C7 PLD K . -16.44 -1.92 25.11
C8 PLD K . -16.99 0.39 24.62
C' PLD K . -18.19 -2.67 19.19
C1' PLD K . -17.82 -1.86 17.98
C2' PLD K . -16.96 -2.61 17.01
C3' PLD K . -17.20 -4.11 17.04
C4' PLD K . -18.04 -4.64 15.91
C5' PLD K . -18.43 -3.61 14.87
C6' PLD K . -17.72 -3.77 13.54
C7' PLD K . -16.56 -4.72 13.54
C8' PLD K . -15.73 -4.71 12.29
C9' PLD K . -16.52 -4.88 11.02
CA' PLD K . -17.13 -6.25 10.86
CB' PLD K . -17.17 -6.74 9.43
CB PLD K . -20.88 -7.52 19.67
C1B PLD K . -19.42 -7.72 19.35
C2B PLD K . -19.17 -8.66 18.21
C3B PLD K . -18.23 -8.09 17.16
C4B PLD K . -17.91 -9.02 16.03
C5B PLD K . -17.15 -8.37 14.89
C6B PLD K . -16.18 -9.29 14.19
C7B PLD K . -15.23 -8.59 13.24
C8B PLD K . -14.23 -9.49 12.58
C9B PLD K . -13.79 -9.04 11.21
CAA PLD K . -12.74 -7.96 11.21
CBA PLD K . -13.11 -6.73 10.42
O' PLD K . -17.44 -2.95 20.09
OB PLD K . -21.65 -8.41 19.86
O2 PLD K . -19.47 -3.08 19.17
O3 PLD K . -21.22 -6.23 19.70
O1P PLD K . -19.45 -0.59 21.05
O2P PLD K . -21.93 -1.42 21.02
O3P PLD K . -20.10 -2.91 21.88
O4P PLD K . -20.78 -0.84 23.18
N PLD K . -17.22 -1.02 24.22
P PLD K . -20.58 -1.39 21.68
CC' PLD K . -17.28 -5.65 8.39
CCA PLD K . -13.29 -6.98 8.95
CDA PLD K . -12.81 -5.86 8.06
CEA PLD K . -13.19 -6.00 6.61
CFA PLD K . -14.43 -6.82 6.37
CGA PLD K . -15.33 -6.30 5.26
CHA PLD K . -14.74 -5.18 4.45
CIA PLD K . -15.20 -5.14 3.01
CJA PLD K . -15.54 -3.76 2.51
CKA PLD K . -15.40 -3.60 1.02
N PCF L . -7.18 -7.09 29.39
P PCF L . -4.81 -7.06 25.38
O11 PCF L . -4.54 -8.59 24.99
O12 PCF L . -3.51 -6.32 25.27
O13 PCF L . -5.21 -7.15 26.93
O14 PCF L . -6.01 -6.58 24.61
C11 PCF L . -5.68 -5.95 27.62
C12 PCF L . -5.97 -6.23 29.08
C13 PCF L . -7.48 -7.02 30.83
C14 PCF L . -8.37 -6.58 28.62
C15 PCF L . -6.94 -8.51 29.01
C1 PCF L . -4.14 -8.93 23.63
C2 PCF L . -3.84 -10.42 23.56
C3 PCF L . -4.99 -11.30 24.01
O31 PCF L . -4.52 -12.67 24.01
O32 PCF L . -6.57 -13.39 24.46
C31 PCF L . -5.40 -13.60 24.33
C32 PCF L . -4.73 -14.92 24.58
C33 PCF L . -5.07 -15.98 23.59
C34 PCF L . -4.56 -15.65 22.19
C35 PCF L . -4.46 -16.84 21.27
C36 PCF L . -3.98 -16.51 19.89
C37 PCF L . -3.40 -17.68 19.12
C38 PCF L . -4.41 -18.74 18.74
C39 PCF L . -3.81 -19.93 18.05
C40 PCF L . -4.80 -20.99 17.64
C41 PCF L . -5.73 -20.58 16.53
C42 PCF L . -5.04 -20.25 15.23
C43 PCF L . -5.97 -19.88 14.11
O21 PCF L . -3.42 -10.85 22.24
O22 PCF L . -5.22 -10.06 21.12
C21 PCF L . -4.31 -10.83 21.22
C22 PCF L . -4.05 -11.95 20.26
C23 PCF L . -2.65 -12.00 19.74
C24 PCF L . -2.32 -13.31 19.06
C25 PCF L . -0.88 -13.47 18.65
C26 PCF L . -0.50 -12.75 17.39
C27 PCF L . -1.05 -13.38 16.13
C28 PCF L . -0.58 -14.79 15.89
C29 PCF L . -1.07 -15.42 14.61
C44 PCF L . -5.28 -19.50 12.82
C45 PCF L . -4.36 -18.31 12.94
C46 PCF L . -3.70 -17.92 11.63
CAA Y01 M . 1.43 -25.37 7.92
CBA Y01 M . 0.54 -24.73 8.99
CAB Y01 M . 0.60 -23.22 8.88
CAN Y01 M . 0.92 -25.21 10.38
CAJ Y01 M . 0.68 -26.66 10.67
CAO Y01 M . 1.13 -27.08 12.05
CBB Y01 M . 0.69 -28.48 12.50
CAC Y01 M . -0.82 -28.65 12.33
CBE Y01 M . 1.51 -29.57 11.80
CAP Y01 M . 2.98 -29.14 11.53
CAQ Y01 M . 3.80 -30.43 11.38
CBG Y01 M . 2.78 -31.55 11.55
CBI Y01 M . 1.72 -30.95 12.49
CAE Y01 M . 2.25 -30.74 13.92
CAU Y01 M . 0.53 -31.92 12.49
CAS Y01 M . 0.95 -33.31 12.94
CBF Y01 M . 2.08 -33.91 12.08
CBD Y01 M . 3.27 -32.94 11.95
CAK Y01 M . 4.25 -33.47 10.91
CAI Y01 M . 4.47 -34.96 11.02
CAZ Y01 M . 3.75 -35.77 11.77
CAV Y01 M . 4.09 -37.24 11.87
CBH Y01 M . 2.51 -35.32 12.56
CAD Y01 M . 2.88 -35.34 14.05
CAT Y01 M . 1.36 -36.32 12.28
CAR Y01 M . 1.76 -37.79 12.41
CBC Y01 M . 2.91 -38.09 11.48
OAW Y01 M . 3.30 -39.50 11.62
CAY Y01 M . 2.78 -40.41 10.81
OAG Y01 M . 2.92 -41.59 10.97
CAM Y01 M . 2.03 -39.82 9.64
CAL Y01 M . 1.50 -40.79 8.61
CAX Y01 M . 2.58 -41.54 7.83
OAH Y01 M . 3.38 -40.88 7.15
OAF Y01 M . 2.61 -42.78 7.92
CAA Y01 N . -16.00 -4.71 -5.13
CBA Y01 N . -16.89 -5.87 -4.72
CAB Y01 N . -18.00 -5.39 -3.80
CAN Y01 N . -17.45 -6.59 -5.94
CAJ Y01 N . -18.30 -7.81 -5.64
CAO Y01 N . -18.77 -8.52 -6.88
CBB Y01 N . -19.46 -9.87 -6.64
CAC Y01 N . -20.81 -9.66 -5.96
CBE Y01 N . -19.55 -10.66 -7.96
CAP Y01 N . -18.21 -10.63 -8.75
CAQ Y01 N . -17.97 -12.05 -9.29
CBG Y01 N . -19.38 -12.63 -9.30
CBI Y01 N . -19.95 -12.17 -7.93
CAE Y01 N . -19.25 -12.88 -6.76
CAU Y01 N . -21.45 -12.50 -7.95
CAS Y01 N . -21.70 -13.98 -8.23
CBF Y01 N . -21.06 -14.47 -9.54
CBD Y01 N . -19.58 -14.11 -9.61
CAK Y01 N . -19.03 -14.42 -11.00
CAI Y01 N . -19.52 -15.73 -11.53
CAZ Y01 N . -20.49 -16.45 -10.99
CAV Y01 N . -20.86 -17.81 -11.55
CBH Y01 N . -21.32 -15.97 -9.80
CAD Y01 N . -20.95 -16.84 -8.58
CAT Y01 N . -22.82 -16.19 -10.15
CAR Y01 N . -23.14 -17.56 -10.71
CBC Y01 N . -22.32 -17.86 -11.94
OAW Y01 N . -22.58 -19.19 -12.46
CAY Y01 N . -23.75 -19.41 -13.08
OAG Y01 N . -24.82 -19.28 -12.56
CAM Y01 N . -23.55 -19.83 -14.50
CAL Y01 N . -22.81 -21.14 -14.73
CAX Y01 N . -23.58 -22.39 -14.31
OAH Y01 N . -23.04 -23.49 -14.48
OAF Y01 N . -24.71 -22.24 -13.81
CAA Y01 O . -17.03 3.84 -18.09
CBA Y01 O . -16.01 3.21 -19.03
CAB Y01 O . -16.67 2.09 -19.83
CAN Y01 O . -15.39 4.26 -19.93
CAJ Y01 O . -13.90 4.12 -20.22
CAO Y01 O . -13.53 2.82 -20.91
CBB Y01 O . -12.26 2.87 -21.76
CAC Y01 O . -11.24 1.86 -21.23
CBE Y01 O . -12.62 2.67 -23.25
CAP Y01 O . -13.55 3.80 -23.78
CAQ Y01 O . -13.25 3.95 -25.29
CBG Y01 O . -12.44 2.70 -25.60
CBI Y01 O . -11.53 2.54 -24.37
CAE Y01 O . -10.52 3.69 -24.24
CAU Y01 O . -10.82 1.19 -24.50
CAS Y01 O . -10.06 1.08 -25.82
CBF Y01 O . -10.96 1.28 -27.05
CBD Y01 O . -11.74 2.61 -26.96
CAK Y01 O . -12.76 2.68 -28.08
CAI Y01 O . -12.23 2.20 -29.39
CAZ Y01 O . -11.07 1.58 -29.55
CAV Y01 O . -10.55 1.24 -30.93
CBH Y01 O . -10.18 1.15 -28.39
CAD Y01 O . -8.92 2.03 -28.40
CAT Y01 O . -9.80 -0.34 -28.60
CAR Y01 O . -9.27 -0.64 -30.01
CBC Y01 O . -10.28 -0.24 -31.05
OAW Y01 O . -9.73 -0.47 -32.39
CAY Y01 O . -9.77 -1.71 -32.89
OAG Y01 O . -10.03 -2.68 -32.23
CAM Y01 O . -9.48 -1.74 -34.36
CAL Y01 O . -8.44 -2.73 -34.83
CAX Y01 O . -8.87 -4.19 -34.78
OAH Y01 O . -8.07 -5.06 -35.15
OAF Y01 O . -10.02 -4.45 -34.37
C13 Q7G P . -26.63 -16.86 -14.23
C15 Q7G P . -25.01 -14.97 -14.00
C16 Q7G P . -26.97 -18.21 -14.81
C17 Q7G P . -28.39 -18.22 -15.32
C01 Q7G P . -25.87 -13.03 -10.00
C03 Q7G P . -25.97 -10.94 -11.46
C04 Q7G P . -24.50 -10.98 -11.98
C06 Q7G P . -25.59 -13.01 -12.52
C07 Q7G P . -25.78 -14.52 -12.75
C08 Q7G P . -27.27 -14.83 -12.91
C10 Q7G P . -27.85 -12.75 -11.54
C18 Q7G P . -29.36 -17.85 -14.22
C19 Q7G P . -29.02 -16.46 -13.65
CG1 Q7G P . -27.80 -20.09 -16.75
C02 Q7G P . -26.36 -12.44 -11.32
C05 Q7G P . -24.18 -12.43 -12.35
C09 Q7G P . -28.07 -14.25 -11.74
C11 Q7G P . -27.57 -16.33 -13.16
C12 Q7G P . -27.39 -17.17 -11.88
C14 Q7G P . -25.56 -16.20 -14.64
C73 Q7G P . -24.48 -9.48 -10.27
C74 Q7G P . -25.90 -10.04 -10.22
C75 Q7G P . -27.01 -8.99 -10.15
C76 Q7G P . -23.86 -9.14 -8.92
C77 Q7G P . -23.76 -7.63 -8.71
C78 Q7G P . -22.94 -6.95 -9.81
C79 Q7G P . -23.28 -7.60 -11.14
C81 Q7G P . -21.45 -7.02 -9.52
O20 Q7G P . -28.75 -19.50 -15.84
O72 Q7G P . -23.72 -10.50 -10.88
O80 Q7G P . -24.51 -8.33 -11.10
#